data_1C5I
# 
_entry.id   1C5I 
# 
_audit_conform.dict_name       mmcif_pdbx.dic 
_audit_conform.dict_version    5.398 
_audit_conform.dict_location   http://mmcif.pdb.org/dictionaries/ascii/mmcif_pdbx.dic 
# 
loop_
_database_2.database_id 
_database_2.database_code 
_database_2.pdbx_database_accession 
_database_2.pdbx_DOI 
PDB   1C5I         pdb_00001c5i 10.2210/pdb1c5i/pdb 
RCSB  RCSB001362   ?            ?                   
WWPDB D_1000001362 ?            ?                   
# 
loop_
_pdbx_audit_revision_history.ordinal 
_pdbx_audit_revision_history.data_content_type 
_pdbx_audit_revision_history.major_revision 
_pdbx_audit_revision_history.minor_revision 
_pdbx_audit_revision_history.revision_date 
1 'Structure model' 1 0 2000-05-12 
2 'Structure model' 1 1 2007-10-16 
3 'Structure model' 1 2 2011-07-13 
4 'Structure model' 2 0 2020-07-29 
5 'Structure model' 2 1 2021-11-03 
6 'Structure model' 2 2 2023-12-27 
7 'Structure model' 2 3 2024-11-13 
# 
loop_
_pdbx_audit_revision_details.ordinal 
_pdbx_audit_revision_details.revision_ordinal 
_pdbx_audit_revision_details.data_content_type 
_pdbx_audit_revision_details.provider 
_pdbx_audit_revision_details.type 
_pdbx_audit_revision_details.description 
_pdbx_audit_revision_details.details 
1 1 'Structure model' repository 'Initial release' ?                          ? 
2 4 'Structure model' repository Remediation       'Carbohydrate remediation' ? 
# 
loop_
_pdbx_audit_revision_group.ordinal 
_pdbx_audit_revision_group.revision_ordinal 
_pdbx_audit_revision_group.data_content_type 
_pdbx_audit_revision_group.group 
1  2 'Structure model' 'Version format compliance' 
2  3 'Structure model' 'Version format compliance' 
3  4 'Structure model' 'Atomic model'              
4  4 'Structure model' 'Data collection'           
5  4 'Structure model' 'Derived calculations'      
6  4 'Structure model' 'Structure summary'         
7  5 'Structure model' 'Database references'       
8  5 'Structure model' 'Derived calculations'      
9  5 'Structure model' 'Structure summary'         
10 6 'Structure model' 'Data collection'           
11 7 'Structure model' 'Structure summary'         
# 
loop_
_pdbx_audit_revision_category.ordinal 
_pdbx_audit_revision_category.revision_ordinal 
_pdbx_audit_revision_category.data_content_type 
_pdbx_audit_revision_category.category 
1  4 'Structure model' atom_site                     
2  4 'Structure model' chem_comp                     
3  4 'Structure model' entity                        
4  4 'Structure model' pdbx_branch_scheme            
5  4 'Structure model' pdbx_chem_comp_identifier     
6  4 'Structure model' pdbx_entity_branch            
7  4 'Structure model' pdbx_entity_branch_descriptor 
8  4 'Structure model' pdbx_entity_branch_link       
9  4 'Structure model' pdbx_entity_branch_list       
10 4 'Structure model' pdbx_entity_nonpoly           
11 4 'Structure model' pdbx_nonpoly_scheme           
12 4 'Structure model' pdbx_struct_assembly_gen      
13 4 'Structure model' struct_asym                   
14 4 'Structure model' struct_conn                   
15 4 'Structure model' struct_site                   
16 4 'Structure model' struct_site_gen               
17 5 'Structure model' chem_comp                     
18 5 'Structure model' database_2                    
19 5 'Structure model' struct_conn                   
20 5 'Structure model' struct_ref_seq_dif            
21 6 'Structure model' chem_comp_atom                
22 6 'Structure model' chem_comp_bond                
23 7 'Structure model' pdbx_entry_details            
24 7 'Structure model' pdbx_modification_feature     
# 
loop_
_pdbx_audit_revision_item.ordinal 
_pdbx_audit_revision_item.revision_ordinal 
_pdbx_audit_revision_item.data_content_type 
_pdbx_audit_revision_item.item 
1  4 'Structure model' '_atom_site.B_iso_or_equiv'              
2  4 'Structure model' '_atom_site.Cartn_x'                     
3  4 'Structure model' '_atom_site.Cartn_y'                     
4  4 'Structure model' '_atom_site.Cartn_z'                     
5  4 'Structure model' '_atom_site.auth_asym_id'                
6  4 'Structure model' '_atom_site.auth_atom_id'                
7  4 'Structure model' '_atom_site.auth_comp_id'                
8  4 'Structure model' '_atom_site.auth_seq_id'                 
9  4 'Structure model' '_atom_site.label_asym_id'               
10 4 'Structure model' '_atom_site.label_atom_id'               
11 4 'Structure model' '_atom_site.label_comp_id'               
12 4 'Structure model' '_atom_site.label_entity_id'             
13 4 'Structure model' '_atom_site.type_symbol'                 
14 4 'Structure model' '_chem_comp.name'                        
15 4 'Structure model' '_chem_comp.type'                        
16 4 'Structure model' '_pdbx_struct_assembly_gen.asym_id_list' 
17 4 'Structure model' '_struct_conn.pdbx_leaving_atom_flag'    
18 4 'Structure model' '_struct_conn.ptnr1_auth_asym_id'        
19 4 'Structure model' '_struct_conn.ptnr1_auth_comp_id'        
20 4 'Structure model' '_struct_conn.ptnr1_auth_seq_id'         
21 4 'Structure model' '_struct_conn.ptnr1_label_asym_id'       
22 4 'Structure model' '_struct_conn.ptnr1_label_atom_id'       
23 4 'Structure model' '_struct_conn.ptnr1_label_comp_id'       
24 4 'Structure model' '_struct_conn.ptnr1_label_seq_id'        
25 4 'Structure model' '_struct_conn.ptnr2_auth_asym_id'        
26 4 'Structure model' '_struct_conn.ptnr2_auth_comp_id'        
27 4 'Structure model' '_struct_conn.ptnr2_auth_seq_id'         
28 4 'Structure model' '_struct_conn.ptnr2_label_asym_id'       
29 4 'Structure model' '_struct_conn.ptnr2_label_atom_id'       
30 4 'Structure model' '_struct_conn.ptnr2_label_comp_id'       
31 4 'Structure model' '_struct_conn.ptnr2_label_seq_id'        
32 5 'Structure model' '_chem_comp.pdbx_synonyms'               
33 5 'Structure model' '_database_2.pdbx_DOI'                   
34 5 'Structure model' '_database_2.pdbx_database_accession'    
35 5 'Structure model' '_struct_conn.pdbx_leaving_atom_flag'    
36 5 'Structure model' '_struct_ref_seq_dif.details'            
# 
_pdbx_database_status.status_code                     REL 
_pdbx_database_status.entry_id                        1C5I 
_pdbx_database_status.recvd_initial_deposition_date   1999-11-24 
_pdbx_database_status.deposit_site                    RCSB 
_pdbx_database_status.process_site                    RCSB 
_pdbx_database_status.status_code_sf                  REL 
_pdbx_database_status.SG_entry                        . 
_pdbx_database_status.pdb_format_compatible           Y 
_pdbx_database_status.status_code_mr                  ? 
_pdbx_database_status.status_code_cs                  ? 
_pdbx_database_status.status_code_nmr_data            ? 
_pdbx_database_status.methods_development_category    ? 
# 
loop_
_audit_author.name 
_audit_author.pdbx_ordinal 
'Joshi, M.D.'    1 
'Sidhu, G.'      2 
'Pot, I.'        3 
'Brayer, G.D.'   4 
'Withers, S.G.'  5 
'Mcintosh, L.P.' 6 
# 
_citation.id                        primary 
_citation.title                     
;Hydrogen bonding and catalysis: a novel explanation for how a single amino acid substitution can change the pH optimum of a glycosidase.
;
_citation.journal_abbrev            J.Mol.Biol. 
_citation.journal_volume            299 
_citation.page_first                255 
_citation.page_last                 279 
_citation.year                      2000 
_citation.journal_id_ASTM           JMOBAK 
_citation.country                   UK 
_citation.journal_id_ISSN           0022-2836 
_citation.journal_id_CSD            0070 
_citation.book_publisher            ? 
_citation.pdbx_database_id_PubMed   10860737 
_citation.pdbx_database_id_DOI      10.1006/jmbi.2000.3722 
# 
loop_
_citation_author.citation_id 
_citation_author.name 
_citation_author.ordinal 
_citation_author.identifier_ORCID 
primary 'Joshi, M.D.'    1 ? 
primary 'Sidhu, G.'      2 ? 
primary 'Pot, I.'        3 ? 
primary 'Brayer, G.D.'   4 ? 
primary 'Withers, S.G.'  5 ? 
primary 'McIntosh, L.P.' 6 ? 
# 
loop_
_entity.id 
_entity.type 
_entity.src_method 
_entity.pdbx_description 
_entity.formula_weight 
_entity.pdbx_number_of_molecules 
_entity.pdbx_ec 
_entity.pdbx_mutation 
_entity.pdbx_fragment 
_entity.details 
1 polymer  man ENDO-1,4-BETA-XYLANASE                                             20409.988 1   3.2.1.8 N35D 'CATALYTIC DOMAIN' 
'2-DEOXY-2-FLUORO-XYLOBIOSE COVALENTLY BONDED TO GLU 78 OE2' 
2 branched man 'beta-D-xylopyranose-(1-4)-1,5-anhydro-2-deoxy-2-fluoro-D-xylitol' 268.237   1   ?       ?    ?                  ? 
3 water    nat water                                                              18.015    129 ?       ?    ?                  ? 
# 
_entity_name_com.entity_id   1 
_entity_name_com.name        BCX 
# 
_entity_poly.entity_id                      1 
_entity_poly.type                           'polypeptide(L)' 
_entity_poly.nstd_linkage                   no 
_entity_poly.nstd_monomer                   no 
_entity_poly.pdbx_seq_one_letter_code       
;ASTDYWQNWTDGGGIVNAVNGSGGNYSVNWSNTGDFVVGKGWTTGSPFRTINYNAGVWAPNGNGYLTLYGWTRSPLIEYY
VVDSWGTYRPTGTYKGTVKSDGGTYDIYTTTRYNAPSIDGDRTTFTQYWSVRQSKRPTGSNATITFTNHVNAWKSHGMNL
GSNWAYQVMATEGYQSSGSSNVTVW
;
_entity_poly.pdbx_seq_one_letter_code_can   
;ASTDYWQNWTDGGGIVNAVNGSGGNYSVNWSNTGDFVVGKGWTTGSPFRTINYNAGVWAPNGNGYLTLYGWTRSPLIEYY
VVDSWGTYRPTGTYKGTVKSDGGTYDIYTTTRYNAPSIDGDRTTFTQYWSVRQSKRPTGSNATITFTNHVNAWKSHGMNL
GSNWAYQVMATEGYQSSGSSNVTVW
;
_entity_poly.pdbx_strand_id                 A 
_entity_poly.pdbx_target_identifier         ? 
# 
_pdbx_entity_nonpoly.entity_id   3 
_pdbx_entity_nonpoly.name        water 
_pdbx_entity_nonpoly.comp_id     HOH 
# 
loop_
_entity_poly_seq.entity_id 
_entity_poly_seq.num 
_entity_poly_seq.mon_id 
_entity_poly_seq.hetero 
1 1   ALA n 
1 2   SER n 
1 3   THR n 
1 4   ASP n 
1 5   TYR n 
1 6   TRP n 
1 7   GLN n 
1 8   ASN n 
1 9   TRP n 
1 10  THR n 
1 11  ASP n 
1 12  GLY n 
1 13  GLY n 
1 14  GLY n 
1 15  ILE n 
1 16  VAL n 
1 17  ASN n 
1 18  ALA n 
1 19  VAL n 
1 20  ASN n 
1 21  GLY n 
1 22  SER n 
1 23  GLY n 
1 24  GLY n 
1 25  ASN n 
1 26  TYR n 
1 27  SER n 
1 28  VAL n 
1 29  ASN n 
1 30  TRP n 
1 31  SER n 
1 32  ASN n 
1 33  THR n 
1 34  GLY n 
1 35  ASP n 
1 36  PHE n 
1 37  VAL n 
1 38  VAL n 
1 39  GLY n 
1 40  LYS n 
1 41  GLY n 
1 42  TRP n 
1 43  THR n 
1 44  THR n 
1 45  GLY n 
1 46  SER n 
1 47  PRO n 
1 48  PHE n 
1 49  ARG n 
1 50  THR n 
1 51  ILE n 
1 52  ASN n 
1 53  TYR n 
1 54  ASN n 
1 55  ALA n 
1 56  GLY n 
1 57  VAL n 
1 58  TRP n 
1 59  ALA n 
1 60  PRO n 
1 61  ASN n 
1 62  GLY n 
1 63  ASN n 
1 64  GLY n 
1 65  TYR n 
1 66  LEU n 
1 67  THR n 
1 68  LEU n 
1 69  TYR n 
1 70  GLY n 
1 71  TRP n 
1 72  THR n 
1 73  ARG n 
1 74  SER n 
1 75  PRO n 
1 76  LEU n 
1 77  ILE n 
1 78  GLU n 
1 79  TYR n 
1 80  TYR n 
1 81  VAL n 
1 82  VAL n 
1 83  ASP n 
1 84  SER n 
1 85  TRP n 
1 86  GLY n 
1 87  THR n 
1 88  TYR n 
1 89  ARG n 
1 90  PRO n 
1 91  THR n 
1 92  GLY n 
1 93  THR n 
1 94  TYR n 
1 95  LYS n 
1 96  GLY n 
1 97  THR n 
1 98  VAL n 
1 99  LYS n 
1 100 SER n 
1 101 ASP n 
1 102 GLY n 
1 103 GLY n 
1 104 THR n 
1 105 TYR n 
1 106 ASP n 
1 107 ILE n 
1 108 TYR n 
1 109 THR n 
1 110 THR n 
1 111 THR n 
1 112 ARG n 
1 113 TYR n 
1 114 ASN n 
1 115 ALA n 
1 116 PRO n 
1 117 SER n 
1 118 ILE n 
1 119 ASP n 
1 120 GLY n 
1 121 ASP n 
1 122 ARG n 
1 123 THR n 
1 124 THR n 
1 125 PHE n 
1 126 THR n 
1 127 GLN n 
1 128 TYR n 
1 129 TRP n 
1 130 SER n 
1 131 VAL n 
1 132 ARG n 
1 133 GLN n 
1 134 SER n 
1 135 LYS n 
1 136 ARG n 
1 137 PRO n 
1 138 THR n 
1 139 GLY n 
1 140 SER n 
1 141 ASN n 
1 142 ALA n 
1 143 THR n 
1 144 ILE n 
1 145 THR n 
1 146 PHE n 
1 147 THR n 
1 148 ASN n 
1 149 HIS n 
1 150 VAL n 
1 151 ASN n 
1 152 ALA n 
1 153 TRP n 
1 154 LYS n 
1 155 SER n 
1 156 HIS n 
1 157 GLY n 
1 158 MET n 
1 159 ASN n 
1 160 LEU n 
1 161 GLY n 
1 162 SER n 
1 163 ASN n 
1 164 TRP n 
1 165 ALA n 
1 166 TYR n 
1 167 GLN n 
1 168 VAL n 
1 169 MET n 
1 170 ALA n 
1 171 THR n 
1 172 GLU n 
1 173 GLY n 
1 174 TYR n 
1 175 GLN n 
1 176 SER n 
1 177 SER n 
1 178 GLY n 
1 179 SER n 
1 180 SER n 
1 181 ASN n 
1 182 VAL n 
1 183 THR n 
1 184 VAL n 
1 185 TRP n 
# 
_entity_src_gen.entity_id                          1 
_entity_src_gen.pdbx_src_id                        1 
_entity_src_gen.pdbx_alt_source_flag               sample 
_entity_src_gen.pdbx_seq_type                      ? 
_entity_src_gen.pdbx_beg_seq_num                   ? 
_entity_src_gen.pdbx_end_seq_num                   ? 
_entity_src_gen.gene_src_common_name               ? 
_entity_src_gen.gene_src_genus                     Bacillus 
_entity_src_gen.pdbx_gene_src_gene                 ? 
_entity_src_gen.gene_src_species                   ? 
_entity_src_gen.gene_src_strain                    ? 
_entity_src_gen.gene_src_tissue                    ? 
_entity_src_gen.gene_src_tissue_fraction           ? 
_entity_src_gen.gene_src_details                   ? 
_entity_src_gen.pdbx_gene_src_fragment             ? 
_entity_src_gen.pdbx_gene_src_scientific_name      'Bacillus circulans' 
_entity_src_gen.pdbx_gene_src_ncbi_taxonomy_id     1397 
_entity_src_gen.pdbx_gene_src_variant              ? 
_entity_src_gen.pdbx_gene_src_cell_line            ? 
_entity_src_gen.pdbx_gene_src_atcc                 ? 
_entity_src_gen.pdbx_gene_src_organ                ? 
_entity_src_gen.pdbx_gene_src_organelle            ? 
_entity_src_gen.pdbx_gene_src_cell                 ? 
_entity_src_gen.pdbx_gene_src_cellular_location    ? 
_entity_src_gen.host_org_common_name               ? 
_entity_src_gen.pdbx_host_org_scientific_name      'Escherichia coli BL21' 
_entity_src_gen.pdbx_host_org_ncbi_taxonomy_id     511693 
_entity_src_gen.host_org_genus                     Escherichia 
_entity_src_gen.pdbx_host_org_gene                 ? 
_entity_src_gen.pdbx_host_org_organ                ? 
_entity_src_gen.host_org_species                   'Escherichia coli' 
_entity_src_gen.pdbx_host_org_tissue               ? 
_entity_src_gen.pdbx_host_org_tissue_fraction      ? 
_entity_src_gen.pdbx_host_org_strain               BL21 
_entity_src_gen.pdbx_host_org_variant              ? 
_entity_src_gen.pdbx_host_org_cell_line            ? 
_entity_src_gen.pdbx_host_org_atcc                 ? 
_entity_src_gen.pdbx_host_org_culture_collection   ? 
_entity_src_gen.pdbx_host_org_cell                 ? 
_entity_src_gen.pdbx_host_org_organelle            ? 
_entity_src_gen.pdbx_host_org_cellular_location    ? 
_entity_src_gen.pdbx_host_org_vector_type          PLASMID 
_entity_src_gen.pdbx_host_org_vector               ? 
_entity_src_gen.host_org_details                   ? 
_entity_src_gen.expression_system_id               ? 
_entity_src_gen.plasmid_name                       PCW 
_entity_src_gen.plasmid_details                    ? 
_entity_src_gen.pdbx_description                   ? 
# 
_pdbx_entity_branch.entity_id   2 
_pdbx_entity_branch.type        oligosaccharide 
# 
loop_
_pdbx_entity_branch_descriptor.ordinal 
_pdbx_entity_branch_descriptor.entity_id 
_pdbx_entity_branch_descriptor.descriptor 
_pdbx_entity_branch_descriptor.type 
_pdbx_entity_branch_descriptor.program 
_pdbx_entity_branch_descriptor.program_version 
1 2 'WURCS=2.0/2,2,1/[h212h_1-5_2*F][a212h-1b_1-5]/1-2/a4-b1' WURCS  PDB2Glycan 1.1.0 
2 2 '[][&lt;C5O2F1&gt;]{[(1+1)][b-D-Xylp]{}}'                 LINUCS PDB-CARE   ?     
# 
_pdbx_entity_branch_link.link_id                    1 
_pdbx_entity_branch_link.entity_id                  2 
_pdbx_entity_branch_link.entity_branch_list_num_1   2 
_pdbx_entity_branch_link.comp_id_1                  XYP 
_pdbx_entity_branch_link.atom_id_1                  C1 
_pdbx_entity_branch_link.leaving_atom_id_1          O1 
_pdbx_entity_branch_link.entity_branch_list_num_2   1 
_pdbx_entity_branch_link.comp_id_2                  DFX 
_pdbx_entity_branch_link.atom_id_2                  O4 
_pdbx_entity_branch_link.leaving_atom_id_2          HO4 
_pdbx_entity_branch_link.value_order                sing 
_pdbx_entity_branch_link.details                    ? 
# 
loop_
_chem_comp.id 
_chem_comp.type 
_chem_comp.mon_nstd_flag 
_chem_comp.name 
_chem_comp.pdbx_synonyms 
_chem_comp.formula 
_chem_comp.formula_weight 
ALA 'L-peptide linking'          y ALANINE                                ?                                 'C3 H7 N O2'     
89.093  
ARG 'L-peptide linking'          y ARGININE                               ?                                 'C6 H15 N4 O2 1' 
175.209 
ASN 'L-peptide linking'          y ASPARAGINE                             ?                                 'C4 H8 N2 O3'    
132.118 
ASP 'L-peptide linking'          y 'ASPARTIC ACID'                        ?                                 'C4 H7 N O4'     
133.103 
DFX D-saccharide                 . 1,5-anhydro-2-deoxy-2-fluoro-D-xylitol 1,2-DEOXY-2-FLUORO-XYLOPYRANOSE   'C5 H9 F O3'     
136.122 
GLN 'L-peptide linking'          y GLUTAMINE                              ?                                 'C5 H10 N2 O3'   
146.144 
GLU 'L-peptide linking'          y 'GLUTAMIC ACID'                        ?                                 'C5 H9 N O4'     
147.129 
GLY 'peptide linking'            y GLYCINE                                ?                                 'C2 H5 N O2'     
75.067  
HIS 'L-peptide linking'          y HISTIDINE                              ?                                 'C6 H10 N3 O2 1' 
156.162 
HOH non-polymer                  . WATER                                  ?                                 'H2 O'           
18.015  
ILE 'L-peptide linking'          y ISOLEUCINE                             ?                                 'C6 H13 N O2'    
131.173 
LEU 'L-peptide linking'          y LEUCINE                                ?                                 'C6 H13 N O2'    
131.173 
LYS 'L-peptide linking'          y LYSINE                                 ?                                 'C6 H15 N2 O2 1' 
147.195 
MET 'L-peptide linking'          y METHIONINE                             ?                                 'C5 H11 N O2 S'  
149.211 
PHE 'L-peptide linking'          y PHENYLALANINE                          ?                                 'C9 H11 N O2'    
165.189 
PRO 'L-peptide linking'          y PROLINE                                ?                                 'C5 H9 N O2'     
115.130 
SER 'L-peptide linking'          y SERINE                                 ?                                 'C3 H7 N O3'     
105.093 
THR 'L-peptide linking'          y THREONINE                              ?                                 'C4 H9 N O3'     
119.119 
TRP 'L-peptide linking'          y TRYPTOPHAN                             ?                                 'C11 H12 N2 O2'  
204.225 
TYR 'L-peptide linking'          y TYROSINE                               ?                                 'C9 H11 N O3'    
181.189 
VAL 'L-peptide linking'          y VALINE                                 ?                                 'C5 H11 N O2'    
117.146 
XYP 'D-saccharide, beta linking' . beta-D-xylopyranose                    'beta-D-xylose; D-xylose; xylose' 'C5 H10 O5'      
150.130 
# 
loop_
_pdbx_chem_comp_identifier.comp_id 
_pdbx_chem_comp_identifier.type 
_pdbx_chem_comp_identifier.program 
_pdbx_chem_comp_identifier.program_version 
_pdbx_chem_comp_identifier.identifier 
DFX 'IUPAC CARBOHYDRATE SYMBOL'           PDB-CARE 1.0 D-1-deoxy-Xylp2fluoro 
XYP 'CONDENSED IUPAC CARBOHYDRATE SYMBOL' GMML     1.0 DXylpb                
XYP 'COMMON NAME'                         GMML     1.0 b-D-xylopyranose      
XYP 'IUPAC CARBOHYDRATE SYMBOL'           PDB-CARE 1.0 b-D-Xylp              
XYP 'SNFG CARBOHYDRATE SYMBOL'            GMML     1.0 Xyl                   
# 
loop_
_pdbx_poly_seq_scheme.asym_id 
_pdbx_poly_seq_scheme.entity_id 
_pdbx_poly_seq_scheme.seq_id 
_pdbx_poly_seq_scheme.mon_id 
_pdbx_poly_seq_scheme.ndb_seq_num 
_pdbx_poly_seq_scheme.pdb_seq_num 
_pdbx_poly_seq_scheme.auth_seq_num 
_pdbx_poly_seq_scheme.pdb_mon_id 
_pdbx_poly_seq_scheme.auth_mon_id 
_pdbx_poly_seq_scheme.pdb_strand_id 
_pdbx_poly_seq_scheme.pdb_ins_code 
_pdbx_poly_seq_scheme.hetero 
A 1 1   ALA 1   1   1   ALA ALA A . n 
A 1 2   SER 2   2   2   SER SER A . n 
A 1 3   THR 3   3   3   THR THR A . n 
A 1 4   ASP 4   4   4   ASP ASP A . n 
A 1 5   TYR 5   5   5   TYR TYR A . n 
A 1 6   TRP 6   6   6   TRP TRP A . n 
A 1 7   GLN 7   7   7   GLN GLN A . n 
A 1 8   ASN 8   8   8   ASN ASN A . n 
A 1 9   TRP 9   9   9   TRP TRP A . n 
A 1 10  THR 10  10  10  THR THR A . n 
A 1 11  ASP 11  11  11  ASP ASP A . n 
A 1 12  GLY 12  12  12  GLY GLY A . n 
A 1 13  GLY 13  13  13  GLY GLY A . n 
A 1 14  GLY 14  14  14  GLY GLY A . n 
A 1 15  ILE 15  15  15  ILE ILE A . n 
A 1 16  VAL 16  16  16  VAL VAL A . n 
A 1 17  ASN 17  17  17  ASN ASN A . n 
A 1 18  ALA 18  18  18  ALA ALA A . n 
A 1 19  VAL 19  19  19  VAL VAL A . n 
A 1 20  ASN 20  20  20  ASN ASN A . n 
A 1 21  GLY 21  21  21  GLY GLY A . n 
A 1 22  SER 22  22  22  SER SER A . n 
A 1 23  GLY 23  23  23  GLY GLY A . n 
A 1 24  GLY 24  24  24  GLY GLY A . n 
A 1 25  ASN 25  25  25  ASN ASN A . n 
A 1 26  TYR 26  26  26  TYR TYR A . n 
A 1 27  SER 27  27  27  SER SER A . n 
A 1 28  VAL 28  28  28  VAL VAL A . n 
A 1 29  ASN 29  29  29  ASN ASN A . n 
A 1 30  TRP 30  30  30  TRP TRP A . n 
A 1 31  SER 31  31  31  SER SER A . n 
A 1 32  ASN 32  32  32  ASN ASN A . n 
A 1 33  THR 33  33  33  THR THR A . n 
A 1 34  GLY 34  34  34  GLY GLY A . n 
A 1 35  ASP 35  35  35  ASP ASP A . n 
A 1 36  PHE 36  36  36  PHE PHE A . n 
A 1 37  VAL 37  37  37  VAL VAL A . n 
A 1 38  VAL 38  38  38  VAL VAL A . n 
A 1 39  GLY 39  39  39  GLY GLY A . n 
A 1 40  LYS 40  40  40  LYS LYS A . n 
A 1 41  GLY 41  41  41  GLY GLY A . n 
A 1 42  TRP 42  42  42  TRP TRP A . n 
A 1 43  THR 43  43  43  THR THR A . n 
A 1 44  THR 44  44  44  THR THR A . n 
A 1 45  GLY 45  45  45  GLY GLY A . n 
A 1 46  SER 46  46  46  SER SER A . n 
A 1 47  PRO 47  47  47  PRO PRO A . n 
A 1 48  PHE 48  48  48  PHE PHE A . n 
A 1 49  ARG 49  49  49  ARG ARG A . n 
A 1 50  THR 50  50  50  THR THR A . n 
A 1 51  ILE 51  51  51  ILE ILE A . n 
A 1 52  ASN 52  52  52  ASN ASN A . n 
A 1 53  TYR 53  53  53  TYR TYR A . n 
A 1 54  ASN 54  54  54  ASN ASN A . n 
A 1 55  ALA 55  55  55  ALA ALA A . n 
A 1 56  GLY 56  56  56  GLY GLY A . n 
A 1 57  VAL 57  57  57  VAL VAL A . n 
A 1 58  TRP 58  58  58  TRP TRP A . n 
A 1 59  ALA 59  59  59  ALA ALA A . n 
A 1 60  PRO 60  60  60  PRO PRO A . n 
A 1 61  ASN 61  61  61  ASN ASN A . n 
A 1 62  GLY 62  62  62  GLY GLY A . n 
A 1 63  ASN 63  63  63  ASN ASN A . n 
A 1 64  GLY 64  64  64  GLY GLY A . n 
A 1 65  TYR 65  65  65  TYR TYR A . n 
A 1 66  LEU 66  66  66  LEU LEU A . n 
A 1 67  THR 67  67  67  THR THR A . n 
A 1 68  LEU 68  68  68  LEU LEU A . n 
A 1 69  TYR 69  69  69  TYR TYR A . n 
A 1 70  GLY 70  70  70  GLY GLY A . n 
A 1 71  TRP 71  71  71  TRP TRP A . n 
A 1 72  THR 72  72  72  THR THR A . n 
A 1 73  ARG 73  73  73  ARG ARG A . n 
A 1 74  SER 74  74  74  SER SER A . n 
A 1 75  PRO 75  75  75  PRO PRO A . n 
A 1 76  LEU 76  76  76  LEU LEU A . n 
A 1 77  ILE 77  77  77  ILE ILE A . n 
A 1 78  GLU 78  78  78  GLU GLU A . n 
A 1 79  TYR 79  79  79  TYR TYR A . n 
A 1 80  TYR 80  80  80  TYR TYR A . n 
A 1 81  VAL 81  81  81  VAL VAL A . n 
A 1 82  VAL 82  82  82  VAL VAL A . n 
A 1 83  ASP 83  83  83  ASP ASP A . n 
A 1 84  SER 84  84  84  SER SER A . n 
A 1 85  TRP 85  85  85  TRP TRP A . n 
A 1 86  GLY 86  86  86  GLY GLY A . n 
A 1 87  THR 87  87  87  THR THR A . n 
A 1 88  TYR 88  88  88  TYR TYR A . n 
A 1 89  ARG 89  89  89  ARG ARG A . n 
A 1 90  PRO 90  90  90  PRO PRO A . n 
A 1 91  THR 91  91  91  THR THR A . n 
A 1 92  GLY 92  92  92  GLY GLY A . n 
A 1 93  THR 93  93  93  THR THR A . n 
A 1 94  TYR 94  94  94  TYR TYR A . n 
A 1 95  LYS 95  95  95  LYS LYS A . n 
A 1 96  GLY 96  96  96  GLY GLY A . n 
A 1 97  THR 97  97  97  THR THR A . n 
A 1 98  VAL 98  98  98  VAL VAL A . n 
A 1 99  LYS 99  99  99  LYS LYS A . n 
A 1 100 SER 100 100 100 SER SER A . n 
A 1 101 ASP 101 101 101 ASP ASP A . n 
A 1 102 GLY 102 102 102 GLY GLY A . n 
A 1 103 GLY 103 103 103 GLY GLY A . n 
A 1 104 THR 104 104 104 THR THR A . n 
A 1 105 TYR 105 105 105 TYR TYR A . n 
A 1 106 ASP 106 106 106 ASP ASP A . n 
A 1 107 ILE 107 107 107 ILE ILE A . n 
A 1 108 TYR 108 108 108 TYR TYR A . n 
A 1 109 THR 109 109 109 THR THR A . n 
A 1 110 THR 110 110 110 THR THR A . n 
A 1 111 THR 111 111 111 THR THR A . n 
A 1 112 ARG 112 112 112 ARG ARG A . n 
A 1 113 TYR 113 113 113 TYR TYR A . n 
A 1 114 ASN 114 114 114 ASN ASN A . n 
A 1 115 ALA 115 115 115 ALA ALA A . n 
A 1 116 PRO 116 116 116 PRO PRO A . n 
A 1 117 SER 117 117 117 SER SER A . n 
A 1 118 ILE 118 118 118 ILE ILE A . n 
A 1 119 ASP 119 119 119 ASP ASP A . n 
A 1 120 GLY 120 120 120 GLY GLY A . n 
A 1 121 ASP 121 121 121 ASP ASP A . n 
A 1 122 ARG 122 122 122 ARG ARG A . n 
A 1 123 THR 123 123 123 THR THR A . n 
A 1 124 THR 124 124 124 THR THR A . n 
A 1 125 PHE 125 125 125 PHE PHE A . n 
A 1 126 THR 126 126 126 THR THR A . n 
A 1 127 GLN 127 127 127 GLN GLN A . n 
A 1 128 TYR 128 128 128 TYR TYR A . n 
A 1 129 TRP 129 129 129 TRP TRP A . n 
A 1 130 SER 130 130 130 SER SER A . n 
A 1 131 VAL 131 131 131 VAL VAL A . n 
A 1 132 ARG 132 132 132 ARG ARG A . n 
A 1 133 GLN 133 133 133 GLN GLN A . n 
A 1 134 SER 134 134 134 SER SER A . n 
A 1 135 LYS 135 135 135 LYS LYS A . n 
A 1 136 ARG 136 136 136 ARG ARG A . n 
A 1 137 PRO 137 137 137 PRO PRO A . n 
A 1 138 THR 138 138 138 THR THR A . n 
A 1 139 GLY 139 139 139 GLY GLY A . n 
A 1 140 SER 140 140 140 SER SER A . n 
A 1 141 ASN 141 141 141 ASN ASN A . n 
A 1 142 ALA 142 142 142 ALA ALA A . n 
A 1 143 THR 143 143 143 THR THR A . n 
A 1 144 ILE 144 144 144 ILE ILE A . n 
A 1 145 THR 145 145 145 THR THR A . n 
A 1 146 PHE 146 146 146 PHE PHE A . n 
A 1 147 THR 147 147 147 THR THR A . n 
A 1 148 ASN 148 148 148 ASN ASN A . n 
A 1 149 HIS 149 149 149 HIS HIS A . n 
A 1 150 VAL 150 150 150 VAL VAL A . n 
A 1 151 ASN 151 151 151 ASN ASN A . n 
A 1 152 ALA 152 152 152 ALA ALA A . n 
A 1 153 TRP 153 153 153 TRP TRP A . n 
A 1 154 LYS 154 154 154 LYS LYS A . n 
A 1 155 SER 155 155 155 SER SER A . n 
A 1 156 HIS 156 156 156 HIS HIS A . n 
A 1 157 GLY 157 157 157 GLY GLY A . n 
A 1 158 MET 158 158 158 MET MET A . n 
A 1 159 ASN 159 159 159 ASN ASN A . n 
A 1 160 LEU 160 160 160 LEU LEU A . n 
A 1 161 GLY 161 161 161 GLY GLY A . n 
A 1 162 SER 162 162 162 SER SER A . n 
A 1 163 ASN 163 163 163 ASN ASN A . n 
A 1 164 TRP 164 164 164 TRP TRP A . n 
A 1 165 ALA 165 165 165 ALA ALA A . n 
A 1 166 TYR 166 166 166 TYR TYR A . n 
A 1 167 GLN 167 167 167 GLN GLN A . n 
A 1 168 VAL 168 168 168 VAL VAL A . n 
A 1 169 MET 169 169 169 MET MET A . n 
A 1 170 ALA 170 170 170 ALA ALA A . n 
A 1 171 THR 171 171 171 THR THR A . n 
A 1 172 GLU 172 172 172 GLU GLU A . n 
A 1 173 GLY 173 173 173 GLY GLY A . n 
A 1 174 TYR 174 174 174 TYR TYR A . n 
A 1 175 GLN 175 175 175 GLN GLN A . n 
A 1 176 SER 176 176 176 SER SER A . n 
A 1 177 SER 177 177 177 SER SER A . n 
A 1 178 GLY 178 178 178 GLY GLY A . n 
A 1 179 SER 179 179 179 SER SER A . n 
A 1 180 SER 180 180 180 SER SER A . n 
A 1 181 ASN 181 181 181 ASN ASN A . n 
A 1 182 VAL 182 182 182 VAL VAL A . n 
A 1 183 THR 183 183 183 THR THR A . n 
A 1 184 VAL 184 184 184 VAL VAL A . n 
A 1 185 TRP 185 185 185 TRP TRP A . n 
# 
loop_
_pdbx_branch_scheme.asym_id 
_pdbx_branch_scheme.entity_id 
_pdbx_branch_scheme.mon_id 
_pdbx_branch_scheme.num 
_pdbx_branch_scheme.pdb_asym_id 
_pdbx_branch_scheme.pdb_mon_id 
_pdbx_branch_scheme.pdb_seq_num 
_pdbx_branch_scheme.auth_asym_id 
_pdbx_branch_scheme.auth_mon_id 
_pdbx_branch_scheme.auth_seq_num 
_pdbx_branch_scheme.hetero 
B 2 DFX 1 B DFX 1 ? DFX 501 n 
B 2 XYP 2 B XYP 2 ? DFX 501 n 
# 
loop_
_pdbx_nonpoly_scheme.asym_id 
_pdbx_nonpoly_scheme.entity_id 
_pdbx_nonpoly_scheme.mon_id 
_pdbx_nonpoly_scheme.ndb_seq_num 
_pdbx_nonpoly_scheme.pdb_seq_num 
_pdbx_nonpoly_scheme.auth_seq_num 
_pdbx_nonpoly_scheme.pdb_mon_id 
_pdbx_nonpoly_scheme.auth_mon_id 
_pdbx_nonpoly_scheme.pdb_strand_id 
_pdbx_nonpoly_scheme.pdb_ins_code 
C 3 HOH 1   503 1   HOH HOH A . 
C 3 HOH 2   504 2   HOH HOH A . 
C 3 HOH 3   505 3   HOH HOH A . 
C 3 HOH 4   506 4   HOH HOH A . 
C 3 HOH 5   507 5   HOH HOH A . 
C 3 HOH 6   508 7   HOH HOH A . 
C 3 HOH 7   509 8   HOH HOH A . 
C 3 HOH 8   510 9   HOH HOH A . 
C 3 HOH 9   511 10  HOH HOH A . 
C 3 HOH 10  512 11  HOH HOH A . 
C 3 HOH 11  513 12  HOH HOH A . 
C 3 HOH 12  514 13  HOH HOH A . 
C 3 HOH 13  515 14  HOH HOH A . 
C 3 HOH 14  516 15  HOH HOH A . 
C 3 HOH 15  517 16  HOH HOH A . 
C 3 HOH 16  518 17  HOH HOH A . 
C 3 HOH 17  519 18  HOH HOH A . 
C 3 HOH 18  520 19  HOH HOH A . 
C 3 HOH 19  521 20  HOH HOH A . 
C 3 HOH 20  522 21  HOH HOH A . 
C 3 HOH 21  523 22  HOH HOH A . 
C 3 HOH 22  524 24  HOH HOH A . 
C 3 HOH 23  525 25  HOH HOH A . 
C 3 HOH 24  526 26  HOH HOH A . 
C 3 HOH 25  527 27  HOH HOH A . 
C 3 HOH 26  528 28  HOH HOH A . 
C 3 HOH 27  529 29  HOH HOH A . 
C 3 HOH 28  530 30  HOH HOH A . 
C 3 HOH 29  531 31  HOH HOH A . 
C 3 HOH 30  532 32  HOH HOH A . 
C 3 HOH 31  533 33  HOH HOH A . 
C 3 HOH 32  534 34  HOH HOH A . 
C 3 HOH 33  535 35  HOH HOH A . 
C 3 HOH 34  536 36  HOH HOH A . 
C 3 HOH 35  537 37  HOH HOH A . 
C 3 HOH 36  538 38  HOH HOH A . 
C 3 HOH 37  539 39  HOH HOH A . 
C 3 HOH 38  540 40  HOH HOH A . 
C 3 HOH 39  541 41  HOH HOH A . 
C 3 HOH 40  542 42  HOH HOH A . 
C 3 HOH 41  543 43  HOH HOH A . 
C 3 HOH 42  544 44  HOH HOH A . 
C 3 HOH 43  545 45  HOH HOH A . 
C 3 HOH 44  546 46  HOH HOH A . 
C 3 HOH 45  547 47  HOH HOH A . 
C 3 HOH 46  548 48  HOH HOH A . 
C 3 HOH 47  549 49  HOH HOH A . 
C 3 HOH 48  550 50  HOH HOH A . 
C 3 HOH 49  551 52  HOH HOH A . 
C 3 HOH 50  552 53  HOH HOH A . 
C 3 HOH 51  553 54  HOH HOH A . 
C 3 HOH 52  554 55  HOH HOH A . 
C 3 HOH 53  555 56  HOH HOH A . 
C 3 HOH 54  556 58  HOH HOH A . 
C 3 HOH 55  557 59  HOH HOH A . 
C 3 HOH 56  558 60  HOH HOH A . 
C 3 HOH 57  559 61  HOH HOH A . 
C 3 HOH 58  560 62  HOH HOH A . 
C 3 HOH 59  561 63  HOH HOH A . 
C 3 HOH 60  562 64  HOH HOH A . 
C 3 HOH 61  563 66  HOH HOH A . 
C 3 HOH 62  564 67  HOH HOH A . 
C 3 HOH 63  565 68  HOH HOH A . 
C 3 HOH 64  566 69  HOH HOH A . 
C 3 HOH 65  567 70  HOH HOH A . 
C 3 HOH 66  568 72  HOH HOH A . 
C 3 HOH 67  569 73  HOH HOH A . 
C 3 HOH 68  570 75  HOH HOH A . 
C 3 HOH 69  571 76  HOH HOH A . 
C 3 HOH 70  572 77  HOH HOH A . 
C 3 HOH 71  573 78  HOH HOH A . 
C 3 HOH 72  574 79  HOH HOH A . 
C 3 HOH 73  575 80  HOH HOH A . 
C 3 HOH 74  576 81  HOH HOH A . 
C 3 HOH 75  577 82  HOH HOH A . 
C 3 HOH 76  578 83  HOH HOH A . 
C 3 HOH 77  579 85  HOH HOH A . 
C 3 HOH 78  580 86  HOH HOH A . 
C 3 HOH 79  581 87  HOH HOH A . 
C 3 HOH 80  582 89  HOH HOH A . 
C 3 HOH 81  583 90  HOH HOH A . 
C 3 HOH 82  584 91  HOH HOH A . 
C 3 HOH 83  585 92  HOH HOH A . 
C 3 HOH 84  586 93  HOH HOH A . 
C 3 HOH 85  587 94  HOH HOH A . 
C 3 HOH 86  588 100 HOH HOH A . 
C 3 HOH 87  589 101 HOH HOH A . 
C 3 HOH 88  590 103 HOH HOH A . 
C 3 HOH 89  591 104 HOH HOH A . 
C 3 HOH 90  592 105 HOH HOH A . 
C 3 HOH 91  593 107 HOH HOH A . 
C 3 HOH 92  594 108 HOH HOH A . 
C 3 HOH 93  595 109 HOH HOH A . 
C 3 HOH 94  596 110 HOH HOH A . 
C 3 HOH 95  597 111 HOH HOH A . 
C 3 HOH 96  598 112 HOH HOH A . 
C 3 HOH 97  599 113 HOH HOH A . 
C 3 HOH 98  600 117 HOH HOH A . 
C 3 HOH 99  601 118 HOH HOH A . 
C 3 HOH 100 602 119 HOH HOH A . 
C 3 HOH 101 603 120 HOH HOH A . 
C 3 HOH 102 604 122 HOH HOH A . 
C 3 HOH 103 605 123 HOH HOH A . 
C 3 HOH 104 606 125 HOH HOH A . 
C 3 HOH 105 607 127 HOH HOH A . 
C 3 HOH 106 608 128 HOH HOH A . 
C 3 HOH 107 609 129 HOH HOH A . 
C 3 HOH 108 610 131 HOH HOH A . 
C 3 HOH 109 611 132 HOH HOH A . 
C 3 HOH 110 612 134 HOH HOH A . 
C 3 HOH 111 613 137 HOH HOH A . 
C 3 HOH 112 614 139 HOH HOH A . 
C 3 HOH 113 615 141 HOH HOH A . 
C 3 HOH 114 616 142 HOH HOH A . 
C 3 HOH 115 617 143 HOH HOH A . 
C 3 HOH 116 618 144 HOH HOH A . 
C 3 HOH 117 619 145 HOH HOH A . 
C 3 HOH 118 620 146 HOH HOH A . 
C 3 HOH 119 621 151 HOH HOH A . 
C 3 HOH 120 622 153 HOH HOH A . 
C 3 HOH 121 623 154 HOH HOH A . 
C 3 HOH 122 624 155 HOH HOH A . 
C 3 HOH 123 625 156 HOH HOH A . 
C 3 HOH 124 626 157 HOH HOH A . 
C 3 HOH 125 627 159 HOH HOH A . 
C 3 HOH 126 628 161 HOH HOH A . 
C 3 HOH 127 629 170 HOH HOH A . 
C 3 HOH 128 630 171 HOH HOH A . 
C 3 HOH 129 631 176 HOH HOH A . 
# 
loop_
_software.name 
_software.classification 
_software.version 
_software.citation_id 
_software.pdbx_ordinal 
X-PLOR    'model building' .     ? 1 
X-PLOR    refinement       3.851 ? 2 
DENZO     'data reduction' .     ? 3 
SCALEPACK 'data scaling'   .     ? 4 
X-PLOR    phasing          .     ? 5 
# 
_cell.entry_id           1C5I 
_cell.length_a           43.830 
_cell.length_b           52.740 
_cell.length_c           78.800 
_cell.angle_alpha        90.00 
_cell.angle_beta         90.00 
_cell.angle_gamma        90.00 
_cell.Z_PDB              4 
_cell.pdbx_unique_axis   ? 
# 
_symmetry.entry_id                         1C5I 
_symmetry.space_group_name_H-M             'P 21 21 21' 
_symmetry.pdbx_full_space_group_name_H-M   ? 
_symmetry.cell_setting                     ? 
_symmetry.Int_Tables_number                19 
# 
_exptl.entry_id          1C5I 
_exptl.method            'X-RAY DIFFRACTION' 
_exptl.crystals_number   1 
# 
_exptl_crystal.id                    1 
_exptl_crystal.density_meas          ? 
_exptl_crystal.density_Matthews      2.23 
_exptl_crystal.density_percent_sol   44.86 
_exptl_crystal.description           ? 
# 
_exptl_crystal_grow.crystal_id      1 
_exptl_crystal_grow.method          ? 
_exptl_crystal_grow.temp            ? 
_exptl_crystal_grow.temp_details    ? 
_exptl_crystal_grow.pH              7.5 
_exptl_crystal_grow.pdbx_details    'pH 7.5' 
_exptl_crystal_grow.pdbx_pH_range   . 
# 
_diffrn.id                     1 
_diffrn.ambient_temp           298 
_diffrn.ambient_temp_details   ? 
_diffrn.crystal_id             1 
# 
_diffrn_detector.diffrn_id              1 
_diffrn_detector.detector               'IMAGE PLATE' 
_diffrn_detector.type                   'RIGAKU RAXIS IIC' 
_diffrn_detector.pdbx_collection_date   ? 
_diffrn_detector.details                ? 
# 
_diffrn_radiation.diffrn_id                        1 
_diffrn_radiation.wavelength_id                    1 
_diffrn_radiation.pdbx_monochromatic_or_laue_m_l   M 
_diffrn_radiation.monochromator                    GRAPHITE 
_diffrn_radiation.pdbx_diffrn_protocol             'SINGLE WAVELENGTH' 
_diffrn_radiation.pdbx_scattering_type             x-ray 
# 
_diffrn_radiation_wavelength.id           1 
_diffrn_radiation_wavelength.wavelength   1.5418 
_diffrn_radiation_wavelength.wt           1.0 
# 
_diffrn_source.diffrn_id                   1 
_diffrn_source.source                      'ROTATING ANODE' 
_diffrn_source.type                        'RIGAKU RU300' 
_diffrn_source.pdbx_synchrotron_site       ? 
_diffrn_source.pdbx_synchrotron_beamline   ? 
_diffrn_source.pdbx_wavelength             1.5418 
_diffrn_source.pdbx_wavelength_list        ? 
# 
_reflns.entry_id                     1C5I 
_reflns.observed_criterion_sigma_I   0 
_reflns.observed_criterion_sigma_F   ? 
_reflns.d_resolution_low             50 
_reflns.d_resolution_high            1.8 
_reflns.number_obs                   17579 
_reflns.number_all                   ? 
_reflns.percent_possible_obs         99.9 
_reflns.pdbx_Rmerge_I_obs            0.073 
_reflns.pdbx_Rsym_value              ? 
_reflns.pdbx_netI_over_sigmaI        25.8 
_reflns.B_iso_Wilson_estimate        ? 
_reflns.pdbx_redundancy              5.6 
_reflns.R_free_details               ? 
_reflns.limit_h_max                  ? 
_reflns.limit_h_min                  ? 
_reflns.limit_k_max                  ? 
_reflns.limit_k_min                  ? 
_reflns.limit_l_max                  ? 
_reflns.limit_l_min                  ? 
_reflns.observed_criterion_F_max     ? 
_reflns.observed_criterion_F_min     ? 
_reflns.pdbx_diffrn_id               1 
_reflns.pdbx_ordinal                 1 
# 
_refine.entry_id                                 1C5I 
_refine.ls_number_reflns_obs                     16559 
_refine.ls_number_reflns_all                     ? 
_refine.pdbx_ls_sigma_I                          ? 
_refine.pdbx_ls_sigma_F                          0.0 
_refine.pdbx_data_cutoff_high_absF               ? 
_refine.pdbx_data_cutoff_low_absF                ? 
_refine.pdbx_data_cutoff_high_rms_absF           ? 
_refine.ls_d_res_low                             10 
_refine.ls_d_res_high                            1.8 
_refine.ls_percent_reflns_obs                    94 
_refine.ls_R_factor_obs                          0.193 
_refine.ls_R_factor_all                          ? 
_refine.ls_R_factor_R_work                       0.193 
_refine.ls_R_factor_R_free                       ? 
_refine.ls_R_factor_R_free_error                 ? 
_refine.ls_R_factor_R_free_error_details         ? 
_refine.ls_percent_reflns_R_free                 ? 
_refine.ls_number_reflns_R_free                  ? 
_refine.ls_number_parameters                     ? 
_refine.ls_number_restraints                     ? 
_refine.occupancy_min                            ? 
_refine.occupancy_max                            ? 
_refine.B_iso_mean                               ? 
_refine.aniso_B[1][1]                            ? 
_refine.aniso_B[2][2]                            ? 
_refine.aniso_B[3][3]                            ? 
_refine.aniso_B[1][2]                            ? 
_refine.aniso_B[1][3]                            ? 
_refine.aniso_B[2][3]                            ? 
_refine.solvent_model_details                    ? 
_refine.solvent_model_param_ksol                 ? 
_refine.solvent_model_param_bsol                 ? 
_refine.pdbx_ls_cross_valid_method               ? 
_refine.details                                  ? 
_refine.pdbx_starting_model                      ? 
_refine.pdbx_method_to_determine_struct          OTHER 
_refine.pdbx_isotropic_thermal_model             ? 
_refine.pdbx_stereochemistry_target_values       ? 
_refine.pdbx_stereochem_target_val_spec_case     ? 
_refine.pdbx_R_Free_selection_details            ? 
_refine.pdbx_overall_ESU_R                       ? 
_refine.pdbx_overall_ESU_R_Free                  ? 
_refine.overall_SU_ML                            ? 
_refine.overall_SU_B                             ? 
_refine.ls_redundancy_reflns_obs                 ? 
_refine.B_iso_min                                ? 
_refine.B_iso_max                                ? 
_refine.pdbx_refine_id                           'X-RAY DIFFRACTION' 
_refine.pdbx_diffrn_id                           1 
_refine.pdbx_TLS_residual_ADP_flag               ? 
_refine.correlation_coeff_Fo_to_Fc               ? 
_refine.correlation_coeff_Fo_to_Fc_free          ? 
_refine.pdbx_solvent_vdw_probe_radii             ? 
_refine.pdbx_solvent_ion_probe_radii             ? 
_refine.pdbx_solvent_shrinkage_radii             ? 
_refine.pdbx_overall_phase_error                 ? 
_refine.overall_SU_R_Cruickshank_DPI             ? 
_refine.pdbx_overall_SU_R_free_Cruickshank_DPI   ? 
_refine.pdbx_overall_SU_R_Blow_DPI               ? 
_refine.pdbx_overall_SU_R_free_Blow_DPI          ? 
# 
_refine_hist.pdbx_refine_id                   'X-RAY DIFFRACTION' 
_refine_hist.cycle_id                         LAST 
_refine_hist.pdbx_number_atoms_protein        1448 
_refine_hist.pdbx_number_atoms_nucleic_acid   0 
_refine_hist.pdbx_number_atoms_ligand         18 
_refine_hist.number_atoms_solvent             129 
_refine_hist.number_atoms_total               1595 
_refine_hist.d_res_high                       1.8 
_refine_hist.d_res_low                        10 
# 
loop_
_refine_ls_restr.type 
_refine_ls_restr.dev_ideal 
_refine_ls_restr.dev_ideal_target 
_refine_ls_restr.weight 
_refine_ls_restr.number 
_refine_ls_restr.pdbx_refine_id 
_refine_ls_restr.pdbx_restraint_function 
x_bond_d                0.007 ? ? ? 'X-RAY DIFFRACTION' ? 
x_bond_d_na             ?     ? ? ? 'X-RAY DIFFRACTION' ? 
x_bond_d_prot           ?     ? ? ? 'X-RAY DIFFRACTION' ? 
x_angle_d               ?     ? ? ? 'X-RAY DIFFRACTION' ? 
x_angle_d_na            ?     ? ? ? 'X-RAY DIFFRACTION' ? 
x_angle_d_prot          ?     ? ? ? 'X-RAY DIFFRACTION' ? 
x_angle_deg             1.136 ? ? ? 'X-RAY DIFFRACTION' ? 
x_angle_deg_na          ?     ? ? ? 'X-RAY DIFFRACTION' ? 
x_angle_deg_prot        ?     ? ? ? 'X-RAY DIFFRACTION' ? 
x_dihedral_angle_d      ?     ? ? ? 'X-RAY DIFFRACTION' ? 
x_dihedral_angle_d_na   ?     ? ? ? 'X-RAY DIFFRACTION' ? 
x_dihedral_angle_d_prot ?     ? ? ? 'X-RAY DIFFRACTION' ? 
x_improper_angle_d      ?     ? ? ? 'X-RAY DIFFRACTION' ? 
x_improper_angle_d_na   ?     ? ? ? 'X-RAY DIFFRACTION' ? 
x_improper_angle_d_prot ?     ? ? ? 'X-RAY DIFFRACTION' ? 
x_mcbond_it             ?     ? ? ? 'X-RAY DIFFRACTION' ? 
x_mcangle_it            ?     ? ? ? 'X-RAY DIFFRACTION' ? 
x_scbond_it             ?     ? ? ? 'X-RAY DIFFRACTION' ? 
x_scangle_it            ?     ? ? ? 'X-RAY DIFFRACTION' ? 
# 
_struct.entry_id                  1C5I 
_struct.title                     
;HYDROGEN BONDING AND CATALYSIS: AN UNEXPECTED EXPLANATION FOR HOW A SINGLE AMINO ACID SUBSTITUTION CAN CHANGE THE PH OPTIMUM OF A GLYCOSIDASE
;
_struct.pdbx_model_details        ? 
_struct.pdbx_CASP_flag            ? 
_struct.pdbx_model_type_details   ? 
# 
_struct_keywords.entry_id        1C5I 
_struct_keywords.pdbx_keywords   HYDROLASE 
_struct_keywords.text            
'GLYCOSIDASE, PH-DEPENDENT ENZYME MECHANISM, GENERAL ACID/ BASE CATALYSIS, ISOTOPE SHIFT, SHORT HYDROGEN BONDS, XYLAN, HYDROLASE' 
# 
loop_
_struct_asym.id 
_struct_asym.pdbx_blank_PDB_chainid_flag 
_struct_asym.pdbx_modified 
_struct_asym.entity_id 
_struct_asym.details 
A N N 1 ? 
B N N 2 ? 
C N N 3 ? 
# 
_struct_ref.id                         1 
_struct_ref.db_name                    UNP 
_struct_ref.db_code                    XYNA_BACCI 
_struct_ref.entity_id                  1 
_struct_ref.pdbx_db_accession          P09850 
_struct_ref.pdbx_align_begin           ? 
_struct_ref.pdbx_seq_one_letter_code   ? 
_struct_ref.pdbx_db_isoform            ? 
# 
_struct_ref_seq.align_id                      1 
_struct_ref_seq.ref_id                        1 
_struct_ref_seq.pdbx_PDB_id_code              1C5I 
_struct_ref_seq.pdbx_strand_id                A 
_struct_ref_seq.seq_align_beg                 1 
_struct_ref_seq.pdbx_seq_align_beg_ins_code   ? 
_struct_ref_seq.seq_align_end                 185 
_struct_ref_seq.pdbx_seq_align_end_ins_code   ? 
_struct_ref_seq.pdbx_db_accession             P09850 
_struct_ref_seq.db_align_beg                  29 
_struct_ref_seq.pdbx_db_align_beg_ins_code    ? 
_struct_ref_seq.db_align_end                  213 
_struct_ref_seq.pdbx_db_align_end_ins_code    ? 
_struct_ref_seq.pdbx_auth_seq_align_beg       1 
_struct_ref_seq.pdbx_auth_seq_align_end       185 
# 
_struct_ref_seq_dif.align_id                     1 
_struct_ref_seq_dif.pdbx_pdb_id_code             1C5I 
_struct_ref_seq_dif.mon_id                       ASP 
_struct_ref_seq_dif.pdbx_pdb_strand_id           A 
_struct_ref_seq_dif.seq_num                      35 
_struct_ref_seq_dif.pdbx_pdb_ins_code            ? 
_struct_ref_seq_dif.pdbx_seq_db_name             UNP 
_struct_ref_seq_dif.pdbx_seq_db_accession_code   P09850 
_struct_ref_seq_dif.db_mon_id                    ASN 
_struct_ref_seq_dif.pdbx_seq_db_seq_num          63 
_struct_ref_seq_dif.details                      'engineered mutation' 
_struct_ref_seq_dif.pdbx_auth_seq_num            35 
_struct_ref_seq_dif.pdbx_ordinal                 1 
# 
_pdbx_struct_assembly.id                   1 
_pdbx_struct_assembly.details              author_defined_assembly 
_pdbx_struct_assembly.method_details       ? 
_pdbx_struct_assembly.oligomeric_details   monomeric 
_pdbx_struct_assembly.oligomeric_count     1 
# 
_pdbx_struct_assembly_gen.assembly_id       1 
_pdbx_struct_assembly_gen.oper_expression   1 
_pdbx_struct_assembly_gen.asym_id_list      A,B,C 
# 
_pdbx_struct_oper_list.id                   1 
_pdbx_struct_oper_list.type                 'identity operation' 
_pdbx_struct_oper_list.name                 1_555 
_pdbx_struct_oper_list.symmetry_operation   x,y,z 
_pdbx_struct_oper_list.matrix[1][1]         1.0000000000 
_pdbx_struct_oper_list.matrix[1][2]         0.0000000000 
_pdbx_struct_oper_list.matrix[1][3]         0.0000000000 
_pdbx_struct_oper_list.vector[1]            0.0000000000 
_pdbx_struct_oper_list.matrix[2][1]         0.0000000000 
_pdbx_struct_oper_list.matrix[2][2]         1.0000000000 
_pdbx_struct_oper_list.matrix[2][3]         0.0000000000 
_pdbx_struct_oper_list.vector[2]            0.0000000000 
_pdbx_struct_oper_list.matrix[3][1]         0.0000000000 
_pdbx_struct_oper_list.matrix[3][2]         0.0000000000 
_pdbx_struct_oper_list.matrix[3][3]         1.0000000000 
_pdbx_struct_oper_list.vector[3]            0.0000000000 
# 
_struct_biol.id   1 
# 
_struct_conf.conf_type_id            HELX_P 
_struct_conf.id                      HELX_P1 
_struct_conf.pdbx_PDB_helix_id       1 
_struct_conf.beg_label_comp_id       PHE 
_struct_conf.beg_label_asym_id       A 
_struct_conf.beg_label_seq_id        146 
_struct_conf.pdbx_beg_PDB_ins_code   ? 
_struct_conf.end_label_comp_id       HIS 
_struct_conf.end_label_asym_id       A 
_struct_conf.end_label_seq_id        156 
_struct_conf.pdbx_end_PDB_ins_code   ? 
_struct_conf.beg_auth_comp_id        PHE 
_struct_conf.beg_auth_asym_id        A 
_struct_conf.beg_auth_seq_id         146 
_struct_conf.end_auth_comp_id        HIS 
_struct_conf.end_auth_asym_id        A 
_struct_conf.end_auth_seq_id         156 
_struct_conf.pdbx_PDB_helix_class    1 
_struct_conf.details                 ? 
_struct_conf.pdbx_PDB_helix_length   11 
# 
_struct_conf_type.id          HELX_P 
_struct_conf_type.criteria    ? 
_struct_conf_type.reference   ? 
# 
loop_
_struct_conn.id 
_struct_conn.conn_type_id 
_struct_conn.pdbx_leaving_atom_flag 
_struct_conn.pdbx_PDB_id 
_struct_conn.ptnr1_label_asym_id 
_struct_conn.ptnr1_label_comp_id 
_struct_conn.ptnr1_label_seq_id 
_struct_conn.ptnr1_label_atom_id 
_struct_conn.pdbx_ptnr1_label_alt_id 
_struct_conn.pdbx_ptnr1_PDB_ins_code 
_struct_conn.pdbx_ptnr1_standard_comp_id 
_struct_conn.ptnr1_symmetry 
_struct_conn.ptnr2_label_asym_id 
_struct_conn.ptnr2_label_comp_id 
_struct_conn.ptnr2_label_seq_id 
_struct_conn.ptnr2_label_atom_id 
_struct_conn.pdbx_ptnr2_label_alt_id 
_struct_conn.pdbx_ptnr2_PDB_ins_code 
_struct_conn.ptnr1_auth_asym_id 
_struct_conn.ptnr1_auth_comp_id 
_struct_conn.ptnr1_auth_seq_id 
_struct_conn.ptnr2_auth_asym_id 
_struct_conn.ptnr2_auth_comp_id 
_struct_conn.ptnr2_auth_seq_id 
_struct_conn.ptnr2_symmetry 
_struct_conn.pdbx_ptnr3_label_atom_id 
_struct_conn.pdbx_ptnr3_label_seq_id 
_struct_conn.pdbx_ptnr3_label_comp_id 
_struct_conn.pdbx_ptnr3_label_asym_id 
_struct_conn.pdbx_ptnr3_label_alt_id 
_struct_conn.pdbx_ptnr3_PDB_ins_code 
_struct_conn.details 
_struct_conn.pdbx_dist_value 
_struct_conn.pdbx_value_order 
_struct_conn.pdbx_role 
covale1 covale none ? A GLU 78 OE2 ? ? ? 1_555 B DFX . C1 ? ? A GLU 78 B DFX 1 1_555 ? ? ? ? ? ? ? 1.448 ? ? 
covale2 covale one  ? B DFX .  O4  ? ? ? 1_555 B XYP . C1 ? ? B DFX 1  B XYP 2 1_555 ? ? ? ? ? ? ? 1.428 ? ? 
# 
_struct_conn_type.id          covale 
_struct_conn_type.criteria    ? 
_struct_conn_type.reference   ? 
# 
_pdbx_modification_feature.ordinal                            1 
_pdbx_modification_feature.label_comp_id                      DFX 
_pdbx_modification_feature.label_asym_id                      B 
_pdbx_modification_feature.label_seq_id                       . 
_pdbx_modification_feature.label_alt_id                       ? 
_pdbx_modification_feature.modified_residue_label_comp_id     GLU 
_pdbx_modification_feature.modified_residue_label_asym_id     A 
_pdbx_modification_feature.modified_residue_label_seq_id      78 
_pdbx_modification_feature.modified_residue_label_alt_id      ? 
_pdbx_modification_feature.auth_comp_id                       DFX 
_pdbx_modification_feature.auth_asym_id                       B 
_pdbx_modification_feature.auth_seq_id                        1 
_pdbx_modification_feature.PDB_ins_code                       ? 
_pdbx_modification_feature.symmetry                           1_555 
_pdbx_modification_feature.modified_residue_auth_comp_id      GLU 
_pdbx_modification_feature.modified_residue_auth_asym_id      A 
_pdbx_modification_feature.modified_residue_auth_seq_id       78 
_pdbx_modification_feature.modified_residue_PDB_ins_code      ? 
_pdbx_modification_feature.modified_residue_symmetry          1_555 
_pdbx_modification_feature.comp_id_linking_atom               C1 
_pdbx_modification_feature.modified_residue_id_linking_atom   OE2 
_pdbx_modification_feature.modified_residue_id                GLU 
_pdbx_modification_feature.ref_pcm_id                         2 
_pdbx_modification_feature.ref_comp_id                        DFX 
_pdbx_modification_feature.type                               None 
_pdbx_modification_feature.category                           Carbohydrate 
# 
_struct_mon_prot_cis.pdbx_id                1 
_struct_mon_prot_cis.label_comp_id          SER 
_struct_mon_prot_cis.label_seq_id           74 
_struct_mon_prot_cis.label_asym_id          A 
_struct_mon_prot_cis.label_alt_id           . 
_struct_mon_prot_cis.pdbx_PDB_ins_code      ? 
_struct_mon_prot_cis.auth_comp_id           SER 
_struct_mon_prot_cis.auth_seq_id            74 
_struct_mon_prot_cis.auth_asym_id           A 
_struct_mon_prot_cis.pdbx_label_comp_id_2   PRO 
_struct_mon_prot_cis.pdbx_label_seq_id_2    75 
_struct_mon_prot_cis.pdbx_label_asym_id_2   A 
_struct_mon_prot_cis.pdbx_PDB_ins_code_2    ? 
_struct_mon_prot_cis.pdbx_auth_comp_id_2    PRO 
_struct_mon_prot_cis.pdbx_auth_seq_id_2     75 
_struct_mon_prot_cis.pdbx_auth_asym_id_2    A 
_struct_mon_prot_cis.pdbx_PDB_model_num     1 
_struct_mon_prot_cis.pdbx_omega_angle       -0.09 
# 
loop_
_struct_sheet.id 
_struct_sheet.type 
_struct_sheet.number_strands 
_struct_sheet.details 
A ? 8 ? 
B ? 5 ? 
# 
loop_
_struct_sheet_order.sheet_id 
_struct_sheet_order.range_id_1 
_struct_sheet_order.range_id_2 
_struct_sheet_order.offset 
_struct_sheet_order.sense 
A 1 2 ? anti-parallel 
A 2 3 ? anti-parallel 
A 3 4 ? anti-parallel 
A 4 5 ? anti-parallel 
A 5 6 ? parallel      
A 6 7 ? anti-parallel 
A 7 8 ? anti-parallel 
B 1 2 ? anti-parallel 
B 2 3 ? anti-parallel 
B 3 4 ? anti-parallel 
B 4 5 ? anti-parallel 
# 
loop_
_struct_sheet_range.sheet_id 
_struct_sheet_range.id 
_struct_sheet_range.beg_label_comp_id 
_struct_sheet_range.beg_label_asym_id 
_struct_sheet_range.beg_label_seq_id 
_struct_sheet_range.pdbx_beg_PDB_ins_code 
_struct_sheet_range.end_label_comp_id 
_struct_sheet_range.end_label_asym_id 
_struct_sheet_range.end_label_seq_id 
_struct_sheet_range.pdbx_end_PDB_ins_code 
_struct_sheet_range.beg_auth_comp_id 
_struct_sheet_range.beg_auth_asym_id 
_struct_sheet_range.beg_auth_seq_id 
_struct_sheet_range.end_auth_comp_id 
_struct_sheet_range.end_auth_asym_id 
_struct_sheet_range.end_auth_seq_id 
A 1 TYR A 5   ? THR A 10  ? TYR A 5   THR A 10  
A 2 ASP A 35  ? TRP A 42  ? ASP A 35  TRP A 42  
A 3 GLN A 167 ? TYR A 174 ? GLN A 167 TYR A 174 
A 4 GLY A 64  ? THR A 72  ? GLY A 64  THR A 72  
A 5 ILE A 77  ? TRP A 85  ? ILE A 77  TRP A 85  
A 6 PHE A 125 ? ARG A 132 ? PHE A 125 ARG A 132 
A 7 GLY A 103 ? ARG A 112 ? GLY A 103 ARG A 112 
A 8 THR A 93  ? SER A 100 ? THR A 93  SER A 100 
B 1 ILE A 15  ? ASN A 20  ? ILE A 15  ASN A 20  
B 2 ASN A 25  ? SER A 31  ? ASN A 25  SER A 31  
B 3 SER A 177 ? TRP A 185 ? SER A 177 TRP A 185 
B 4 THR A 50  ? ASN A 61  ? THR A 50  ASN A 61  
B 5 ALA A 142 ? THR A 145 ? ALA A 142 THR A 145 
# 
loop_
_pdbx_struct_sheet_hbond.sheet_id 
_pdbx_struct_sheet_hbond.range_id_1 
_pdbx_struct_sheet_hbond.range_id_2 
_pdbx_struct_sheet_hbond.range_1_label_atom_id 
_pdbx_struct_sheet_hbond.range_1_label_comp_id 
_pdbx_struct_sheet_hbond.range_1_label_asym_id 
_pdbx_struct_sheet_hbond.range_1_label_seq_id 
_pdbx_struct_sheet_hbond.range_1_PDB_ins_code 
_pdbx_struct_sheet_hbond.range_1_auth_atom_id 
_pdbx_struct_sheet_hbond.range_1_auth_comp_id 
_pdbx_struct_sheet_hbond.range_1_auth_asym_id 
_pdbx_struct_sheet_hbond.range_1_auth_seq_id 
_pdbx_struct_sheet_hbond.range_2_label_atom_id 
_pdbx_struct_sheet_hbond.range_2_label_comp_id 
_pdbx_struct_sheet_hbond.range_2_label_asym_id 
_pdbx_struct_sheet_hbond.range_2_label_seq_id 
_pdbx_struct_sheet_hbond.range_2_PDB_ins_code 
_pdbx_struct_sheet_hbond.range_2_auth_atom_id 
_pdbx_struct_sheet_hbond.range_2_auth_comp_id 
_pdbx_struct_sheet_hbond.range_2_auth_asym_id 
_pdbx_struct_sheet_hbond.range_2_auth_seq_id 
A 1 2 O TYR A 5   ? O TYR A 5   N GLY A 41  ? N GLY A 41  
A 2 3 O PHE A 36  ? O PHE A 36  N GLY A 173 ? N GLY A 173 
A 3 4 O VAL A 168 ? O VAL A 168 N TYR A 69  ? N TYR A 69  
A 4 5 O LEU A 66  ? O LEU A 66  N SER A 84  ? N SER A 84  
A 5 6 O GLU A 78  ? O GLU A 78  N THR A 126 ? N THR A 126 
A 6 7 O PHE A 125 ? O PHE A 125 N ARG A 112 ? N ARG A 112 
A 7 8 O GLY A 103 ? O GLY A 103 N SER A 100 ? N SER A 100 
B 1 2 O ILE A 15  ? O ILE A 15  N SER A 31  ? N SER A 31  
B 2 3 O TYR A 26  ? O TYR A 26  N VAL A 182 ? N VAL A 182 
B 3 4 O SER A 177 ? O SER A 177 N ASN A 61  ? N ASN A 61  
B 4 5 O ILE A 51  ? O ILE A 51  N ILE A 144 ? N ILE A 144 
# 
loop_
_struct_site.id 
_struct_site.pdbx_evidence_code 
_struct_site.pdbx_auth_asym_id 
_struct_site.pdbx_auth_comp_id 
_struct_site.pdbx_auth_seq_id 
_struct_site.pdbx_auth_ins_code 
_struct_site.pdbx_num_residues 
_struct_site.details 
NUC Author ? ? ? ? 1 'THE NUCLEOPHILE TO WHICH THE INHIBITOR IS COVALENTLY ATTACHED IS GLU 78.' 
ABC Author ? ? ? ? 1 'THE ACID BASE CATALYST IS RESIDUE GLU 172.'                               
# 
loop_
_struct_site_gen.id 
_struct_site_gen.site_id 
_struct_site_gen.pdbx_num_res 
_struct_site_gen.label_comp_id 
_struct_site_gen.label_asym_id 
_struct_site_gen.label_seq_id 
_struct_site_gen.pdbx_auth_ins_code 
_struct_site_gen.auth_comp_id 
_struct_site_gen.auth_asym_id 
_struct_site_gen.auth_seq_id 
_struct_site_gen.label_atom_id 
_struct_site_gen.label_alt_id 
_struct_site_gen.symmetry 
_struct_site_gen.details 
1 NUC 1 GLU A 78  ? GLU A 78  . ? 1_555 ? 
2 ABC 1 GLU A 172 ? GLU A 172 . ? 1_555 ? 
# 
_pdbx_entry_details.entry_id                   1C5I 
_pdbx_entry_details.compound_details           ? 
_pdbx_entry_details.source_details             ? 
_pdbx_entry_details.nonpolymer_details         ? 
_pdbx_entry_details.sequence_details           ? 
_pdbx_entry_details.has_ligand_of_interest     ? 
_pdbx_entry_details.has_protein_modification   Y 
# 
_pdbx_validate_rmsd_angle.id                         1 
_pdbx_validate_rmsd_angle.PDB_model_num              1 
_pdbx_validate_rmsd_angle.auth_atom_id_1             N 
_pdbx_validate_rmsd_angle.auth_asym_id_1             A 
_pdbx_validate_rmsd_angle.auth_comp_id_1             GLY 
_pdbx_validate_rmsd_angle.auth_seq_id_1              34 
_pdbx_validate_rmsd_angle.PDB_ins_code_1             ? 
_pdbx_validate_rmsd_angle.label_alt_id_1             ? 
_pdbx_validate_rmsd_angle.auth_atom_id_2             CA 
_pdbx_validate_rmsd_angle.auth_asym_id_2             A 
_pdbx_validate_rmsd_angle.auth_comp_id_2             GLY 
_pdbx_validate_rmsd_angle.auth_seq_id_2              34 
_pdbx_validate_rmsd_angle.PDB_ins_code_2             ? 
_pdbx_validate_rmsd_angle.label_alt_id_2             ? 
_pdbx_validate_rmsd_angle.auth_atom_id_3             C 
_pdbx_validate_rmsd_angle.auth_asym_id_3             A 
_pdbx_validate_rmsd_angle.auth_comp_id_3             GLY 
_pdbx_validate_rmsd_angle.auth_seq_id_3              34 
_pdbx_validate_rmsd_angle.PDB_ins_code_3             ? 
_pdbx_validate_rmsd_angle.label_alt_id_3             ? 
_pdbx_validate_rmsd_angle.angle_value                97.64 
_pdbx_validate_rmsd_angle.angle_target_value         113.10 
_pdbx_validate_rmsd_angle.angle_deviation            -15.46 
_pdbx_validate_rmsd_angle.angle_standard_deviation   2.50 
_pdbx_validate_rmsd_angle.linker_flag                N 
# 
loop_
_pdbx_validate_torsion.id 
_pdbx_validate_torsion.PDB_model_num 
_pdbx_validate_torsion.auth_comp_id 
_pdbx_validate_torsion.auth_asym_id 
_pdbx_validate_torsion.auth_seq_id 
_pdbx_validate_torsion.PDB_ins_code 
_pdbx_validate_torsion.label_alt_id 
_pdbx_validate_torsion.phi 
_pdbx_validate_torsion.psi 
1 1 ASN A 61  ? ? -111.26 61.86   
2 1 ASP A 121 ? ? 52.50   -150.46 
3 1 ALA A 165 ? ? -100.59 -158.26 
# 
loop_
_chem_comp_atom.comp_id 
_chem_comp_atom.atom_id 
_chem_comp_atom.type_symbol 
_chem_comp_atom.pdbx_aromatic_flag 
_chem_comp_atom.pdbx_stereo_config 
_chem_comp_atom.pdbx_ordinal 
ALA N    N N N 1   
ALA CA   C N S 2   
ALA C    C N N 3   
ALA O    O N N 4   
ALA CB   C N N 5   
ALA OXT  O N N 6   
ALA H    H N N 7   
ALA H2   H N N 8   
ALA HA   H N N 9   
ALA HB1  H N N 10  
ALA HB2  H N N 11  
ALA HB3  H N N 12  
ALA HXT  H N N 13  
ARG N    N N N 14  
ARG CA   C N S 15  
ARG C    C N N 16  
ARG O    O N N 17  
ARG CB   C N N 18  
ARG CG   C N N 19  
ARG CD   C N N 20  
ARG NE   N N N 21  
ARG CZ   C N N 22  
ARG NH1  N N N 23  
ARG NH2  N N N 24  
ARG OXT  O N N 25  
ARG H    H N N 26  
ARG H2   H N N 27  
ARG HA   H N N 28  
ARG HB2  H N N 29  
ARG HB3  H N N 30  
ARG HG2  H N N 31  
ARG HG3  H N N 32  
ARG HD2  H N N 33  
ARG HD3  H N N 34  
ARG HE   H N N 35  
ARG HH11 H N N 36  
ARG HH12 H N N 37  
ARG HH21 H N N 38  
ARG HH22 H N N 39  
ARG HXT  H N N 40  
ASN N    N N N 41  
ASN CA   C N S 42  
ASN C    C N N 43  
ASN O    O N N 44  
ASN CB   C N N 45  
ASN CG   C N N 46  
ASN OD1  O N N 47  
ASN ND2  N N N 48  
ASN OXT  O N N 49  
ASN H    H N N 50  
ASN H2   H N N 51  
ASN HA   H N N 52  
ASN HB2  H N N 53  
ASN HB3  H N N 54  
ASN HD21 H N N 55  
ASN HD22 H N N 56  
ASN HXT  H N N 57  
ASP N    N N N 58  
ASP CA   C N S 59  
ASP C    C N N 60  
ASP O    O N N 61  
ASP CB   C N N 62  
ASP CG   C N N 63  
ASP OD1  O N N 64  
ASP OD2  O N N 65  
ASP OXT  O N N 66  
ASP H    H N N 67  
ASP H2   H N N 68  
ASP HA   H N N 69  
ASP HB2  H N N 70  
ASP HB3  H N N 71  
ASP HD2  H N N 72  
ASP HXT  H N N 73  
DFX C1   C N N 74  
DFX C2   C N S 75  
DFX C3   C N S 76  
DFX C4   C N R 77  
DFX C5   C N N 78  
DFX O3   O N N 79  
DFX O4   O N N 80  
DFX O5   O N N 81  
DFX F2   F N N 82  
DFX H1   H N N 83  
DFX H12  H N N 84  
DFX H2   H N N 85  
DFX H3   H N N 86  
DFX H4   H N N 87  
DFX H51  H N N 88  
DFX H52  H N N 89  
DFX HO3  H N N 90  
DFX HO4  H N N 91  
GLN N    N N N 92  
GLN CA   C N S 93  
GLN C    C N N 94  
GLN O    O N N 95  
GLN CB   C N N 96  
GLN CG   C N N 97  
GLN CD   C N N 98  
GLN OE1  O N N 99  
GLN NE2  N N N 100 
GLN OXT  O N N 101 
GLN H    H N N 102 
GLN H2   H N N 103 
GLN HA   H N N 104 
GLN HB2  H N N 105 
GLN HB3  H N N 106 
GLN HG2  H N N 107 
GLN HG3  H N N 108 
GLN HE21 H N N 109 
GLN HE22 H N N 110 
GLN HXT  H N N 111 
GLU N    N N N 112 
GLU CA   C N S 113 
GLU C    C N N 114 
GLU O    O N N 115 
GLU CB   C N N 116 
GLU CG   C N N 117 
GLU CD   C N N 118 
GLU OE1  O N N 119 
GLU OE2  O N N 120 
GLU OXT  O N N 121 
GLU H    H N N 122 
GLU H2   H N N 123 
GLU HA   H N N 124 
GLU HB2  H N N 125 
GLU HB3  H N N 126 
GLU HG2  H N N 127 
GLU HG3  H N N 128 
GLU HE2  H N N 129 
GLU HXT  H N N 130 
GLY N    N N N 131 
GLY CA   C N N 132 
GLY C    C N N 133 
GLY O    O N N 134 
GLY OXT  O N N 135 
GLY H    H N N 136 
GLY H2   H N N 137 
GLY HA2  H N N 138 
GLY HA3  H N N 139 
GLY HXT  H N N 140 
HIS N    N N N 141 
HIS CA   C N S 142 
HIS C    C N N 143 
HIS O    O N N 144 
HIS CB   C N N 145 
HIS CG   C Y N 146 
HIS ND1  N Y N 147 
HIS CD2  C Y N 148 
HIS CE1  C Y N 149 
HIS NE2  N Y N 150 
HIS OXT  O N N 151 
HIS H    H N N 152 
HIS H2   H N N 153 
HIS HA   H N N 154 
HIS HB2  H N N 155 
HIS HB3  H N N 156 
HIS HD1  H N N 157 
HIS HD2  H N N 158 
HIS HE1  H N N 159 
HIS HE2  H N N 160 
HIS HXT  H N N 161 
HOH O    O N N 162 
HOH H1   H N N 163 
HOH H2   H N N 164 
ILE N    N N N 165 
ILE CA   C N S 166 
ILE C    C N N 167 
ILE O    O N N 168 
ILE CB   C N S 169 
ILE CG1  C N N 170 
ILE CG2  C N N 171 
ILE CD1  C N N 172 
ILE OXT  O N N 173 
ILE H    H N N 174 
ILE H2   H N N 175 
ILE HA   H N N 176 
ILE HB   H N N 177 
ILE HG12 H N N 178 
ILE HG13 H N N 179 
ILE HG21 H N N 180 
ILE HG22 H N N 181 
ILE HG23 H N N 182 
ILE HD11 H N N 183 
ILE HD12 H N N 184 
ILE HD13 H N N 185 
ILE HXT  H N N 186 
LEU N    N N N 187 
LEU CA   C N S 188 
LEU C    C N N 189 
LEU O    O N N 190 
LEU CB   C N N 191 
LEU CG   C N N 192 
LEU CD1  C N N 193 
LEU CD2  C N N 194 
LEU OXT  O N N 195 
LEU H    H N N 196 
LEU H2   H N N 197 
LEU HA   H N N 198 
LEU HB2  H N N 199 
LEU HB3  H N N 200 
LEU HG   H N N 201 
LEU HD11 H N N 202 
LEU HD12 H N N 203 
LEU HD13 H N N 204 
LEU HD21 H N N 205 
LEU HD22 H N N 206 
LEU HD23 H N N 207 
LEU HXT  H N N 208 
LYS N    N N N 209 
LYS CA   C N S 210 
LYS C    C N N 211 
LYS O    O N N 212 
LYS CB   C N N 213 
LYS CG   C N N 214 
LYS CD   C N N 215 
LYS CE   C N N 216 
LYS NZ   N N N 217 
LYS OXT  O N N 218 
LYS H    H N N 219 
LYS H2   H N N 220 
LYS HA   H N N 221 
LYS HB2  H N N 222 
LYS HB3  H N N 223 
LYS HG2  H N N 224 
LYS HG3  H N N 225 
LYS HD2  H N N 226 
LYS HD3  H N N 227 
LYS HE2  H N N 228 
LYS HE3  H N N 229 
LYS HZ1  H N N 230 
LYS HZ2  H N N 231 
LYS HZ3  H N N 232 
LYS HXT  H N N 233 
MET N    N N N 234 
MET CA   C N S 235 
MET C    C N N 236 
MET O    O N N 237 
MET CB   C N N 238 
MET CG   C N N 239 
MET SD   S N N 240 
MET CE   C N N 241 
MET OXT  O N N 242 
MET H    H N N 243 
MET H2   H N N 244 
MET HA   H N N 245 
MET HB2  H N N 246 
MET HB3  H N N 247 
MET HG2  H N N 248 
MET HG3  H N N 249 
MET HE1  H N N 250 
MET HE2  H N N 251 
MET HE3  H N N 252 
MET HXT  H N N 253 
PHE N    N N N 254 
PHE CA   C N S 255 
PHE C    C N N 256 
PHE O    O N N 257 
PHE CB   C N N 258 
PHE CG   C Y N 259 
PHE CD1  C Y N 260 
PHE CD2  C Y N 261 
PHE CE1  C Y N 262 
PHE CE2  C Y N 263 
PHE CZ   C Y N 264 
PHE OXT  O N N 265 
PHE H    H N N 266 
PHE H2   H N N 267 
PHE HA   H N N 268 
PHE HB2  H N N 269 
PHE HB3  H N N 270 
PHE HD1  H N N 271 
PHE HD2  H N N 272 
PHE HE1  H N N 273 
PHE HE2  H N N 274 
PHE HZ   H N N 275 
PHE HXT  H N N 276 
PRO N    N N N 277 
PRO CA   C N S 278 
PRO C    C N N 279 
PRO O    O N N 280 
PRO CB   C N N 281 
PRO CG   C N N 282 
PRO CD   C N N 283 
PRO OXT  O N N 284 
PRO H    H N N 285 
PRO HA   H N N 286 
PRO HB2  H N N 287 
PRO HB3  H N N 288 
PRO HG2  H N N 289 
PRO HG3  H N N 290 
PRO HD2  H N N 291 
PRO HD3  H N N 292 
PRO HXT  H N N 293 
SER N    N N N 294 
SER CA   C N S 295 
SER C    C N N 296 
SER O    O N N 297 
SER CB   C N N 298 
SER OG   O N N 299 
SER OXT  O N N 300 
SER H    H N N 301 
SER H2   H N N 302 
SER HA   H N N 303 
SER HB2  H N N 304 
SER HB3  H N N 305 
SER HG   H N N 306 
SER HXT  H N N 307 
THR N    N N N 308 
THR CA   C N S 309 
THR C    C N N 310 
THR O    O N N 311 
THR CB   C N R 312 
THR OG1  O N N 313 
THR CG2  C N N 314 
THR OXT  O N N 315 
THR H    H N N 316 
THR H2   H N N 317 
THR HA   H N N 318 
THR HB   H N N 319 
THR HG1  H N N 320 
THR HG21 H N N 321 
THR HG22 H N N 322 
THR HG23 H N N 323 
THR HXT  H N N 324 
TRP N    N N N 325 
TRP CA   C N S 326 
TRP C    C N N 327 
TRP O    O N N 328 
TRP CB   C N N 329 
TRP CG   C Y N 330 
TRP CD1  C Y N 331 
TRP CD2  C Y N 332 
TRP NE1  N Y N 333 
TRP CE2  C Y N 334 
TRP CE3  C Y N 335 
TRP CZ2  C Y N 336 
TRP CZ3  C Y N 337 
TRP CH2  C Y N 338 
TRP OXT  O N N 339 
TRP H    H N N 340 
TRP H2   H N N 341 
TRP HA   H N N 342 
TRP HB2  H N N 343 
TRP HB3  H N N 344 
TRP HD1  H N N 345 
TRP HE1  H N N 346 
TRP HE3  H N N 347 
TRP HZ2  H N N 348 
TRP HZ3  H N N 349 
TRP HH2  H N N 350 
TRP HXT  H N N 351 
TYR N    N N N 352 
TYR CA   C N S 353 
TYR C    C N N 354 
TYR O    O N N 355 
TYR CB   C N N 356 
TYR CG   C Y N 357 
TYR CD1  C Y N 358 
TYR CD2  C Y N 359 
TYR CE1  C Y N 360 
TYR CE2  C Y N 361 
TYR CZ   C Y N 362 
TYR OH   O N N 363 
TYR OXT  O N N 364 
TYR H    H N N 365 
TYR H2   H N N 366 
TYR HA   H N N 367 
TYR HB2  H N N 368 
TYR HB3  H N N 369 
TYR HD1  H N N 370 
TYR HD2  H N N 371 
TYR HE1  H N N 372 
TYR HE2  H N N 373 
TYR HH   H N N 374 
TYR HXT  H N N 375 
VAL N    N N N 376 
VAL CA   C N S 377 
VAL C    C N N 378 
VAL O    O N N 379 
VAL CB   C N N 380 
VAL CG1  C N N 381 
VAL CG2  C N N 382 
VAL OXT  O N N 383 
VAL H    H N N 384 
VAL H2   H N N 385 
VAL HA   H N N 386 
VAL HB   H N N 387 
VAL HG11 H N N 388 
VAL HG12 H N N 389 
VAL HG13 H N N 390 
VAL HG21 H N N 391 
VAL HG22 H N N 392 
VAL HG23 H N N 393 
VAL HXT  H N N 394 
XYP O1   O N N 395 
XYP C1   C N R 396 
XYP C2   C N R 397 
XYP C3   C N S 398 
XYP C4   C N R 399 
XYP C5   C N N 400 
XYP O2   O N N 401 
XYP O3   O N N 402 
XYP O4   O N N 403 
XYP O5   O N N 404 
XYP HO1  H N N 405 
XYP H1   H N N 406 
XYP H2   H N N 407 
XYP H3   H N N 408 
XYP H4   H N N 409 
XYP H51  H N N 410 
XYP H52  H N N 411 
XYP HO2  H N N 412 
XYP HO3  H N N 413 
XYP HO4  H N N 414 
# 
loop_
_chem_comp_bond.comp_id 
_chem_comp_bond.atom_id_1 
_chem_comp_bond.atom_id_2 
_chem_comp_bond.value_order 
_chem_comp_bond.pdbx_aromatic_flag 
_chem_comp_bond.pdbx_stereo_config 
_chem_comp_bond.pdbx_ordinal 
ALA N   CA   sing N N 1   
ALA N   H    sing N N 2   
ALA N   H2   sing N N 3   
ALA CA  C    sing N N 4   
ALA CA  CB   sing N N 5   
ALA CA  HA   sing N N 6   
ALA C   O    doub N N 7   
ALA C   OXT  sing N N 8   
ALA CB  HB1  sing N N 9   
ALA CB  HB2  sing N N 10  
ALA CB  HB3  sing N N 11  
ALA OXT HXT  sing N N 12  
ARG N   CA   sing N N 13  
ARG N   H    sing N N 14  
ARG N   H2   sing N N 15  
ARG CA  C    sing N N 16  
ARG CA  CB   sing N N 17  
ARG CA  HA   sing N N 18  
ARG C   O    doub N N 19  
ARG C   OXT  sing N N 20  
ARG CB  CG   sing N N 21  
ARG CB  HB2  sing N N 22  
ARG CB  HB3  sing N N 23  
ARG CG  CD   sing N N 24  
ARG CG  HG2  sing N N 25  
ARG CG  HG3  sing N N 26  
ARG CD  NE   sing N N 27  
ARG CD  HD2  sing N N 28  
ARG CD  HD3  sing N N 29  
ARG NE  CZ   sing N N 30  
ARG NE  HE   sing N N 31  
ARG CZ  NH1  sing N N 32  
ARG CZ  NH2  doub N N 33  
ARG NH1 HH11 sing N N 34  
ARG NH1 HH12 sing N N 35  
ARG NH2 HH21 sing N N 36  
ARG NH2 HH22 sing N N 37  
ARG OXT HXT  sing N N 38  
ASN N   CA   sing N N 39  
ASN N   H    sing N N 40  
ASN N   H2   sing N N 41  
ASN CA  C    sing N N 42  
ASN CA  CB   sing N N 43  
ASN CA  HA   sing N N 44  
ASN C   O    doub N N 45  
ASN C   OXT  sing N N 46  
ASN CB  CG   sing N N 47  
ASN CB  HB2  sing N N 48  
ASN CB  HB3  sing N N 49  
ASN CG  OD1  doub N N 50  
ASN CG  ND2  sing N N 51  
ASN ND2 HD21 sing N N 52  
ASN ND2 HD22 sing N N 53  
ASN OXT HXT  sing N N 54  
ASP N   CA   sing N N 55  
ASP N   H    sing N N 56  
ASP N   H2   sing N N 57  
ASP CA  C    sing N N 58  
ASP CA  CB   sing N N 59  
ASP CA  HA   sing N N 60  
ASP C   O    doub N N 61  
ASP C   OXT  sing N N 62  
ASP CB  CG   sing N N 63  
ASP CB  HB2  sing N N 64  
ASP CB  HB3  sing N N 65  
ASP CG  OD1  doub N N 66  
ASP CG  OD2  sing N N 67  
ASP OD2 HD2  sing N N 68  
ASP OXT HXT  sing N N 69  
DFX C1  C2   sing N N 70  
DFX C1  O5   sing N N 71  
DFX C1  H1   sing N N 72  
DFX C1  H12  sing N N 73  
DFX C2  C3   sing N N 74  
DFX C2  F2   sing N N 75  
DFX C2  H2   sing N N 76  
DFX C3  C4   sing N N 77  
DFX C3  O3   sing N N 78  
DFX C3  H3   sing N N 79  
DFX C4  C5   sing N N 80  
DFX C4  O4   sing N N 81  
DFX C4  H4   sing N N 82  
DFX C5  O5   sing N N 83  
DFX C5  H51  sing N N 84  
DFX C5  H52  sing N N 85  
DFX O3  HO3  sing N N 86  
DFX O4  HO4  sing N N 87  
GLN N   CA   sing N N 88  
GLN N   H    sing N N 89  
GLN N   H2   sing N N 90  
GLN CA  C    sing N N 91  
GLN CA  CB   sing N N 92  
GLN CA  HA   sing N N 93  
GLN C   O    doub N N 94  
GLN C   OXT  sing N N 95  
GLN CB  CG   sing N N 96  
GLN CB  HB2  sing N N 97  
GLN CB  HB3  sing N N 98  
GLN CG  CD   sing N N 99  
GLN CG  HG2  sing N N 100 
GLN CG  HG3  sing N N 101 
GLN CD  OE1  doub N N 102 
GLN CD  NE2  sing N N 103 
GLN NE2 HE21 sing N N 104 
GLN NE2 HE22 sing N N 105 
GLN OXT HXT  sing N N 106 
GLU N   CA   sing N N 107 
GLU N   H    sing N N 108 
GLU N   H2   sing N N 109 
GLU CA  C    sing N N 110 
GLU CA  CB   sing N N 111 
GLU CA  HA   sing N N 112 
GLU C   O    doub N N 113 
GLU C   OXT  sing N N 114 
GLU CB  CG   sing N N 115 
GLU CB  HB2  sing N N 116 
GLU CB  HB3  sing N N 117 
GLU CG  CD   sing N N 118 
GLU CG  HG2  sing N N 119 
GLU CG  HG3  sing N N 120 
GLU CD  OE1  doub N N 121 
GLU CD  OE2  sing N N 122 
GLU OE2 HE2  sing N N 123 
GLU OXT HXT  sing N N 124 
GLY N   CA   sing N N 125 
GLY N   H    sing N N 126 
GLY N   H2   sing N N 127 
GLY CA  C    sing N N 128 
GLY CA  HA2  sing N N 129 
GLY CA  HA3  sing N N 130 
GLY C   O    doub N N 131 
GLY C   OXT  sing N N 132 
GLY OXT HXT  sing N N 133 
HIS N   CA   sing N N 134 
HIS N   H    sing N N 135 
HIS N   H2   sing N N 136 
HIS CA  C    sing N N 137 
HIS CA  CB   sing N N 138 
HIS CA  HA   sing N N 139 
HIS C   O    doub N N 140 
HIS C   OXT  sing N N 141 
HIS CB  CG   sing N N 142 
HIS CB  HB2  sing N N 143 
HIS CB  HB3  sing N N 144 
HIS CG  ND1  sing Y N 145 
HIS CG  CD2  doub Y N 146 
HIS ND1 CE1  doub Y N 147 
HIS ND1 HD1  sing N N 148 
HIS CD2 NE2  sing Y N 149 
HIS CD2 HD2  sing N N 150 
HIS CE1 NE2  sing Y N 151 
HIS CE1 HE1  sing N N 152 
HIS NE2 HE2  sing N N 153 
HIS OXT HXT  sing N N 154 
HOH O   H1   sing N N 155 
HOH O   H2   sing N N 156 
ILE N   CA   sing N N 157 
ILE N   H    sing N N 158 
ILE N   H2   sing N N 159 
ILE CA  C    sing N N 160 
ILE CA  CB   sing N N 161 
ILE CA  HA   sing N N 162 
ILE C   O    doub N N 163 
ILE C   OXT  sing N N 164 
ILE CB  CG1  sing N N 165 
ILE CB  CG2  sing N N 166 
ILE CB  HB   sing N N 167 
ILE CG1 CD1  sing N N 168 
ILE CG1 HG12 sing N N 169 
ILE CG1 HG13 sing N N 170 
ILE CG2 HG21 sing N N 171 
ILE CG2 HG22 sing N N 172 
ILE CG2 HG23 sing N N 173 
ILE CD1 HD11 sing N N 174 
ILE CD1 HD12 sing N N 175 
ILE CD1 HD13 sing N N 176 
ILE OXT HXT  sing N N 177 
LEU N   CA   sing N N 178 
LEU N   H    sing N N 179 
LEU N   H2   sing N N 180 
LEU CA  C    sing N N 181 
LEU CA  CB   sing N N 182 
LEU CA  HA   sing N N 183 
LEU C   O    doub N N 184 
LEU C   OXT  sing N N 185 
LEU CB  CG   sing N N 186 
LEU CB  HB2  sing N N 187 
LEU CB  HB3  sing N N 188 
LEU CG  CD1  sing N N 189 
LEU CG  CD2  sing N N 190 
LEU CG  HG   sing N N 191 
LEU CD1 HD11 sing N N 192 
LEU CD1 HD12 sing N N 193 
LEU CD1 HD13 sing N N 194 
LEU CD2 HD21 sing N N 195 
LEU CD2 HD22 sing N N 196 
LEU CD2 HD23 sing N N 197 
LEU OXT HXT  sing N N 198 
LYS N   CA   sing N N 199 
LYS N   H    sing N N 200 
LYS N   H2   sing N N 201 
LYS CA  C    sing N N 202 
LYS CA  CB   sing N N 203 
LYS CA  HA   sing N N 204 
LYS C   O    doub N N 205 
LYS C   OXT  sing N N 206 
LYS CB  CG   sing N N 207 
LYS CB  HB2  sing N N 208 
LYS CB  HB3  sing N N 209 
LYS CG  CD   sing N N 210 
LYS CG  HG2  sing N N 211 
LYS CG  HG3  sing N N 212 
LYS CD  CE   sing N N 213 
LYS CD  HD2  sing N N 214 
LYS CD  HD3  sing N N 215 
LYS CE  NZ   sing N N 216 
LYS CE  HE2  sing N N 217 
LYS CE  HE3  sing N N 218 
LYS NZ  HZ1  sing N N 219 
LYS NZ  HZ2  sing N N 220 
LYS NZ  HZ3  sing N N 221 
LYS OXT HXT  sing N N 222 
MET N   CA   sing N N 223 
MET N   H    sing N N 224 
MET N   H2   sing N N 225 
MET CA  C    sing N N 226 
MET CA  CB   sing N N 227 
MET CA  HA   sing N N 228 
MET C   O    doub N N 229 
MET C   OXT  sing N N 230 
MET CB  CG   sing N N 231 
MET CB  HB2  sing N N 232 
MET CB  HB3  sing N N 233 
MET CG  SD   sing N N 234 
MET CG  HG2  sing N N 235 
MET CG  HG3  sing N N 236 
MET SD  CE   sing N N 237 
MET CE  HE1  sing N N 238 
MET CE  HE2  sing N N 239 
MET CE  HE3  sing N N 240 
MET OXT HXT  sing N N 241 
PHE N   CA   sing N N 242 
PHE N   H    sing N N 243 
PHE N   H2   sing N N 244 
PHE CA  C    sing N N 245 
PHE CA  CB   sing N N 246 
PHE CA  HA   sing N N 247 
PHE C   O    doub N N 248 
PHE C   OXT  sing N N 249 
PHE CB  CG   sing N N 250 
PHE CB  HB2  sing N N 251 
PHE CB  HB3  sing N N 252 
PHE CG  CD1  doub Y N 253 
PHE CG  CD2  sing Y N 254 
PHE CD1 CE1  sing Y N 255 
PHE CD1 HD1  sing N N 256 
PHE CD2 CE2  doub Y N 257 
PHE CD2 HD2  sing N N 258 
PHE CE1 CZ   doub Y N 259 
PHE CE1 HE1  sing N N 260 
PHE CE2 CZ   sing Y N 261 
PHE CE2 HE2  sing N N 262 
PHE CZ  HZ   sing N N 263 
PHE OXT HXT  sing N N 264 
PRO N   CA   sing N N 265 
PRO N   CD   sing N N 266 
PRO N   H    sing N N 267 
PRO CA  C    sing N N 268 
PRO CA  CB   sing N N 269 
PRO CA  HA   sing N N 270 
PRO C   O    doub N N 271 
PRO C   OXT  sing N N 272 
PRO CB  CG   sing N N 273 
PRO CB  HB2  sing N N 274 
PRO CB  HB3  sing N N 275 
PRO CG  CD   sing N N 276 
PRO CG  HG2  sing N N 277 
PRO CG  HG3  sing N N 278 
PRO CD  HD2  sing N N 279 
PRO CD  HD3  sing N N 280 
PRO OXT HXT  sing N N 281 
SER N   CA   sing N N 282 
SER N   H    sing N N 283 
SER N   H2   sing N N 284 
SER CA  C    sing N N 285 
SER CA  CB   sing N N 286 
SER CA  HA   sing N N 287 
SER C   O    doub N N 288 
SER C   OXT  sing N N 289 
SER CB  OG   sing N N 290 
SER CB  HB2  sing N N 291 
SER CB  HB3  sing N N 292 
SER OG  HG   sing N N 293 
SER OXT HXT  sing N N 294 
THR N   CA   sing N N 295 
THR N   H    sing N N 296 
THR N   H2   sing N N 297 
THR CA  C    sing N N 298 
THR CA  CB   sing N N 299 
THR CA  HA   sing N N 300 
THR C   O    doub N N 301 
THR C   OXT  sing N N 302 
THR CB  OG1  sing N N 303 
THR CB  CG2  sing N N 304 
THR CB  HB   sing N N 305 
THR OG1 HG1  sing N N 306 
THR CG2 HG21 sing N N 307 
THR CG2 HG22 sing N N 308 
THR CG2 HG23 sing N N 309 
THR OXT HXT  sing N N 310 
TRP N   CA   sing N N 311 
TRP N   H    sing N N 312 
TRP N   H2   sing N N 313 
TRP CA  C    sing N N 314 
TRP CA  CB   sing N N 315 
TRP CA  HA   sing N N 316 
TRP C   O    doub N N 317 
TRP C   OXT  sing N N 318 
TRP CB  CG   sing N N 319 
TRP CB  HB2  sing N N 320 
TRP CB  HB3  sing N N 321 
TRP CG  CD1  doub Y N 322 
TRP CG  CD2  sing Y N 323 
TRP CD1 NE1  sing Y N 324 
TRP CD1 HD1  sing N N 325 
TRP CD2 CE2  doub Y N 326 
TRP CD2 CE3  sing Y N 327 
TRP NE1 CE2  sing Y N 328 
TRP NE1 HE1  sing N N 329 
TRP CE2 CZ2  sing Y N 330 
TRP CE3 CZ3  doub Y N 331 
TRP CE3 HE3  sing N N 332 
TRP CZ2 CH2  doub Y N 333 
TRP CZ2 HZ2  sing N N 334 
TRP CZ3 CH2  sing Y N 335 
TRP CZ3 HZ3  sing N N 336 
TRP CH2 HH2  sing N N 337 
TRP OXT HXT  sing N N 338 
TYR N   CA   sing N N 339 
TYR N   H    sing N N 340 
TYR N   H2   sing N N 341 
TYR CA  C    sing N N 342 
TYR CA  CB   sing N N 343 
TYR CA  HA   sing N N 344 
TYR C   O    doub N N 345 
TYR C   OXT  sing N N 346 
TYR CB  CG   sing N N 347 
TYR CB  HB2  sing N N 348 
TYR CB  HB3  sing N N 349 
TYR CG  CD1  doub Y N 350 
TYR CG  CD2  sing Y N 351 
TYR CD1 CE1  sing Y N 352 
TYR CD1 HD1  sing N N 353 
TYR CD2 CE2  doub Y N 354 
TYR CD2 HD2  sing N N 355 
TYR CE1 CZ   doub Y N 356 
TYR CE1 HE1  sing N N 357 
TYR CE2 CZ   sing Y N 358 
TYR CE2 HE2  sing N N 359 
TYR CZ  OH   sing N N 360 
TYR OH  HH   sing N N 361 
TYR OXT HXT  sing N N 362 
VAL N   CA   sing N N 363 
VAL N   H    sing N N 364 
VAL N   H2   sing N N 365 
VAL CA  C    sing N N 366 
VAL CA  CB   sing N N 367 
VAL CA  HA   sing N N 368 
VAL C   O    doub N N 369 
VAL C   OXT  sing N N 370 
VAL CB  CG1  sing N N 371 
VAL CB  CG2  sing N N 372 
VAL CB  HB   sing N N 373 
VAL CG1 HG11 sing N N 374 
VAL CG1 HG12 sing N N 375 
VAL CG1 HG13 sing N N 376 
VAL CG2 HG21 sing N N 377 
VAL CG2 HG22 sing N N 378 
VAL CG2 HG23 sing N N 379 
VAL OXT HXT  sing N N 380 
XYP O1  C1   sing N N 381 
XYP O1  HO1  sing N N 382 
XYP C1  C2   sing N N 383 
XYP C1  O5   sing N N 384 
XYP C1  H1   sing N N 385 
XYP C2  C3   sing N N 386 
XYP C2  O2   sing N N 387 
XYP C2  H2   sing N N 388 
XYP C3  C4   sing N N 389 
XYP C3  O3   sing N N 390 
XYP C3  H3   sing N N 391 
XYP C4  C5   sing N N 392 
XYP C4  O4   sing N N 393 
XYP C4  H4   sing N N 394 
XYP C5  O5   sing N N 395 
XYP C5  H51  sing N N 396 
XYP C5  H52  sing N N 397 
XYP O2  HO2  sing N N 398 
XYP O3  HO3  sing N N 399 
XYP O4  HO4  sing N N 400 
# 
loop_
_pdbx_entity_branch_list.entity_id 
_pdbx_entity_branch_list.comp_id 
_pdbx_entity_branch_list.num 
_pdbx_entity_branch_list.hetero 
2 DFX 1 n 
2 XYP 2 n 
# 
_atom_sites.entry_id                    1C5I 
_atom_sites.fract_transf_matrix[1][1]   0.01142921 
_atom_sites.fract_transf_matrix[1][2]   -0.00769347 
_atom_sites.fract_transf_matrix[1][3]   -0.01818538 
_atom_sites.fract_transf_matrix[2][1]   0.00861340 
_atom_sites.fract_transf_matrix[2][2]   0.01680626 
_atom_sites.fract_transf_matrix[2][3]   -0.00169664 
_atom_sites.fract_transf_matrix[3][1]   0.00934838 
_atom_sites.fract_transf_matrix[3][2]   -0.00402608 
_atom_sites.fract_transf_matrix[3][3]   0.00757857 
_atom_sites.fract_transf_vector[1]      0.738494 
_atom_sites.fract_transf_vector[2]      0.481638 
_atom_sites.fract_transf_vector[3]      0.346583 
# 
loop_
_atom_type.symbol 
C 
F 
N 
O 
S 
# 
loop_
_atom_site.group_PDB 
_atom_site.id 
_atom_site.type_symbol 
_atom_site.label_atom_id 
_atom_site.label_alt_id 
_atom_site.label_comp_id 
_atom_site.label_asym_id 
_atom_site.label_entity_id 
_atom_site.label_seq_id 
_atom_site.pdbx_PDB_ins_code 
_atom_site.Cartn_x 
_atom_site.Cartn_y 
_atom_site.Cartn_z 
_atom_site.occupancy 
_atom_site.B_iso_or_equiv 
_atom_site.pdbx_formal_charge 
_atom_site.auth_seq_id 
_atom_site.auth_comp_id 
_atom_site.auth_asym_id 
_atom_site.auth_atom_id 
_atom_site.pdbx_PDB_model_num 
ATOM   1    N N   . ALA A 1 1   ? 2.768   17.005  -6.450  1.00 30.76 ? 1   ALA A N   1 
ATOM   2    C CA  . ALA A 1 1   ? 4.095   17.061  -5.771  1.00 29.77 ? 1   ALA A CA  1 
ATOM   3    C C   . ALA A 1 1   ? 5.064   16.065  -6.383  1.00 29.18 ? 1   ALA A C   1 
ATOM   4    O O   . ALA A 1 1   ? 4.675   15.148  -7.109  1.00 30.70 ? 1   ALA A O   1 
ATOM   5    C CB  . ALA A 1 1   ? 3.940   16.782  -4.274  1.00 29.37 ? 1   ALA A CB  1 
ATOM   6    N N   . SER A 1 2   ? 6.338   16.256  -6.089  1.00 27.25 ? 2   SER A N   1 
ATOM   7    C CA  . SER A 1 2   ? 7.358   15.375  -6.613  1.00 26.26 ? 2   SER A CA  1 
ATOM   8    C C   . SER A 1 2   ? 7.736   14.320  -5.591  1.00 23.71 ? 2   SER A C   1 
ATOM   9    O O   . SER A 1 2   ? 7.969   14.619  -4.417  1.00 22.11 ? 2   SER A O   1 
ATOM   10   C CB  . SER A 1 2   ? 8.596   16.182  -7.006  1.00 28.97 ? 2   SER A CB  1 
ATOM   11   O OG  . SER A 1 2   ? 9.289   15.548  -8.065  1.00 36.46 ? 2   SER A OG  1 
ATOM   12   N N   . THR A 1 3   ? 7.772   13.072  -6.044  1.00 21.53 ? 3   THR A N   1 
ATOM   13   C CA  . THR A 1 3   ? 8.150   11.975  -5.182  1.00 17.32 ? 3   THR A CA  1 
ATOM   14   C C   . THR A 1 3   ? 9.661   11.950  -5.005  1.00 16.51 ? 3   THR A C   1 
ATOM   15   O O   . THR A 1 3   ? 10.401  12.340  -5.909  1.00 17.08 ? 3   THR A O   1 
ATOM   16   C CB  . THR A 1 3   ? 7.653   10.633  -5.765  1.00 18.23 ? 3   THR A CB  1 
ATOM   17   O OG1 . THR A 1 3   ? 8.322   10.369  -7.002  1.00 16.74 ? 3   THR A OG1 1 
ATOM   18   C CG2 . THR A 1 3   ? 6.146   10.686  -6.013  1.00 13.74 ? 3   THR A CG2 1 
ATOM   19   N N   . ASP A 1 4   ? 10.123  11.524  -3.841  1.00 15.84 ? 4   ASP A N   1 
ATOM   20   C CA  . ASP A 1 4   ? 11.555  11.481  -3.576  1.00 16.05 ? 4   ASP A CA  1 
ATOM   21   C C   . ASP A 1 4   ? 11.973  10.130  -3.046  1.00 17.30 ? 4   ASP A C   1 
ATOM   22   O O   . ASP A 1 4   ? 13.099  9.957   -2.573  1.00 16.96 ? 4   ASP A O   1 
ATOM   23   C CB  . ASP A 1 4   ? 11.931  12.557  -2.557  1.00 17.07 ? 4   ASP A CB  1 
ATOM   24   C CG  . ASP A 1 4   ? 11.193  12.394  -1.239  1.00 21.02 ? 4   ASP A CG  1 
ATOM   25   O OD1 . ASP A 1 4   ? 11.065  11.251  -0.758  1.00 19.37 ? 4   ASP A OD1 1 
ATOM   26   O OD2 . ASP A 1 4   ? 10.734  13.413  -0.685  1.00 25.18 ? 4   ASP A OD2 1 
ATOM   27   N N   . TYR A 1 5   ? 11.063  9.165   -3.117  1.00 16.08 ? 5   TYR A N   1 
ATOM   28   C CA  . TYR A 1 5   ? 11.366  7.841   -2.612  1.00 15.03 ? 5   TYR A CA  1 
ATOM   29   C C   . TYR A 1 5   ? 11.003  6.759   -3.613  1.00 11.96 ? 5   TYR A C   1 
ATOM   30   O O   . TYR A 1 5   ? 9.945   6.801   -4.229  1.00 11.86 ? 5   TYR A O   1 
ATOM   31   C CB  . TYR A 1 5   ? 10.619  7.594   -1.293  1.00 14.12 ? 5   TYR A CB  1 
ATOM   32   C CG  . TYR A 1 5   ? 11.151  6.399   -0.554  1.00 14.37 ? 5   TYR A CG  1 
ATOM   33   C CD1 . TYR A 1 5   ? 12.389  6.452   0.085   1.00 17.55 ? 5   TYR A CD1 1 
ATOM   34   C CD2 . TYR A 1 5   ? 10.461  5.189   -0.557  1.00 16.95 ? 5   TYR A CD2 1 
ATOM   35   C CE1 . TYR A 1 5   ? 12.934  5.329   0.697   1.00 20.20 ? 5   TYR A CE1 1 
ATOM   36   C CE2 . TYR A 1 5   ? 10.996  4.057   0.053   1.00 19.47 ? 5   TYR A CE2 1 
ATOM   37   C CZ  . TYR A 1 5   ? 12.234  4.131   0.677   1.00 20.44 ? 5   TYR A CZ  1 
ATOM   38   O OH  . TYR A 1 5   ? 12.778  3.009   1.257   1.00 23.40 ? 5   TYR A OH  1 
ATOM   39   N N   . TRP A 1 6   ? 11.914  5.806   -3.782  1.00 13.73 ? 6   TRP A N   1 
ATOM   40   C CA  . TRP A 1 6   ? 11.703  4.651   -4.656  1.00 13.79 ? 6   TRP A CA  1 
ATOM   41   C C   . TRP A 1 6   ? 11.740  3.364   -3.836  1.00 12.42 ? 6   TRP A C   1 
ATOM   42   O O   . TRP A 1 6   ? 12.778  3.002   -3.276  1.00 11.76 ? 6   TRP A O   1 
ATOM   43   C CB  . TRP A 1 6   ? 12.777  4.592   -5.749  1.00 13.38 ? 6   TRP A CB  1 
ATOM   44   C CG  . TRP A 1 6   ? 12.844  3.283   -6.521  1.00 11.36 ? 6   TRP A CG  1 
ATOM   45   C CD1 . TRP A 1 6   ? 13.930  2.464   -6.645  1.00 10.81 ? 6   TRP A CD1 1 
ATOM   46   C CD2 . TRP A 1 6   ? 11.822  2.719   -7.363  1.00 7.62  ? 6   TRP A CD2 1 
ATOM   47   N NE1 . TRP A 1 6   ? 13.656  1.436   -7.514  1.00 12.05 ? 6   TRP A NE1 1 
ATOM   48   C CE2 . TRP A 1 6   ? 12.371  1.565   -7.973  1.00 9.56  ? 6   TRP A CE2 1 
ATOM   49   C CE3 . TRP A 1 6   ? 10.506  3.078   -7.665  1.00 8.93  ? 6   TRP A CE3 1 
ATOM   50   C CZ2 . TRP A 1 6   ? 11.643  0.766   -8.866  1.00 8.70  ? 6   TRP A CZ2 1 
ATOM   51   C CZ3 . TRP A 1 6   ? 9.780   2.282   -8.555  1.00 9.95  ? 6   TRP A CZ3 1 
ATOM   52   C CH2 . TRP A 1 6   ? 10.354  1.141   -9.145  1.00 9.36  ? 6   TRP A CH2 1 
ATOM   53   N N   . GLN A 1 7   ? 10.595  2.698   -3.743  1.00 12.49 ? 7   GLN A N   1 
ATOM   54   C CA  . GLN A 1 7   ? 10.490  1.458   -2.985  1.00 10.83 ? 7   GLN A CA  1 
ATOM   55   C C   . GLN A 1 7   ? 10.573  0.242   -3.903  1.00 9.83  ? 7   GLN A C   1 
ATOM   56   O O   . GLN A 1 7   ? 9.811   0.111   -4.861  1.00 10.53 ? 7   GLN A O   1 
ATOM   57   C CB  . GLN A 1 7   ? 9.178   1.437   -2.188  1.00 10.31 ? 7   GLN A CB  1 
ATOM   58   C CG  . GLN A 1 7   ? 8.786   0.087   -1.598  1.00 10.52 ? 7   GLN A CG  1 
ATOM   59   C CD  . GLN A 1 7   ? 9.737   -0.400  -0.511  1.00 13.87 ? 7   GLN A CD  1 
ATOM   60   O OE1 . GLN A 1 7   ? 10.631  0.323   -0.066  1.00 16.12 ? 7   GLN A OE1 1 
ATOM   61   N NE2 . GLN A 1 7   ? 9.542   -1.638  -0.080  1.00 14.10 ? 7   GLN A NE2 1 
ATOM   62   N N   . ASN A 1 8   ? 11.526  -0.635  -3.616  1.00 10.65 ? 8   ASN A N   1 
ATOM   63   C CA  . ASN A 1 8   ? 11.706  -1.845  -4.397  1.00 12.72 ? 8   ASN A CA  1 
ATOM   64   C C   . ASN A 1 8   ? 12.249  -2.970  -3.534  1.00 13.91 ? 8   ASN A C   1 
ATOM   65   O O   . ASN A 1 8   ? 13.463  -3.163  -3.421  1.00 13.48 ? 8   ASN A O   1 
ATOM   66   C CB  . ASN A 1 8   ? 12.650  -1.596  -5.573  1.00 16.57 ? 8   ASN A CB  1 
ATOM   67   C CG  . ASN A 1 8   ? 12.697  -2.769  -6.535  1.00 20.84 ? 8   ASN A CG  1 
ATOM   68   O OD1 . ASN A 1 8   ? 13.561  -2.839  -7.416  1.00 24.71 ? 8   ASN A OD1 1 
ATOM   69   N ND2 . ASN A 1 8   ? 11.769  -3.699  -6.370  1.00 21.08 ? 8   ASN A ND2 1 
ATOM   70   N N   . TRP A 1 9   ? 11.334  -3.708  -2.918  1.00 11.75 ? 9   TRP A N   1 
ATOM   71   C CA  . TRP A 1 9   ? 11.709  -4.809  -2.059  1.00 11.40 ? 9   TRP A CA  1 
ATOM   72   C C   . TRP A 1 9   ? 11.058  -6.100  -2.513  1.00 11.79 ? 9   TRP A C   1 
ATOM   73   O O   . TRP A 1 9   ? 9.893   -6.133  -2.899  1.00 10.25 ? 9   TRP A O   1 
ATOM   74   C CB  . TRP A 1 9   ? 11.291  -4.534  -0.615  1.00 12.31 ? 9   TRP A CB  1 
ATOM   75   C CG  . TRP A 1 9   ? 11.419  -5.733  0.287   1.00 14.32 ? 9   TRP A CG  1 
ATOM   76   C CD1 . TRP A 1 9   ? 12.527  -6.113  0.991   1.00 15.26 ? 9   TRP A CD1 1 
ATOM   77   C CD2 . TRP A 1 9   ? 10.394  -6.684  0.609   1.00 15.03 ? 9   TRP A CD2 1 
ATOM   78   N NE1 . TRP A 1 9   ? 12.254  -7.238  1.735   1.00 17.25 ? 9   TRP A NE1 1 
ATOM   79   C CE2 . TRP A 1 9   ? 10.953  -7.611  1.521   1.00 15.44 ? 9   TRP A CE2 1 
ATOM   80   C CE3 . TRP A 1 9   ? 9.057   -6.843  0.217   1.00 14.93 ? 9   TRP A CE3 1 
ATOM   81   C CZ2 . TRP A 1 9   ? 10.221  -8.682  2.049   1.00 15.31 ? 9   TRP A CZ2 1 
ATOM   82   C CZ3 . TRP A 1 9   ? 8.329   -7.908  0.743   1.00 14.85 ? 9   TRP A CZ3 1 
ATOM   83   C CH2 . TRP A 1 9   ? 8.916   -8.814  1.650   1.00 15.82 ? 9   TRP A CH2 1 
ATOM   84   N N   . THR A 1 10  ? 11.845  -7.157  -2.470  1.00 12.73 ? 10  THR A N   1 
ATOM   85   C CA  . THR A 1 10  ? 11.387  -8.483  -2.811  1.00 14.54 ? 10  THR A CA  1 
ATOM   86   C C   . THR A 1 10  ? 12.019  -9.489  -1.872  1.00 15.04 ? 10  THR A C   1 
ATOM   87   O O   . THR A 1 10  ? 13.173  -9.311  -1.483  1.00 12.99 ? 10  THR A O   1 
ATOM   88   C CB  . THR A 1 10  ? 11.743  -8.850  -4.261  1.00 16.60 ? 10  THR A CB  1 
ATOM   89   O OG1 . THR A 1 10  ? 11.309  -10.187 -4.529  1.00 20.07 ? 10  THR A OG1 1 
ATOM   90   C CG2 . THR A 1 10  ? 13.243  -8.767  -4.486  1.00 18.92 ? 10  THR A CG2 1 
ATOM   91   N N   . ASP A 1 11  ? 11.273  -10.514 -1.470  1.00 15.23 ? 11  ASP A N   1 
ATOM   92   C CA  . ASP A 1 11  ? 11.842  -11.510 -0.571  1.00 16.54 ? 11  ASP A CA  1 
ATOM   93   C C   . ASP A 1 11  ? 12.749  -12.475 -1.326  1.00 17.55 ? 11  ASP A C   1 
ATOM   94   O O   . ASP A 1 11  ? 13.280  -13.422 -0.746  1.00 19.08 ? 11  ASP A O   1 
ATOM   95   C CB  . ASP A 1 11  ? 10.739  -12.265 0.186   1.00 16.82 ? 11  ASP A CB  1 
ATOM   96   C CG  . ASP A 1 11  ? 9.813   -13.047 -0.731  1.00 16.11 ? 11  ASP A CG  1 
ATOM   97   O OD1 . ASP A 1 11  ? 10.142  -13.234 -1.923  1.00 13.94 ? 11  ASP A OD1 1 
ATOM   98   O OD2 . ASP A 1 11  ? 8.749   -13.477 -0.244  1.00 17.67 ? 11  ASP A OD2 1 
ATOM   99   N N   . GLY A 1 12  ? 12.933  -12.214 -2.618  1.00 18.09 ? 12  GLY A N   1 
ATOM   100  C CA  . GLY A 1 12  ? 13.804  -13.043 -3.436  1.00 19.20 ? 12  GLY A CA  1 
ATOM   101  C C   . GLY A 1 12  ? 13.124  -14.053 -4.341  1.00 18.72 ? 12  GLY A C   1 
ATOM   102  O O   . GLY A 1 12  ? 13.780  -14.661 -5.194  1.00 19.26 ? 12  GLY A O   1 
ATOM   103  N N   . GLY A 1 13  ? 11.813  -14.216 -4.185  1.00 16.05 ? 13  GLY A N   1 
ATOM   104  C CA  . GLY A 1 13  ? 11.092  -15.184 -4.990  1.00 15.25 ? 13  GLY A CA  1 
ATOM   105  C C   . GLY A 1 13  ? 10.604  -14.762 -6.362  1.00 16.55 ? 13  GLY A C   1 
ATOM   106  O O   . GLY A 1 13  ? 10.071  -13.667 -6.545  1.00 18.53 ? 13  GLY A O   1 
ATOM   107  N N   . GLY A 1 14  ? 10.785  -15.656 -7.330  1.00 14.71 ? 14  GLY A N   1 
ATOM   108  C CA  . GLY A 1 14  ? 10.337  -15.401 -8.688  1.00 14.80 ? 14  GLY A CA  1 
ATOM   109  C C   . GLY A 1 14  ? 10.983  -14.230 -9.392  1.00 15.87 ? 14  GLY A C   1 
ATOM   110  O O   . GLY A 1 14  ? 12.092  -13.814 -9.057  1.00 16.08 ? 14  GLY A O   1 
ATOM   111  N N   . ILE A 1 15  ? 10.274  -13.689 -10.376 1.00 15.76 ? 15  ILE A N   1 
ATOM   112  C CA  . ILE A 1 15  ? 10.780  -12.569 -11.155 1.00 16.19 ? 15  ILE A CA  1 
ATOM   113  C C   . ILE A 1 15  ? 10.004  -11.286 -10.876 1.00 14.53 ? 15  ILE A C   1 
ATOM   114  O O   . ILE A 1 15  ? 8.779   -11.250 -10.955 1.00 14.05 ? 15  ILE A O   1 
ATOM   115  C CB  . ILE A 1 15  ? 10.697  -12.862 -12.676 1.00 19.30 ? 15  ILE A CB  1 
ATOM   116  C CG1 . ILE A 1 15  ? 11.585  -14.060 -13.025 1.00 20.31 ? 15  ILE A CG1 1 
ATOM   117  C CG2 . ILE A 1 15  ? 11.119  -11.635 -13.481 1.00 19.44 ? 15  ILE A CG2 1 
ATOM   118  C CD1 . ILE A 1 15  ? 11.196  -14.737 -14.318 1.00 25.10 ? 15  ILE A CD1 1 
ATOM   119  N N   . VAL A 1 16  ? 10.743  -10.234 -10.547 1.00 13.93 ? 16  VAL A N   1 
ATOM   120  C CA  . VAL A 1 16  ? 10.174  -8.924  -10.306 1.00 12.53 ? 16  VAL A CA  1 
ATOM   121  C C   . VAL A 1 16  ? 10.939  -7.877  -11.103 1.00 12.14 ? 16  VAL A C   1 
ATOM   122  O O   . VAL A 1 16  ? 12.040  -7.492  -10.723 1.00 13.70 ? 16  VAL A O   1 
ATOM   123  C CB  . VAL A 1 16  ? 10.230  -8.549  -8.811  1.00 12.33 ? 16  VAL A CB  1 
ATOM   124  C CG1 . VAL A 1 16  ? 9.582   -7.188  -8.589  1.00 13.96 ? 16  VAL A CG1 1 
ATOM   125  C CG2 . VAL A 1 16  ? 9.519   -9.609  -7.987  1.00 13.70 ? 16  VAL A CG2 1 
ATOM   126  N N   . ASN A 1 17  ? 10.376  -7.464  -12.234 1.00 10.63 ? 17  ASN A N   1 
ATOM   127  C CA  . ASN A 1 17  ? 11.006  -6.461  -13.084 1.00 11.35 ? 17  ASN A CA  1 
ATOM   128  C C   . ASN A 1 17  ? 10.444  -5.080  -12.776 1.00 11.83 ? 17  ASN A C   1 
ATOM   129  O O   . ASN A 1 17  ? 9.458   -4.646  -13.375 1.00 11.68 ? 17  ASN A O   1 
ATOM   130  C CB  . ASN A 1 17  ? 10.783  -6.817  -14.563 1.00 13.90 ? 17  ASN A CB  1 
ATOM   131  C CG  . ASN A 1 17  ? 11.324  -5.760  -15.516 1.00 15.62 ? 17  ASN A CG  1 
ATOM   132  O OD1 . ASN A 1 17  ? 10.608  -5.280  -16.397 1.00 18.20 ? 17  ASN A OD1 1 
ATOM   133  N ND2 . ASN A 1 17  ? 12.589  -5.395  -15.348 1.00 14.45 ? 17  ASN A ND2 1 
ATOM   134  N N   . ALA A 1 18  ? 11.071  -4.410  -11.812 1.00 12.41 ? 18  ALA A N   1 
ATOM   135  C CA  . ALA A 1 18  ? 10.645  -3.084  -11.377 1.00 13.67 ? 18  ALA A CA  1 
ATOM   136  C C   . ALA A 1 18  ? 11.386  -2.001  -12.140 1.00 13.66 ? 18  ALA A C   1 
ATOM   137  O O   . ALA A 1 18  ? 12.609  -1.999  -12.194 1.00 14.97 ? 18  ALA A O   1 
ATOM   138  C CB  . ALA A 1 18  ? 10.890  -2.934  -9.886  1.00 10.65 ? 18  ALA A CB  1 
ATOM   139  N N   . VAL A 1 19  ? 10.639  -1.072  -12.716 1.00 13.55 ? 19  VAL A N   1 
ATOM   140  C CA  . VAL A 1 19  ? 11.236  -0.005  -13.495 1.00 15.08 ? 19  VAL A CA  1 
ATOM   141  C C   . VAL A 1 19  ? 11.023  1.354   -12.839 1.00 13.72 ? 19  VAL A C   1 
ATOM   142  O O   . VAL A 1 19  ? 9.890   1.779   -12.628 1.00 12.29 ? 19  VAL A O   1 
ATOM   143  C CB  . VAL A 1 19  ? 10.624  0.049   -14.917 1.00 15.32 ? 19  VAL A CB  1 
ATOM   144  C CG1 . VAL A 1 19  ? 11.184  1.238   -15.686 1.00 15.75 ? 19  VAL A CG1 1 
ATOM   145  C CG2 . VAL A 1 19  ? 10.919  -1.249  -15.655 1.00 17.46 ? 19  VAL A CG2 1 
ATOM   146  N N   . ASN A 1 20  ? 12.123  2.008   -12.488 1.00 13.10 ? 20  ASN A N   1 
ATOM   147  C CA  . ASN A 1 20  ? 12.068  3.346   -11.929 1.00 13.77 ? 20  ASN A CA  1 
ATOM   148  C C   . ASN A 1 20  ? 11.901  4.353   -13.062 1.00 15.32 ? 20  ASN A C   1 
ATOM   149  O O   . ASN A 1 20  ? 12.881  4.755   -13.690 1.00 15.55 ? 20  ASN A O   1 
ATOM   150  C CB  . ASN A 1 20  ? 13.359  3.632   -11.153 1.00 14.54 ? 20  ASN A CB  1 
ATOM   151  C CG  . ASN A 1 20  ? 13.290  4.909   -10.339 1.00 14.66 ? 20  ASN A CG  1 
ATOM   152  O OD1 . ASN A 1 20  ? 12.399  5.733   -10.527 1.00 14.00 ? 20  ASN A OD1 1 
ATOM   153  N ND2 . ASN A 1 20  ? 14.246  5.083   -9.429  1.00 15.49 ? 20  ASN A ND2 1 
ATOM   154  N N   . GLY A 1 21  ? 10.656  4.717   -13.351 1.00 14.85 ? 21  GLY A N   1 
ATOM   155  C CA  . GLY A 1 21  ? 10.390  5.625   -14.449 1.00 14.15 ? 21  GLY A CA  1 
ATOM   156  C C   . GLY A 1 21  ? 10.637  7.095   -14.199 1.00 14.64 ? 21  GLY A C   1 
ATOM   157  O O   . GLY A 1 21  ? 11.147  7.483   -13.153 1.00 12.97 ? 21  GLY A O   1 
ATOM   158  N N   . SER A 1 22  ? 10.262  7.913   -15.174 1.00 15.48 ? 22  SER A N   1 
ATOM   159  C CA  . SER A 1 22  ? 10.431  9.356   -15.071 1.00 17.84 ? 22  SER A CA  1 
ATOM   160  C C   . SER A 1 22  ? 9.422   9.951   -14.098 1.00 16.13 ? 22  SER A C   1 
ATOM   161  O O   . SER A 1 22  ? 8.282   9.487   -14.004 1.00 14.41 ? 22  SER A O   1 
ATOM   162  C CB  . SER A 1 22  ? 10.268  10.016  -16.449 1.00 18.53 ? 22  SER A CB  1 
ATOM   163  O OG  . SER A 1 22  ? 8.919   10.380  -16.689 1.00 27.07 ? 22  SER A OG  1 
ATOM   164  N N   . GLY A 1 23  ? 9.854   10.978  -13.373 1.00 14.67 ? 23  GLY A N   1 
ATOM   165  C CA  . GLY A 1 23  ? 8.974   11.628  -12.422 1.00 13.30 ? 23  GLY A CA  1 
ATOM   166  C C   . GLY A 1 23  ? 8.428   10.649  -11.401 1.00 10.14 ? 23  GLY A C   1 
ATOM   167  O O   . GLY A 1 23  ? 9.184   9.926   -10.754 1.00 9.31  ? 23  GLY A O   1 
ATOM   168  N N   . GLY A 1 24  ? 7.108   10.622  -11.262 1.00 9.74  ? 24  GLY A N   1 
ATOM   169  C CA  . GLY A 1 24  ? 6.487   9.720   -10.310 1.00 10.03 ? 24  GLY A CA  1 
ATOM   170  C C   . GLY A 1 24  ? 5.953   8.456   -10.957 1.00 10.71 ? 24  GLY A C   1 
ATOM   171  O O   . GLY A 1 24  ? 5.123   7.756   -10.376 1.00 10.42 ? 24  GLY A O   1 
ATOM   172  N N   . ASN A 1 25  ? 6.442   8.145   -12.150 1.00 9.07  ? 25  ASN A N   1 
ATOM   173  C CA  . ASN A 1 25  ? 5.977   6.964   -12.855 1.00 9.10  ? 25  ASN A CA  1 
ATOM   174  C C   . ASN A 1 25  ? 6.871   5.757   -12.589 1.00 9.54  ? 25  ASN A C   1 
ATOM   175  O O   . ASN A 1 25  ? 8.087   5.870   -12.442 1.00 9.60  ? 25  ASN A O   1 
ATOM   176  C CB  . ASN A 1 25  ? 5.918   7.225   -14.357 1.00 8.16  ? 25  ASN A CB  1 
ATOM   177  C CG  . ASN A 1 25  ? 5.617   5.975   -15.151 1.00 11.68 ? 25  ASN A CG  1 
ATOM   178  O OD1 . ASN A 1 25  ? 6.518   5.358   -15.718 1.00 12.63 ? 25  ASN A OD1 1 
ATOM   179  N ND2 . ASN A 1 25  ? 4.347   5.587   -15.191 1.00 10.17 ? 25  ASN A ND2 1 
ATOM   180  N N   . TYR A 1 26  ? 6.237   4.591   -12.514 1.00 9.99  ? 26  TYR A N   1 
ATOM   181  C CA  . TYR A 1 26  ? 6.938   3.332   -12.328 1.00 8.58  ? 26  TYR A CA  1 
ATOM   182  C C   . TYR A 1 26  ? 6.110   2.186   -12.878 1.00 10.46 ? 26  TYR A C   1 
ATOM   183  O O   . TYR A 1 26  ? 4.894   2.312   -13.041 1.00 8.91  ? 26  TYR A O   1 
ATOM   184  C CB  . TYR A 1 26  ? 7.268   3.084   -10.844 1.00 9.29  ? 26  TYR A CB  1 
ATOM   185  C CG  . TYR A 1 26  ? 6.100   2.637   -9.984  1.00 9.07  ? 26  TYR A CG  1 
ATOM   186  C CD1 . TYR A 1 26  ? 5.777   1.281   -9.855  1.00 10.21 ? 26  TYR A CD1 1 
ATOM   187  C CD2 . TYR A 1 26  ? 5.332   3.567   -9.281  1.00 7.07  ? 26  TYR A CD2 1 
ATOM   188  C CE1 . TYR A 1 26  ? 4.719   0.866   -9.043  1.00 11.48 ? 26  TYR A CE1 1 
ATOM   189  C CE2 . TYR A 1 26  ? 4.277   3.167   -8.469  1.00 9.63  ? 26  TYR A CE2 1 
ATOM   190  C CZ  . TYR A 1 26  ? 3.973   1.815   -8.356  1.00 11.35 ? 26  TYR A CZ  1 
ATOM   191  O OH  . TYR A 1 26  ? 2.918   1.420   -7.558  1.00 9.54  ? 26  TYR A OH  1 
ATOM   192  N N   . SER A 1 27  ? 6.769   1.085   -13.210 1.00 9.76  ? 27  SER A N   1 
ATOM   193  C CA  . SER A 1 27  ? 6.051   -0.063  -13.721 1.00 11.04 ? 27  SER A CA  1 
ATOM   194  C C   . SER A 1 27  ? 6.618   -1.345  -13.150 1.00 9.81  ? 27  SER A C   1 
ATOM   195  O O   . SER A 1 27  ? 7.773   -1.400  -12.728 1.00 9.55  ? 27  SER A O   1 
ATOM   196  C CB  . SER A 1 27  ? 6.076   -0.082  -15.259 1.00 11.82 ? 27  SER A CB  1 
ATOM   197  O OG  . SER A 1 27  ? 7.394   -0.163  -15.762 1.00 15.45 ? 27  SER A OG  1 
ATOM   198  N N   . VAL A 1 28  ? 5.785   -2.373  -13.098 1.00 11.21 ? 28  VAL A N   1 
ATOM   199  C CA  . VAL A 1 28  ? 6.233   -3.647  -12.567 1.00 11.45 ? 28  VAL A CA  1 
ATOM   200  C C   . VAL A 1 28  ? 5.687   -4.806  -13.376 1.00 9.83  ? 28  VAL A C   1 
ATOM   201  O O   . VAL A 1 28  ? 4.515   -4.838  -13.739 1.00 10.67 ? 28  VAL A O   1 
ATOM   202  C CB  . VAL A 1 28  ? 5.773   -3.881  -11.088 1.00 12.36 ? 28  VAL A CB  1 
ATOM   203  C CG1 . VAL A 1 28  ? 6.720   -4.862  -10.403 1.00 13.28 ? 28  VAL A CG1 1 
ATOM   204  C CG2 . VAL A 1 28  ? 5.720   -2.577  -10.323 1.00 14.23 ? 28  VAL A CG2 1 
ATOM   205  N N   . ASN A 1 29  ? 6.581   -5.728  -13.684 1.00 9.88  ? 29  ASN A N   1 
ATOM   206  C CA  . ASN A 1 29  ? 6.249   -6.979  -14.336 1.00 11.42 ? 29  ASN A CA  1 
ATOM   207  C C   . ASN A 1 29  ? 6.703   -8.113  -13.432 1.00 10.48 ? 29  ASN A C   1 
ATOM   208  O O   . ASN A 1 29  ? 7.901   -8.256  -13.186 1.00 12.20 ? 29  ASN A O   1 
ATOM   209  C CB  . ASN A 1 29  ? 6.957   -7.110  -15.685 1.00 15.48 ? 29  ASN A CB  1 
ATOM   210  C CG  . ASN A 1 29  ? 6.705   -5.932  -16.592 1.00 19.24 ? 29  ASN A CG  1 
ATOM   211  O OD1 . ASN A 1 29  ? 5.582   -5.712  -17.049 1.00 21.16 ? 29  ASN A OD1 1 
ATOM   212  N ND2 . ASN A 1 29  ? 7.752   -5.162  -16.859 1.00 21.10 ? 29  ASN A ND2 1 
ATOM   213  N N   . TRP A 1 30  ? 5.774   -8.897  -12.899 1.00 10.31 ? 30  TRP A N   1 
ATOM   214  C CA  . TRP A 1 30  ? 6.173   -9.956  -11.986 1.00 6.35  ? 30  TRP A CA  1 
ATOM   215  C C   . TRP A 1 30  ? 5.574   -11.300 -12.371 1.00 6.14  ? 30  TRP A C   1 
ATOM   216  O O   . TRP A 1 30  ? 4.564   -11.370 -13.067 1.00 7.22  ? 30  TRP A O   1 
ATOM   217  C CB  . TRP A 1 30  ? 5.786   -9.577  -10.550 1.00 7.08  ? 30  TRP A CB  1 
ATOM   218  C CG  . TRP A 1 30  ? 4.309   -9.623  -10.216 1.00 7.77  ? 30  TRP A CG  1 
ATOM   219  C CD1 . TRP A 1 30  ? 3.650   -10.633 -9.570  1.00 7.27  ? 30  TRP A CD1 1 
ATOM   220  C CD2 . TRP A 1 30  ? 3.343   -8.573  -10.401 1.00 8.05  ? 30  TRP A CD2 1 
ATOM   221  N NE1 . TRP A 1 30  ? 2.344   -10.274 -9.338  1.00 9.29  ? 30  TRP A NE1 1 
ATOM   222  C CE2 . TRP A 1 30  ? 2.128   -9.015  -9.836  1.00 10.63 ? 30  TRP A CE2 1 
ATOM   223  C CE3 . TRP A 1 30  ? 3.389   -7.297  -10.989 1.00 10.34 ? 30  TRP A CE3 1 
ATOM   224  C CZ2 . TRP A 1 30  ? 0.963   -8.226  -9.838  1.00 11.29 ? 30  TRP A CZ2 1 
ATOM   225  C CZ3 . TRP A 1 30  ? 2.232   -6.515  -10.989 1.00 11.39 ? 30  TRP A CZ3 1 
ATOM   226  C CH2 . TRP A 1 30  ? 1.037   -6.984  -10.416 1.00 11.07 ? 30  TRP A CH2 1 
ATOM   227  N N   . SER A 1 31  ? 6.222   -12.369 -11.925 1.00 9.02  ? 31  SER A N   1 
ATOM   228  C CA  . SER A 1 31  ? 5.732   -13.705 -12.219 1.00 11.75 ? 31  SER A CA  1 
ATOM   229  C C   . SER A 1 31  ? 6.288   -14.739 -11.239 1.00 10.70 ? 31  SER A C   1 
ATOM   230  O O   . SER A 1 31  ? 7.492   -14.780 -10.960 1.00 9.55  ? 31  SER A O   1 
ATOM   231  C CB  . SER A 1 31  ? 6.053   -14.076 -13.670 1.00 11.99 ? 31  SER A CB  1 
ATOM   232  O OG  . SER A 1 31  ? 7.311   -14.700 -13.781 1.00 24.29 ? 31  SER A OG  1 
ATOM   233  N N   . ASN A 1 32  ? 5.374   -15.548 -10.695 1.00 11.90 ? 32  ASN A N   1 
ATOM   234  C CA  . ASN A 1 32  ? 5.699   -16.616 -9.748  1.00 9.96  ? 32  ASN A CA  1 
ATOM   235  C C   . ASN A 1 32  ? 6.611   -16.115 -8.648  1.00 9.35  ? 32  ASN A C   1 
ATOM   236  O O   . ASN A 1 32  ? 7.664   -16.685 -8.376  1.00 9.10  ? 32  ASN A O   1 
ATOM   237  C CB  . ASN A 1 32  ? 6.352   -17.774 -10.504 1.00 11.80 ? 32  ASN A CB  1 
ATOM   238  C CG  . ASN A 1 32  ? 5.514   -18.241 -11.680 1.00 13.74 ? 32  ASN A CG  1 
ATOM   239  O OD1 . ASN A 1 32  ? 4.366   -18.652 -11.514 1.00 13.52 ? 32  ASN A OD1 1 
ATOM   240  N ND2 . ASN A 1 32  ? 6.082   -18.174 -12.876 1.00 15.87 ? 32  ASN A ND2 1 
ATOM   241  N N   . THR A 1 33  ? 6.172   -15.061 -7.981  1.00 10.48 ? 33  THR A N   1 
ATOM   242  C CA  . THR A 1 33  ? 6.965   -14.434 -6.934  1.00 9.62  ? 33  THR A CA  1 
ATOM   243  C C   . THR A 1 33  ? 6.579   -14.924 -5.542  1.00 9.39  ? 33  THR A C   1 
ATOM   244  O O   . THR A 1 33  ? 5.695   -15.761 -5.357  1.00 10.08 ? 33  THR A O   1 
ATOM   245  C CB  . THR A 1 33  ? 6.737   -12.915 -6.959  1.00 10.42 ? 33  THR A CB  1 
ATOM   246  O OG1 . THR A 1 33  ? 5.370   -12.639 -6.625  1.00 9.98  ? 33  THR A OG1 1 
ATOM   247  C CG2 . THR A 1 33  ? 7.016   -12.359 -8.353  1.00 8.80  ? 33  THR A CG2 1 
ATOM   248  N N   . GLY A 1 34  ? 7.291   -14.375 -4.567  1.00 10.10 ? 34  GLY A N   1 
ATOM   249  C CA  . GLY A 1 34  ? 7.011   -14.628 -3.175  1.00 8.83  ? 34  GLY A CA  1 
ATOM   250  C C   . GLY A 1 34  ? 6.329   -13.309 -2.864  1.00 7.61  ? 34  GLY A C   1 
ATOM   251  O O   . GLY A 1 34  ? 5.411   -12.913 -3.582  1.00 9.36  ? 34  GLY A O   1 
ATOM   252  N N   . ASP A 1 35  ? 6.767   -12.614 -1.823  1.00 9.25  ? 35  ASP A N   1 
ATOM   253  C CA  . ASP A 1 35  ? 6.197   -11.311 -1.500  1.00 9.59  ? 35  ASP A CA  1 
ATOM   254  C C   . ASP A 1 35  ? 7.111   -10.199 -2.003  1.00 9.17  ? 35  ASP A C   1 
ATOM   255  O O   . ASP A 1 35  ? 8.332   -10.321 -1.947  1.00 9.23  ? 35  ASP A O   1 
ATOM   256  C CB  . ASP A 1 35  ? 6.002   -11.169 0.014   1.00 11.13 ? 35  ASP A CB  1 
ATOM   257  C CG  . ASP A 1 35  ? 5.111   -9.983  0.393   1.00 14.69 ? 35  ASP A CG  1 
ATOM   258  O OD1 . ASP A 1 35  ? 4.453   -9.391  -0.488  1.00 15.10 ? 35  ASP A OD1 1 
ATOM   259  O OD2 . ASP A 1 35  ? 5.062   -9.639  1.592   1.00 17.10 ? 35  ASP A OD2 1 
ATOM   260  N N   . PHE A 1 36  ? 6.517   -9.138  -2.526  1.00 8.64  ? 36  PHE A N   1 
ATOM   261  C CA  . PHE A 1 36  ? 7.282   -7.999  -3.007  1.00 9.80  ? 36  PHE A CA  1 
ATOM   262  C C   . PHE A 1 36  ? 6.461   -6.720  -2.914  1.00 8.51  ? 36  PHE A C   1 
ATOM   263  O O   . PHE A 1 36  ? 5.234   -6.756  -2.971  1.00 8.98  ? 36  PHE A O   1 
ATOM   264  C CB  . PHE A 1 36  ? 7.749   -8.236  -4.458  1.00 9.15  ? 36  PHE A CB  1 
ATOM   265  C CG  . PHE A 1 36  ? 6.689   -7.989  -5.496  1.00 9.37  ? 36  PHE A CG  1 
ATOM   266  C CD1 . PHE A 1 36  ? 6.440   -6.696  -5.971  1.00 8.64  ? 36  PHE A CD1 1 
ATOM   267  C CD2 . PHE A 1 36  ? 5.917   -9.034  -5.979  1.00 7.55  ? 36  PHE A CD2 1 
ATOM   268  C CE1 . PHE A 1 36  ? 5.433   -6.457  -6.903  1.00 9.08  ? 36  PHE A CE1 1 
ATOM   269  C CE2 . PHE A 1 36  ? 4.909   -8.806  -6.911  1.00 9.29  ? 36  PHE A CE2 1 
ATOM   270  C CZ  . PHE A 1 36  ? 4.664   -7.517  -7.374  1.00 9.17  ? 36  PHE A CZ  1 
ATOM   271  N N   . VAL A 1 37  ? 7.143   -5.596  -2.724  1.00 7.53  ? 37  VAL A N   1 
ATOM   272  C CA  . VAL A 1 37  ? 6.490   -4.295  -2.658  1.00 7.98  ? 37  VAL A CA  1 
ATOM   273  C C   . VAL A 1 37  ? 7.277   -3.278  -3.469  1.00 6.88  ? 37  VAL A C   1 
ATOM   274  O O   . VAL A 1 37  ? 8.453   -3.046  -3.197  1.00 8.72  ? 37  VAL A O   1 
ATOM   275  C CB  . VAL A 1 37  ? 6.370   -3.778  -1.211  1.00 8.60  ? 37  VAL A CB  1 
ATOM   276  C CG1 . VAL A 1 37  ? 5.556   -2.488  -1.198  1.00 7.40  ? 37  VAL A CG1 1 
ATOM   277  C CG2 . VAL A 1 37  ? 5.701   -4.821  -0.336  1.00 9.91  ? 37  VAL A CG2 1 
ATOM   278  N N   . VAL A 1 38  ? 6.633   -2.704  -4.476  1.00 6.87  ? 38  VAL A N   1 
ATOM   279  C CA  . VAL A 1 38  ? 7.267   -1.722  -5.349  1.00 8.42  ? 38  VAL A CA  1 
ATOM   280  C C   . VAL A 1 38  ? 6.420   -0.466  -5.442  1.00 7.97  ? 38  VAL A C   1 
ATOM   281  O O   . VAL A 1 38  ? 5.202   -0.541  -5.485  1.00 8.38  ? 38  VAL A O   1 
ATOM   282  C CB  . VAL A 1 38  ? 7.468   -2.311  -6.770  1.00 7.96  ? 38  VAL A CB  1 
ATOM   283  C CG1 . VAL A 1 38  ? 7.877   -1.224  -7.745  1.00 10.47 ? 38  VAL A CG1 1 
ATOM   284  C CG2 . VAL A 1 38  ? 8.520   -3.406  -6.727  1.00 8.69  ? 38  VAL A CG2 1 
ATOM   285  N N   . GLY A 1 39  ? 7.059   0.697   -5.467  1.00 11.45 ? 39  GLY A N   1 
ATOM   286  C CA  . GLY A 1 39  ? 6.288   1.918   -5.559  1.00 10.11 ? 39  GLY A CA  1 
ATOM   287  C C   . GLY A 1 39  ? 7.084   3.195   -5.402  1.00 8.92  ? 39  GLY A C   1 
ATOM   288  O O   . GLY A 1 39  ? 8.277   3.177   -5.115  1.00 8.09  ? 39  GLY A O   1 
ATOM   289  N N   . LYS A 1 40  ? 6.404   4.312   -5.612  1.00 9.17  ? 40  LYS A N   1 
ATOM   290  C CA  . LYS A 1 40  ? 7.027   5.618   -5.483  1.00 8.32  ? 40  LYS A CA  1 
ATOM   291  C C   . LYS A 1 40  ? 6.267   6.481   -4.498  1.00 7.68  ? 40  LYS A C   1 
ATOM   292  O O   . LYS A 1 40  ? 5.043   6.399   -4.399  1.00 6.63  ? 40  LYS A O   1 
ATOM   293  C CB  . LYS A 1 40  ? 7.086   6.309   -6.843  1.00 7.77  ? 40  LYS A CB  1 
ATOM   294  C CG  . LYS A 1 40  ? 8.218   5.821   -7.700  1.00 7.14  ? 40  LYS A CG  1 
ATOM   295  C CD  . LYS A 1 40  ? 8.452   6.754   -8.857  1.00 8.24  ? 40  LYS A CD  1 
ATOM   296  C CE  . LYS A 1 40  ? 9.767   6.444   -9.542  1.00 9.48  ? 40  LYS A CE  1 
ATOM   297  N NZ  . LYS A 1 40  ? 9.761   7.024   -10.910 1.00 11.80 ? 40  LYS A NZ  1 
ATOM   298  N N   . GLY A 1 41  ? 6.998   7.315   -3.775  1.00 6.93  ? 41  GLY A N   1 
ATOM   299  C CA  . GLY A 1 41  ? 6.359   8.169   -2.807  1.00 6.82  ? 41  GLY A CA  1 
ATOM   300  C C   . GLY A 1 41  ? 7.330   9.093   -2.114  1.00 8.94  ? 41  GLY A C   1 
ATOM   301  O O   . GLY A 1 41  ? 8.188   9.697   -2.753  1.00 9.60  ? 41  GLY A O   1 
ATOM   302  N N   . TRP A 1 42  ? 7.212   9.167   -0.796  1.00 7.93  ? 42  TRP A N   1 
ATOM   303  C CA  . TRP A 1 42  ? 8.026   10.068  -0.005  1.00 10.91 ? 42  TRP A CA  1 
ATOM   304  C C   . TRP A 1 42  ? 8.804   9.339   1.075   1.00 11.16 ? 42  TRP A C   1 
ATOM   305  O O   . TRP A 1 42  ? 8.322   8.383   1.672   1.00 11.85 ? 42  TRP A O   1 
ATOM   306  C CB  . TRP A 1 42  ? 7.115   11.141  0.597   1.00 9.94  ? 42  TRP A CB  1 
ATOM   307  C CG  . TRP A 1 42  ? 6.387   11.892  -0.478  1.00 10.43 ? 42  TRP A CG  1 
ATOM   308  C CD1 . TRP A 1 42  ? 6.789   13.051  -1.082  1.00 13.58 ? 42  TRP A CD1 1 
ATOM   309  C CD2 . TRP A 1 42  ? 5.183   11.488  -1.150  1.00 13.47 ? 42  TRP A CD2 1 
ATOM   310  N NE1 . TRP A 1 42  ? 5.915   13.389  -2.089  1.00 13.81 ? 42  TRP A NE1 1 
ATOM   311  C CE2 . TRP A 1 42  ? 4.922   12.447  -2.154  1.00 13.79 ? 42  TRP A CE2 1 
ATOM   312  C CE3 . TRP A 1 42  ? 4.303   10.404  -1.001  1.00 10.15 ? 42  TRP A CE3 1 
ATOM   313  C CZ2 . TRP A 1 42  ? 3.811   12.358  -3.010  1.00 13.64 ? 42  TRP A CZ2 1 
ATOM   314  C CZ3 . TRP A 1 42  ? 3.200   10.315  -1.855  1.00 10.64 ? 42  TRP A CZ3 1 
ATOM   315  C CH2 . TRP A 1 42  ? 2.967   11.288  -2.847  1.00 13.74 ? 42  TRP A CH2 1 
ATOM   316  N N   . THR A 1 43  ? 10.019  9.819   1.317   1.00 12.12 ? 43  THR A N   1 
ATOM   317  C CA  . THR A 1 43  ? 10.911  9.244   2.315   1.00 13.17 ? 43  THR A CA  1 
ATOM   318  C C   . THR A 1 43  ? 10.303  9.331   3.706   1.00 12.15 ? 43  THR A C   1 
ATOM   319  O O   . THR A 1 43  ? 10.490  8.443   4.531   1.00 13.13 ? 43  THR A O   1 
ATOM   320  C CB  . THR A 1 43  ? 12.267  9.965   2.318   1.00 14.35 ? 43  THR A CB  1 
ATOM   321  O OG1 . THR A 1 43  ? 12.790  9.987   0.988   1.00 20.73 ? 43  THR A OG1 1 
ATOM   322  C CG2 . THR A 1 43  ? 13.248  9.255   3.234   1.00 18.27 ? 43  THR A CG2 1 
ATOM   323  N N   . THR A 1 44  ? 9.589   10.418  3.974   1.00 12.25 ? 44  THR A N   1 
ATOM   324  C CA  . THR A 1 44  ? 8.938   10.587  5.262   1.00 12.30 ? 44  THR A CA  1 
ATOM   325  C C   . THR A 1 44  ? 7.442   10.755  5.085   1.00 11.58 ? 44  THR A C   1 
ATOM   326  O O   . THR A 1 44  ? 6.977   11.718  4.471   1.00 10.92 ? 44  THR A O   1 
ATOM   327  C CB  . THR A 1 44  ? 9.482   11.804  6.041   1.00 15.29 ? 44  THR A CB  1 
ATOM   328  O OG1 . THR A 1 44  ? 10.889  11.653  6.246   1.00 15.36 ? 44  THR A OG1 1 
ATOM   329  C CG2 . THR A 1 44  ? 8.804   11.900  7.403   1.00 15.94 ? 44  THR A CG2 1 
ATOM   330  N N   . GLY A 1 45  ? 6.693   9.804   5.621   1.00 7.40  ? 45  GLY A N   1 
ATOM   331  C CA  . GLY A 1 45  ? 5.257   9.869   5.498   1.00 7.21  ? 45  GLY A CA  1 
ATOM   332  C C   . GLY A 1 45  ? 4.669   10.974  6.349   1.00 7.12  ? 45  GLY A C   1 
ATOM   333  O O   . GLY A 1 45  ? 5.290   11.464  7.295   1.00 10.35 ? 45  GLY A O   1 
ATOM   334  N N   . SER A 1 46  ? 3.457   11.363  5.998   1.00 7.57  ? 46  SER A N   1 
ATOM   335  C CA  . SER A 1 46  ? 2.738   12.396  6.716   1.00 10.17 ? 46  SER A CA  1 
ATOM   336  C C   . SER A 1 46  ? 1.263   12.042  6.838   1.00 9.72  ? 46  SER A C   1 
ATOM   337  O O   . SER A 1 46  ? 0.659   11.523  5.902   1.00 10.28 ? 46  SER A O   1 
ATOM   338  C CB  . SER A 1 46  ? 2.863   13.742  5.988   1.00 10.12 ? 46  SER A CB  1 
ATOM   339  O OG  . SER A 1 46  ? 1.990   14.708  6.553   1.00 9.98  ? 46  SER A OG  1 
ATOM   340  N N   . PRO A 1 47  ? 0.674   12.288  8.014   1.00 10.60 ? 47  PRO A N   1 
ATOM   341  C CA  . PRO A 1 47  ? -0.745  11.999  8.229   1.00 10.16 ? 47  PRO A CA  1 
ATOM   342  C C   . PRO A 1 47  ? -1.647  13.032  7.538   1.00 10.25 ? 47  PRO A C   1 
ATOM   343  O O   . PRO A 1 47  ? -2.858  12.841  7.464   1.00 10.73 ? 47  PRO A O   1 
ATOM   344  C CB  . PRO A 1 47  ? -0.892  12.040  9.746   1.00 10.05 ? 47  PRO A CB  1 
ATOM   345  C CG  . PRO A 1 47  ? 0.190   12.977  10.193  1.00 11.66 ? 47  PRO A CG  1 
ATOM   346  C CD  . PRO A 1 47  ? 1.331   12.799  9.232   1.00 10.20 ? 47  PRO A CD  1 
ATOM   347  N N   . PHE A 1 48  ? -1.060  14.119  7.029   1.00 9.83  ? 48  PHE A N   1 
ATOM   348  C CA  . PHE A 1 48  ? -1.845  15.166  6.359   1.00 10.82 ? 48  PHE A CA  1 
ATOM   349  C C   . PHE A 1 48  ? -1.640  15.150  4.856   1.00 9.56  ? 48  PHE A C   1 
ATOM   350  O O   . PHE A 1 48  ? -2.184  15.990  4.143   1.00 10.17 ? 48  PHE A O   1 
ATOM   351  C CB  . PHE A 1 48  ? -1.458  16.562  6.856   1.00 14.18 ? 48  PHE A CB  1 
ATOM   352  C CG  . PHE A 1 48  ? -1.362  16.674  8.337   1.00 13.56 ? 48  PHE A CG  1 
ATOM   353  C CD1 . PHE A 1 48  ? -2.487  16.519  9.132   1.00 16.14 ? 48  PHE A CD1 1 
ATOM   354  C CD2 . PHE A 1 48  ? -0.146  16.944  8.941   1.00 16.42 ? 48  PHE A CD2 1 
ATOM   355  C CE1 . PHE A 1 48  ? -2.396  16.627  10.509  1.00 19.53 ? 48  PHE A CE1 1 
ATOM   356  C CE2 . PHE A 1 48  ? -0.047  17.055  10.319  1.00 18.62 ? 48  PHE A CE2 1 
ATOM   357  C CZ  . PHE A 1 48  ? -1.171  16.897  11.103  1.00 17.76 ? 48  PHE A CZ  1 
ATOM   358  N N   . ARG A 1 49  ? -0.869  14.191  4.365   1.00 10.90 ? 49  ARG A N   1 
ATOM   359  C CA  . ARG A 1 49  ? -0.588  14.131  2.940   1.00 9.49  ? 49  ARG A CA  1 
ATOM   360  C C   . ARG A 1 49  ? -1.796  13.659  2.119   1.00 9.50  ? 49  ARG A C   1 
ATOM   361  O O   . ARG A 1 49  ? -2.584  12.811  2.545   1.00 9.29  ? 49  ARG A O   1 
ATOM   362  C CB  . ARG A 1 49  ? 0.595   13.198  2.683   1.00 10.85 ? 49  ARG A CB  1 
ATOM   363  C CG  . ARG A 1 49  ? 0.694   12.735  1.242   1.00 14.29 ? 49  ARG A CG  1 
ATOM   364  C CD  . ARG A 1 49  ? 2.094   12.853  0.672   1.00 13.69 ? 49  ARG A CD  1 
ATOM   365  N NE  . ARG A 1 49  ? 3.148   12.675  1.668   1.00 17.47 ? 49  ARG A NE  1 
ATOM   366  C CZ  . ARG A 1 49  ? 4.215   13.461  1.758   1.00 17.23 ? 49  ARG A CZ  1 
ATOM   367  N NH1 . ARG A 1 49  ? 4.364   14.474  0.912   1.00 19.14 ? 49  ARG A NH1 1 
ATOM   368  N NH2 . ARG A 1 49  ? 5.133   13.233  2.686   1.00 17.29 ? 49  ARG A NH2 1 
ATOM   369  N N   . THR A 1 50  ? -1.935  14.259  0.941   1.00 6.75  ? 50  THR A N   1 
ATOM   370  C CA  . THR A 1 50  ? -2.949  13.874  -0.036  1.00 8.43  ? 50  THR A CA  1 
ATOM   371  C C   . THR A 1 50  ? -2.251  13.242  -1.228  1.00 10.01 ? 50  THR A C   1 
ATOM   372  O O   . THR A 1 50  ? -1.471  13.900  -1.911  1.00 11.85 ? 50  THR A O   1 
ATOM   373  C CB  . THR A 1 50  ? -3.769  15.083  -0.532  1.00 6.71  ? 50  THR A CB  1 
ATOM   374  O OG1 . THR A 1 50  ? -4.422  15.704  0.576   1.00 9.88  ? 50  THR A OG1 1 
ATOM   375  C CG2 . THR A 1 50  ? -4.824  14.647  -1.530  1.00 6.17  ? 50  THR A CG2 1 
ATOM   376  N N   . ILE A 1 51  ? -2.499  11.961  -1.460  1.00 7.66  ? 51  ILE A N   1 
ATOM   377  C CA  . ILE A 1 51  ? -1.806  11.257  -2.526  1.00 9.40  ? 51  ILE A CA  1 
ATOM   378  C C   . ILE A 1 51  ? -2.625  11.177  -3.791  1.00 9.83  ? 51  ILE A C   1 
ATOM   379  O O   . ILE A 1 51  ? -3.800  10.826  -3.775  1.00 11.02 ? 51  ILE A O   1 
ATOM   380  C CB  . ILE A 1 51  ? -1.427  9.826   -2.084  1.00 9.54  ? 51  ILE A CB  1 
ATOM   381  C CG1 . ILE A 1 51  ? -0.442  9.893   -0.913  1.00 11.38 ? 51  ILE A CG1 1 
ATOM   382  C CG2 . ILE A 1 51  ? -0.806  9.057   -3.238  1.00 11.18 ? 51  ILE A CG2 1 
ATOM   383  C CD1 . ILE A 1 51  ? -1.121  9.865   0.446   1.00 11.08 ? 51  ILE A CD1 1 
ATOM   384  N N   . ASN A 1 52  ? -1.978  11.513  -4.898  1.00 9.27  ? 52  ASN A N   1 
ATOM   385  C CA  . ASN A 1 52  ? -2.603  11.423  -6.202  1.00 9.84  ? 52  ASN A CA  1 
ATOM   386  C C   . ASN A 1 52  ? -1.926  10.351  -7.027  1.00 8.14  ? 52  ASN A C   1 
ATOM   387  O O   . ASN A 1 52  ? -0.714  10.148  -6.930  1.00 7.95  ? 52  ASN A O   1 
ATOM   388  C CB  . ASN A 1 52  ? -2.518  12.753  -6.948  1.00 12.64 ? 52  ASN A CB  1 
ATOM   389  C CG  . ASN A 1 52  ? -3.324  13.840  -6.284  1.00 17.82 ? 52  ASN A CG  1 
ATOM   390  O OD1 . ASN A 1 52  ? -4.534  13.938  -6.484  1.00 20.68 ? 52  ASN A OD1 1 
ATOM   391  N ND2 . ASN A 1 52  ? -2.660  14.662  -5.481  1.00 21.35 ? 52  ASN A ND2 1 
ATOM   392  N N   . TYR A 1 53  ? -2.709  9.644   -7.822  1.00 8.87  ? 53  TYR A N   1 
ATOM   393  C CA  . TYR A 1 53  ? -2.137  8.608   -8.652  1.00 7.96  ? 53  TYR A CA  1 
ATOM   394  C C   . TYR A 1 53  ? -3.044  8.262   -9.811  1.00 7.33  ? 53  TYR A C   1 
ATOM   395  O O   . TYR A 1 53  ? -4.241  8.559   -9.823  1.00 8.18  ? 53  TYR A O   1 
ATOM   396  C CB  . TYR A 1 53  ? -1.837  7.346   -7.821  1.00 8.80  ? 53  TYR A CB  1 
ATOM   397  C CG  . TYR A 1 53  ? -3.053  6.489   -7.497  1.00 10.26 ? 53  TYR A CG  1 
ATOM   398  C CD1 . TYR A 1 53  ? -3.818  6.725   -6.352  1.00 8.63  ? 53  TYR A CD1 1 
ATOM   399  C CD2 . TYR A 1 53  ? -3.441  5.448   -8.344  1.00 11.54 ? 53  TYR A CD2 1 
ATOM   400  C CE1 . TYR A 1 53  ? -4.950  5.941   -6.058  1.00 8.51  ? 53  TYR A CE1 1 
ATOM   401  C CE2 . TYR A 1 53  ? -4.567  4.660   -8.062  1.00 9.50  ? 53  TYR A CE2 1 
ATOM   402  C CZ  . TYR A 1 53  ? -5.317  4.916   -6.921  1.00 8.27  ? 53  TYR A CZ  1 
ATOM   403  O OH  . TYR A 1 53  ? -6.446  4.165   -6.665  1.00 9.25  ? 53  TYR A OH  1 
ATOM   404  N N   . ASN A 1 54  ? -2.425  7.657   -10.807 1.00 6.78  ? 54  ASN A N   1 
ATOM   405  C CA  . ASN A 1 54  ? -3.106  7.186   -11.983 1.00 8.93  ? 54  ASN A CA  1 
ATOM   406  C C   . ASN A 1 54  ? -2.477  5.888   -12.435 1.00 9.88  ? 54  ASN A C   1 
ATOM   407  O O   . ASN A 1 54  ? -1.322  5.869   -12.868 1.00 7.98  ? 54  ASN A O   1 
ATOM   408  C CB  . ASN A 1 54  ? -3.044  8.226   -13.119 1.00 7.71  ? 54  ASN A CB  1 
ATOM   409  C CG  . ASN A 1 54  ? -3.930  7.857   -14.310 1.00 9.65  ? 54  ASN A CG  1 
ATOM   410  O OD1 . ASN A 1 54  ? -4.718  8.677   -14.794 1.00 10.30 ? 54  ASN A OD1 1 
ATOM   411  N ND2 . ASN A 1 54  ? -3.801  6.628   -14.790 1.00 7.54  ? 54  ASN A ND2 1 
ATOM   412  N N   . ALA A 1 55  ? -3.212  4.795   -12.261 1.00 7.94  ? 55  ALA A N   1 
ATOM   413  C CA  . ALA A 1 55  ? -2.725  3.493   -12.686 1.00 10.79 ? 55  ALA A CA  1 
ATOM   414  C C   . ALA A 1 55  ? -3.137  3.224   -14.125 1.00 9.32  ? 55  ALA A C   1 
ATOM   415  O O   . ALA A 1 55  ? -4.265  2.804   -14.393 1.00 9.81  ? 55  ALA A O   1 
ATOM   416  C CB  . ALA A 1 55  ? -3.260  2.390   -11.756 1.00 9.53  ? 55  ALA A CB  1 
ATOM   417  N N   . GLY A 1 56  ? -2.225  3.519   -15.048 1.00 9.48  ? 56  GLY A N   1 
ATOM   418  C CA  . GLY A 1 56  ? -2.494  3.309   -16.457 1.00 8.78  ? 56  GLY A CA  1 
ATOM   419  C C   . GLY A 1 56  ? -2.658  1.831   -16.734 1.00 9.87  ? 56  GLY A C   1 
ATOM   420  O O   . GLY A 1 56  ? -3.378  1.434   -17.644 1.00 10.79 ? 56  GLY A O   1 
ATOM   421  N N   . VAL A 1 57  ? -1.967  1.015   -15.945 1.00 9.32  ? 57  VAL A N   1 
ATOM   422  C CA  . VAL A 1 57  ? -2.057  -0.426  -16.092 1.00 10.87 ? 57  VAL A CA  1 
ATOM   423  C C   . VAL A 1 57  ? -2.168  -1.113  -14.743 1.00 10.89 ? 57  VAL A C   1 
ATOM   424  O O   . VAL A 1 57  ? -1.347  -0.921  -13.850 1.00 10.04 ? 57  VAL A O   1 
ATOM   425  C CB  . VAL A 1 57  ? -0.830  -1.017  -16.834 1.00 12.06 ? 57  VAL A CB  1 
ATOM   426  C CG1 . VAL A 1 57  ? -0.870  -2.543  -16.771 1.00 11.50 ? 57  VAL A CG1 1 
ATOM   427  C CG2 . VAL A 1 57  ? -0.826  -0.571  -18.286 1.00 12.69 ? 57  VAL A CG2 1 
ATOM   428  N N   . TRP A 1 58  ? -3.229  -1.891  -14.602 1.00 10.64 ? 58  TRP A N   1 
ATOM   429  C CA  . TRP A 1 58  ? -3.462  -2.684  -13.408 1.00 11.20 ? 58  TRP A CA  1 
ATOM   430  C C   . TRP A 1 58  ? -3.980  -4.051  -13.820 1.00 10.18 ? 58  TRP A C   1 
ATOM   431  O O   . TRP A 1 58  ? -5.183  -4.242  -13.990 1.00 12.29 ? 58  TRP A O   1 
ATOM   432  C CB  . TRP A 1 58  ? -4.455  -1.991  -12.469 1.00 9.14  ? 58  TRP A CB  1 
ATOM   433  C CG  . TRP A 1 58  ? -4.693  -2.777  -11.217 1.00 9.58  ? 58  TRP A CG  1 
ATOM   434  C CD1 . TRP A 1 58  ? -5.895  -3.240  -10.760 1.00 9.85  ? 58  TRP A CD1 1 
ATOM   435  C CD2 . TRP A 1 58  ? -3.700  -3.260  -10.297 1.00 8.90  ? 58  TRP A CD2 1 
ATOM   436  N NE1 . TRP A 1 58  ? -5.712  -3.983  -9.620  1.00 11.53 ? 58  TRP A NE1 1 
ATOM   437  C CE2 . TRP A 1 58  ? -4.377  -4.015  -9.310  1.00 10.63 ? 58  TRP A CE2 1 
ATOM   438  C CE3 . TRP A 1 58  ? -2.307  -3.130  -10.214 1.00 9.08  ? 58  TRP A CE3 1 
ATOM   439  C CZ2 . TRP A 1 58  ? -3.708  -4.640  -8.246  1.00 8.89  ? 58  TRP A CZ2 1 
ATOM   440  C CZ3 . TRP A 1 58  ? -1.640  -3.751  -9.157  1.00 10.08 ? 58  TRP A CZ3 1 
ATOM   441  C CH2 . TRP A 1 58  ? -2.343  -4.498  -8.187  1.00 9.52  ? 58  TRP A CH2 1 
ATOM   442  N N   . ALA A 1 59  ? -3.055  -4.985  -14.013 1.00 9.33  ? 59  ALA A N   1 
ATOM   443  C CA  . ALA A 1 59  ? -3.404  -6.308  -14.511 1.00 10.33 ? 59  ALA A CA  1 
ATOM   444  C C   . ALA A 1 59  ? -2.829  -7.426  -13.655 1.00 9.67  ? 59  ALA A C   1 
ATOM   445  O O   . ALA A 1 59  ? -1.932  -8.144  -14.084 1.00 10.30 ? 59  ALA A O   1 
ATOM   446  C CB  . ALA A 1 59  ? -2.904  -6.442  -15.943 1.00 10.21 ? 59  ALA A CB  1 
ATOM   447  N N   . PRO A 1 60  ? -3.345  -7.603  -12.437 1.00 10.57 ? 60  PRO A N   1 
ATOM   448  C CA  . PRO A 1 60  ? -2.763  -8.696  -11.664 1.00 11.55 ? 60  PRO A CA  1 
ATOM   449  C C   . PRO A 1 60  ? -3.392  -10.029 -12.081 1.00 12.65 ? 60  PRO A C   1 
ATOM   450  O O   . PRO A 1 60  ? -4.580  -10.101 -12.386 1.00 12.93 ? 60  PRO A O   1 
ATOM   451  C CB  . PRO A 1 60  ? -3.110  -8.334  -10.221 1.00 9.88  ? 60  PRO A CB  1 
ATOM   452  C CG  . PRO A 1 60  ? -4.396  -7.573  -10.330 1.00 10.79 ? 60  PRO A CG  1 
ATOM   453  C CD  . PRO A 1 60  ? -4.404  -6.894  -11.694 1.00 12.28 ? 60  PRO A CD  1 
ATOM   454  N N   . ASN A 1 61  ? -2.566  -11.068 -12.127 1.00 14.62 ? 61  ASN A N   1 
ATOM   455  C CA  . ASN A 1 61  ? -2.999  -12.431 -12.438 1.00 16.64 ? 61  ASN A CA  1 
ATOM   456  C C   . ASN A 1 61  ? -2.871  -13.291 -11.195 1.00 17.93 ? 61  ASN A C   1 
ATOM   457  O O   . ASN A 1 61  ? -2.084  -14.244 -11.152 1.00 23.15 ? 61  ASN A O   1 
ATOM   458  C CB  . ASN A 1 61  ? -2.130  -13.034 -13.544 1.00 18.17 ? 61  ASN A CB  1 
ATOM   459  C CG  . ASN A 1 61  ? -2.735  -12.862 -14.908 1.00 20.79 ? 61  ASN A CG  1 
ATOM   460  O OD1 . ASN A 1 61  ? -3.904  -12.513 -15.039 1.00 24.92 ? 61  ASN A OD1 1 
ATOM   461  N ND2 . ASN A 1 61  ? -1.943  -13.102 -15.941 1.00 24.79 ? 61  ASN A ND2 1 
ATOM   462  N N   . GLY A 1 62  ? -3.624  -12.908 -10.169 1.00 13.49 ? 62  GLY A N   1 
ATOM   463  C CA  . GLY A 1 62  ? -3.571  -13.599 -8.899  1.00 11.15 ? 62  GLY A CA  1 
ATOM   464  C C   . GLY A 1 62  ? -3.617  -12.576 -7.773  1.00 9.57  ? 62  GLY A C   1 
ATOM   465  O O   . GLY A 1 62  ? -4.225  -11.516 -7.921  1.00 10.63 ? 62  GLY A O   1 
ATOM   466  N N   . ASN A 1 63  ? -2.962  -12.884 -6.662  1.00 8.52  ? 63  ASN A N   1 
ATOM   467  C CA  . ASN A 1 63  ? -2.963  -12.009 -5.499  1.00 10.17 ? 63  ASN A CA  1 
ATOM   468  C C   . ASN A 1 63  ? -2.053  -10.802 -5.698  1.00 9.29  ? 63  ASN A C   1 
ATOM   469  O O   . ASN A 1 63  ? -0.839  -10.940 -5.827  1.00 8.80  ? 63  ASN A O   1 
ATOM   470  C CB  . ASN A 1 63  ? -2.522  -12.787 -4.258  1.00 11.54 ? 63  ASN A CB  1 
ATOM   471  C CG  . ASN A 1 63  ? -2.879  -12.078 -2.960  1.00 13.60 ? 63  ASN A CG  1 
ATOM   472  O OD1 . ASN A 1 63  ? -2.765  -12.658 -1.882  1.00 20.19 ? 63  ASN A OD1 1 
ATOM   473  N ND2 . ASN A 1 63  ? -3.311  -10.825 -3.057  1.00 15.98 ? 63  ASN A ND2 1 
ATOM   474  N N   . GLY A 1 64  ? -2.668  -9.626  -5.710  1.00 10.84 ? 64  GLY A N   1 
ATOM   475  C CA  . GLY A 1 64  ? -1.934  -8.386  -5.869  1.00 9.44  ? 64  GLY A CA  1 
ATOM   476  C C   . GLY A 1 64  ? -2.766  -7.234  -5.336  1.00 9.22  ? 64  GLY A C   1 
ATOM   477  O O   . GLY A 1 64  ? -3.997  -7.266  -5.423  1.00 9.54  ? 64  GLY A O   1 
ATOM   478  N N   . TYR A 1 65  ? -2.096  -6.225  -4.781  1.00 7.95  ? 65  TYR A N   1 
ATOM   479  C CA  . TYR A 1 65  ? -2.776  -5.053  -4.236  1.00 6.07  ? 65  TYR A CA  1 
ATOM   480  C C   . TYR A 1 65  ? -2.231  -3.747  -4.826  1.00 7.02  ? 65  TYR A C   1 
ATOM   481  O O   . TYR A 1 65  ? -1.020  -3.561  -4.980  1.00 7.72  ? 65  TYR A O   1 
ATOM   482  C CB  . TYR A 1 65  ? -2.576  -4.904  -2.720  1.00 6.53  ? 65  TYR A CB  1 
ATOM   483  C CG  . TYR A 1 65  ? -2.789  -6.117  -1.849  1.00 9.78  ? 65  TYR A CG  1 
ATOM   484  C CD1 . TYR A 1 65  ? -3.880  -6.972  -2.043  1.00 7.94  ? 65  TYR A CD1 1 
ATOM   485  C CD2 . TYR A 1 65  ? -1.915  -6.386  -0.798  1.00 11.19 ? 65  TYR A CD2 1 
ATOM   486  C CE1 . TYR A 1 65  ? -4.089  -8.066  -1.204  1.00 9.37  ? 65  TYR A CE1 1 
ATOM   487  C CE2 . TYR A 1 65  ? -2.113  -7.476  0.048   1.00 11.97 ? 65  TYR A CE2 1 
ATOM   488  C CZ  . TYR A 1 65  ? -3.202  -8.311  -0.160  1.00 13.49 ? 65  TYR A CZ  1 
ATOM   489  O OH  . TYR A 1 65  ? -3.397  -9.382  0.682   1.00 15.35 ? 65  TYR A OH  1 
ATOM   490  N N   . LEU A 1 66  ? -3.154  -2.868  -5.183  1.00 6.10  ? 66  LEU A N   1 
ATOM   491  C CA  . LEU A 1 66  ? -2.834  -1.506  -5.578  1.00 5.19  ? 66  LEU A CA  1 
ATOM   492  C C   . LEU A 1 66  ? -3.169  -0.641  -4.374  1.00 5.28  ? 66  LEU A C   1 
ATOM   493  O O   . LEU A 1 66  ? -4.343  -0.370  -4.114  1.00 5.13  ? 66  LEU A O   1 
ATOM   494  C CB  . LEU A 1 66  ? -3.665  -1.100  -6.795  1.00 5.93  ? 66  LEU A CB  1 
ATOM   495  C CG  . LEU A 1 66  ? -3.448  0.332   -7.290  1.00 8.52  ? 66  LEU A CG  1 
ATOM   496  C CD1 . LEU A 1 66  ? -2.026  0.475   -7.829  1.00 9.81  ? 66  LEU A CD1 1 
ATOM   497  C CD2 . LEU A 1 66  ? -4.484  0.668   -8.359  1.00 8.80  ? 66  LEU A CD2 1 
ATOM   498  N N   . THR A 1 67  ? -2.161  -0.222  -3.617  1.00 6.74  ? 67  THR A N   1 
ATOM   499  C CA  . THR A 1 67  ? -2.503  0.389   -2.341  1.00 7.30  ? 67  THR A CA  1 
ATOM   500  C C   . THR A 1 67  ? -1.487  1.412   -1.849  1.00 5.59  ? 67  THR A C   1 
ATOM   501  O O   . THR A 1 67  ? -0.303  1.353   -2.162  1.00 5.77  ? 67  THR A O   1 
ATOM   502  C CB  . THR A 1 67  ? -2.521  -0.760  -1.283  1.00 6.32  ? 67  THR A CB  1 
ATOM   503  O OG1 . THR A 1 67  ? -2.653  -0.243  0.046   1.00 6.32  ? 67  THR A OG1 1 
ATOM   504  C CG2 . THR A 1 67  ? -1.198  -1.531  -1.356  1.00 6.67  ? 67  THR A CG2 1 
ATOM   505  N N   . LEU A 1 68  ? -1.992  2.354   -1.057  1.00 5.73  ? 68  LEU A N   1 
ATOM   506  C CA  . LEU A 1 68  ? -1.103  3.254   -0.358  1.00 5.65  ? 68  LEU A CA  1 
ATOM   507  C C   . LEU A 1 68  ? -0.389  2.430   0.693   1.00 7.80  ? 68  LEU A C   1 
ATOM   508  O O   . LEU A 1 68  ? -1.030  1.633   1.375   1.00 8.19  ? 68  LEU A O   1 
ATOM   509  C CB  . LEU A 1 68  ? -1.888  4.376   0.326   1.00 6.36  ? 68  LEU A CB  1 
ATOM   510  C CG  . LEU A 1 68  ? -1.065  5.306   1.226   1.00 6.17  ? 68  LEU A CG  1 
ATOM   511  C CD1 . LEU A 1 68  ? -0.205  6.212   0.364   1.00 7.18  ? 68  LEU A CD1 1 
ATOM   512  C CD2 . LEU A 1 68  ? -1.988  6.133   2.100   1.00 8.22  ? 68  LEU A CD2 1 
ATOM   513  N N   . TYR A 1 69  ? 0.912   2.583   0.839   1.00 5.54  ? 69  TYR A N   1 
ATOM   514  C CA  . TYR A 1 69  ? 1.626   1.723   1.749   1.00 5.38  ? 69  TYR A CA  1 
ATOM   515  C C   . TYR A 1 69  ? 2.684   2.497   2.519   1.00 7.66  ? 69  TYR A C   1 
ATOM   516  O O   . TYR A 1 69  ? 3.366   3.350   1.959   1.00 9.66  ? 69  TYR A O   1 
ATOM   517  C CB  . TYR A 1 69  ? 2.239   0.603   0.895   1.00 3.80  ? 69  TYR A CB  1 
ATOM   518  C CG  . TYR A 1 69  ? 3.144   -0.350  1.612   1.00 6.27  ? 69  TYR A CG  1 
ATOM   519  C CD1 . TYR A 1 69  ? 2.640   -1.499  2.224   1.00 6.79  ? 69  TYR A CD1 1 
ATOM   520  C CD2 . TYR A 1 69  ? 4.514   -0.118  1.676   1.00 7.38  ? 69  TYR A CD2 1 
ATOM   521  C CE1 . TYR A 1 69  ? 3.491   -2.391  2.883   1.00 9.24  ? 69  TYR A CE1 1 
ATOM   522  C CE2 . TYR A 1 69  ? 5.367   -1.001  2.331   1.00 9.43  ? 69  TYR A CE2 1 
ATOM   523  C CZ  . TYR A 1 69  ? 4.849   -2.130  2.932   1.00 7.12  ? 69  TYR A CZ  1 
ATOM   524  O OH  . TYR A 1 69  ? 5.703   -2.979  3.581   1.00 8.12  ? 69  TYR A OH  1 
ATOM   525  N N   . GLY A 1 70  ? 2.819   2.199   3.802   1.00 7.42  ? 70  GLY A N   1 
ATOM   526  C CA  . GLY A 1 70  ? 3.807   2.894   4.598   1.00 8.80  ? 70  GLY A CA  1 
ATOM   527  C C   . GLY A 1 70  ? 4.031   2.263   5.953   1.00 10.47 ? 70  GLY A C   1 
ATOM   528  O O   . GLY A 1 70  ? 3.346   1.311   6.334   1.00 7.98  ? 70  GLY A O   1 
ATOM   529  N N   . TRP A 1 71  ? 5.005   2.801   6.680   1.00 9.09  ? 71  TRP A N   1 
ATOM   530  C CA  . TRP A 1 71  ? 5.338   2.307   8.005   1.00 9.26  ? 71  TRP A CA  1 
ATOM   531  C C   . TRP A 1 71  ? 5.569   3.448   8.985   1.00 11.21 ? 71  TRP A C   1 
ATOM   532  O O   . TRP A 1 71  ? 5.823   4.594   8.607   1.00 11.73 ? 71  TRP A O   1 
ATOM   533  C CB  . TRP A 1 71  ? 6.644   1.508   7.990   1.00 8.65  ? 71  TRP A CB  1 
ATOM   534  C CG  . TRP A 1 71  ? 6.641   0.193   7.285   1.00 8.83  ? 71  TRP A CG  1 
ATOM   535  C CD1 . TRP A 1 71  ? 6.787   -0.018  5.943   1.00 9.31  ? 71  TRP A CD1 1 
ATOM   536  C CD2 . TRP A 1 71  ? 6.648   -1.099  7.899   1.00 8.51  ? 71  TRP A CD2 1 
ATOM   537  N NE1 . TRP A 1 71  ? 6.897   -1.363  5.683   1.00 9.42  ? 71  TRP A NE1 1 
ATOM   538  C CE2 . TRP A 1 71  ? 6.815   -2.054  6.863   1.00 10.98 ? 71  TRP A CE2 1 
ATOM   539  C CE3 . TRP A 1 71  ? 6.535   -1.552  9.216   1.00 10.23 ? 71  TRP A CE3 1 
ATOM   540  C CZ2 . TRP A 1 71  ? 6.870   -3.429  7.111   1.00 7.27  ? 71  TRP A CZ2 1 
ATOM   541  C CZ3 . TRP A 1 71  ? 6.592   -2.924  9.462   1.00 11.72 ? 71  TRP A CZ3 1 
ATOM   542  C CH2 . TRP A 1 71  ? 6.758   -3.842  8.411   1.00 8.16  ? 71  TRP A CH2 1 
ATOM   543  N N   . THR A 1 72  ? 5.474   3.095   10.255  1.00 11.89 ? 72  THR A N   1 
ATOM   544  C CA  . THR A 1 72  ? 5.795   3.976   11.359  1.00 10.87 ? 72  THR A CA  1 
ATOM   545  C C   . THR A 1 72  ? 6.530   3.183   12.398  1.00 12.17 ? 72  THR A C   1 
ATOM   546  O O   . THR A 1 72  ? 6.450   1.958   12.393  1.00 12.53 ? 72  THR A O   1 
ATOM   547  C CB  . THR A 1 72  ? 4.573   4.601   12.073  1.00 11.39 ? 72  THR A CB  1 
ATOM   548  O OG1 . THR A 1 72  ? 3.834   3.578   12.749  1.00 11.94 ? 72  THR A OG1 1 
ATOM   549  C CG2 . THR A 1 72  ? 3.685   5.338   11.097  1.00 12.75 ? 72  THR A CG2 1 
ATOM   550  N N   . ARG A 1 73  ? 7.289   3.865   13.237  1.00 13.26 ? 73  ARG A N   1 
ATOM   551  C CA  . ARG A 1 73  ? 7.991   3.223   14.331  1.00 14.94 ? 73  ARG A CA  1 
ATOM   552  C C   . ARG A 1 73  ? 7.473   3.781   15.644  1.00 15.87 ? 73  ARG A C   1 
ATOM   553  O O   . ARG A 1 73  ? 6.858   4.848   15.642  1.00 15.95 ? 73  ARG A O   1 
ATOM   554  C CB  . ARG A 1 73  ? 9.501   3.456   14.217  1.00 15.88 ? 73  ARG A CB  1 
ATOM   555  C CG  . ARG A 1 73  ? 10.168  2.651   13.115  1.00 17.26 ? 73  ARG A CG  1 
ATOM   556  C CD  . ARG A 1 73  ? 11.661  2.951   13.033  1.00 17.88 ? 73  ARG A CD  1 
ATOM   557  N NE  . ARG A 1 73  ? 12.346  2.139   12.031  1.00 19.94 ? 73  ARG A NE  1 
ATOM   558  C CZ  . ARG A 1 73  ? 12.616  2.547   10.792  1.00 19.75 ? 73  ARG A CZ  1 
ATOM   559  N NH1 . ARG A 1 73  ? 12.257  3.759   10.398  1.00 22.22 ? 73  ARG A NH1 1 
ATOM   560  N NH2 . ARG A 1 73  ? 13.250  1.741   9.946   1.00 21.14 ? 73  ARG A NH2 1 
ATOM   561  N N   . SER A 1 74  ? 7.679   3.070   16.748  1.00 17.50 ? 74  SER A N   1 
ATOM   562  C CA  . SER A 1 74  ? 7.214   3.531   18.058  1.00 20.28 ? 74  SER A CA  1 
ATOM   563  C C   . SER A 1 74  ? 5.715   3.846   18.052  1.00 18.69 ? 74  SER A C   1 
ATOM   564  O O   . SER A 1 74  ? 5.306   4.984   18.273  1.00 18.56 ? 74  SER A O   1 
ATOM   565  C CB  . SER A 1 74  ? 7.990   4.778   18.487  1.00 22.83 ? 74  SER A CB  1 
ATOM   566  O OG  . SER A 1 74  ? 9.382   4.528   18.451  1.00 28.87 ? 74  SER A OG  1 
ATOM   567  N N   . PRO A 1 75  ? 4.874   2.831   17.828  1.00 18.79 ? 75  PRO A N   1 
ATOM   568  C CA  . PRO A 1 75  ? 5.277   1.445   17.588  1.00 19.17 ? 75  PRO A CA  1 
ATOM   569  C C   . PRO A 1 75  ? 5.414   1.114   16.106  1.00 16.85 ? 75  PRO A C   1 
ATOM   570  O O   . PRO A 1 75  ? 5.009   1.896   15.243  1.00 15.98 ? 75  PRO A O   1 
ATOM   571  C CB  . PRO A 1 75  ? 4.159   0.643   18.242  1.00 19.21 ? 75  PRO A CB  1 
ATOM   572  C CG  . PRO A 1 75  ? 2.938   1.559   18.154  1.00 20.51 ? 75  PRO A CG  1 
ATOM   573  C CD  . PRO A 1 75  ? 3.409   2.968   17.843  1.00 20.52 ? 75  PRO A CD  1 
ATOM   574  N N   . LEU A 1 76  ? 5.991   -0.054  15.835  1.00 15.04 ? 76  LEU A N   1 
ATOM   575  C CA  . LEU A 1 76  ? 6.175   -0.538  14.476  1.00 12.98 ? 76  LEU A CA  1 
ATOM   576  C C   . LEU A 1 76  ? 4.838   -0.934  13.866  1.00 13.22 ? 76  LEU A C   1 
ATOM   577  O O   . LEU A 1 76  ? 4.179   -1.851  14.343  1.00 12.89 ? 76  LEU A O   1 
ATOM   578  C CB  . LEU A 1 76  ? 7.119   -1.744  14.480  1.00 14.00 ? 76  LEU A CB  1 
ATOM   579  C CG  . LEU A 1 76  ? 7.744   -2.199  13.163  1.00 14.87 ? 76  LEU A CG  1 
ATOM   580  C CD1 . LEU A 1 76  ? 8.524   -1.054  12.505  1.00 16.02 ? 76  LEU A CD1 1 
ATOM   581  C CD2 . LEU A 1 76  ? 8.664   -3.383  13.454  1.00 14.66 ? 76  LEU A CD2 1 
ATOM   582  N N   . ILE A 1 77  ? 4.430   -0.236  12.819  1.00 10.94 ? 77  ILE A N   1 
ATOM   583  C CA  . ILE A 1 77  ? 3.158   -0.530  12.190  1.00 9.82  ? 77  ILE A CA  1 
ATOM   584  C C   . ILE A 1 77  ? 3.243   -0.393  10.683  1.00 10.17 ? 77  ILE A C   1 
ATOM   585  O O   . ILE A 1 77  ? 3.797   0.576   10.174  1.00 11.15 ? 77  ILE A O   1 
ATOM   586  C CB  . ILE A 1 77  ? 2.058   0.427   12.715  1.00 9.98  ? 77  ILE A CB  1 
ATOM   587  C CG1 . ILE A 1 77  ? 1.694   0.051   14.151  1.00 12.23 ? 77  ILE A CG1 1 
ATOM   588  C CG2 . ILE A 1 77  ? 0.826   0.383   11.822  1.00 7.54  ? 77  ILE A CG2 1 
ATOM   589  C CD1 . ILE A 1 77  ? 0.982   1.135   14.893  1.00 13.97 ? 77  ILE A CD1 1 
ATOM   590  N N   . GLU A 1 78  ? 2.733   -1.404  9.987   1.00 8.43  ? 78  GLU A N   1 
ATOM   591  C CA  . GLU A 1 78  ? 2.639   -1.408  8.534   1.00 6.03  ? 78  GLU A CA  1 
ATOM   592  C C   . GLU A 1 78  ? 1.204   -1.070  8.147   1.00 7.62  ? 78  GLU A C   1 
ATOM   593  O O   . GLU A 1 78  ? 0.292   -1.776  8.565   1.00 9.77  ? 78  GLU A O   1 
ATOM   594  C CB  . GLU A 1 78  ? 3.032   -2.797  8.007   1.00 7.16  ? 78  GLU A CB  1 
ATOM   595  C CG  . GLU A 1 78  ? 3.280   -2.917  6.498   1.00 9.65  ? 78  GLU A CG  1 
ATOM   596  C CD  . GLU A 1 78  ? 3.324   -4.381  6.049   1.00 12.11 ? 78  GLU A CD  1 
ATOM   597  O OE1 . GLU A 1 78  ? 2.460   -5.153  6.468   1.00 13.00 ? 78  GLU A OE1 1 
ATOM   598  O OE2 . GLU A 1 78  ? 4.257   -4.753  5.282   1.00 12.25 ? 78  GLU A OE2 1 
ATOM   599  N N   . TYR A 1 79  ? 0.969   0.004   7.403   1.00 5.72  ? 79  TYR A N   1 
ATOM   600  C CA  . TYR A 1 79  ? -0.411  0.371   7.093   1.00 4.21  ? 79  TYR A CA  1 
ATOM   601  C C   . TYR A 1 79  ? -0.702  0.341   5.601   1.00 5.70  ? 79  TYR A C   1 
ATOM   602  O O   . TYR A 1 79  ? 0.202   0.447   4.758   1.00 5.90  ? 79  TYR A O   1 
ATOM   603  C CB  . TYR A 1 79  ? -0.754  1.744   7.690   1.00 7.92  ? 79  TYR A CB  1 
ATOM   604  C CG  . TYR A 1 79  ? 0.040   2.900   7.110   1.00 9.11  ? 79  TYR A CG  1 
ATOM   605  C CD1 . TYR A 1 79  ? -0.299  3.452   5.871   1.00 8.70  ? 79  TYR A CD1 1 
ATOM   606  C CD2 . TYR A 1 79  ? 1.134   3.437   7.799   1.00 9.50  ? 79  TYR A CD2 1 
ATOM   607  C CE1 . TYR A 1 79  ? 0.434   4.509   5.325   1.00 11.05 ? 79  TYR A CE1 1 
ATOM   608  C CE2 . TYR A 1 79  ? 1.875   4.495   7.264   1.00 10.10 ? 79  TYR A CE2 1 
ATOM   609  C CZ  . TYR A 1 79  ? 1.515   5.025   6.029   1.00 10.47 ? 79  TYR A CZ  1 
ATOM   610  O OH  . TYR A 1 79  ? 2.236   6.066   5.498   1.00 10.76 ? 79  TYR A OH  1 
ATOM   611  N N   . TYR A 1 80  ? -1.995  0.237   5.295   1.00 5.23  ? 80  TYR A N   1 
ATOM   612  C CA  . TYR A 1 80  ? -2.475  0.131   3.928   1.00 4.81  ? 80  TYR A CA  1 
ATOM   613  C C   . TYR A 1 80  ? -3.790  0.860   3.713   1.00 2.99  ? 80  TYR A C   1 
ATOM   614  O O   . TYR A 1 80  ? -4.644  0.953   4.587   1.00 5.90  ? 80  TYR A O   1 
ATOM   615  C CB  . TYR A 1 80  ? -2.814  -1.326  3.574   1.00 4.70  ? 80  TYR A CB  1 
ATOM   616  C CG  . TYR A 1 80  ? -1.700  -2.326  3.511   1.00 3.50  ? 80  TYR A CG  1 
ATOM   617  C CD1 . TYR A 1 80  ? -1.229  -2.943  4.664   1.00 4.85  ? 80  TYR A CD1 1 
ATOM   618  C CD2 . TYR A 1 80  ? -1.181  -2.727  2.282   1.00 6.50  ? 80  TYR A CD2 1 
ATOM   619  C CE1 . TYR A 1 80  ? -0.277  -3.943  4.603   1.00 5.79  ? 80  TYR A CE1 1 
ATOM   620  C CE2 . TYR A 1 80  ? -0.228  -3.726  2.204   1.00 9.21  ? 80  TYR A CE2 1 
ATOM   621  C CZ  . TYR A 1 80  ? 0.219   -4.332  3.369   1.00 7.20  ? 80  TYR A CZ  1 
ATOM   622  O OH  . TYR A 1 80  ? 1.145   -5.334  3.286   1.00 7.86  ? 80  TYR A OH  1 
ATOM   623  N N   . VAL A 1 81  ? -3.923  1.351   2.494   1.00 4.54  ? 81  VAL A N   1 
ATOM   624  C CA  . VAL A 1 81  ? -5.160  1.908   1.951   1.00 4.32  ? 81  VAL A CA  1 
ATOM   625  C C   . VAL A 1 81  ? -5.344  1.322   0.562   1.00 7.21  ? 81  VAL A C   1 
ATOM   626  O O   . VAL A 1 81  ? -4.828  1.841   -0.435  1.00 8.27  ? 81  VAL A O   1 
ATOM   627  C CB  . VAL A 1 81  ? -5.190  3.460   1.854   1.00 5.08  ? 81  VAL A CB  1 
ATOM   628  C CG1 . VAL A 1 81  ? -6.534  3.902   1.254   1.00 6.30  ? 81  VAL A CG1 1 
ATOM   629  C CG2 . VAL A 1 81  ? -5.021  4.094   3.233   1.00 6.57  ? 81  VAL A CG2 1 
ATOM   630  N N   . VAL A 1 82  ? -6.013  0.172   0.528   1.00 6.95  ? 82  VAL A N   1 
ATOM   631  C CA  . VAL A 1 82  ? -6.195  -0.602  -0.697  1.00 5.75  ? 82  VAL A CA  1 
ATOM   632  C C   . VAL A 1 82  ? -7.364  -0.105  -1.548  1.00 5.07  ? 82  VAL A C   1 
ATOM   633  O O   . VAL A 1 82  ? -8.517  -0.134  -1.126  1.00 6.80  ? 82  VAL A O   1 
ATOM   634  C CB  . VAL A 1 82  ? -6.399  -2.103  -0.355  1.00 5.84  ? 82  VAL A CB  1 
ATOM   635  C CG1 . VAL A 1 82  ? -6.392  -2.946  -1.630  1.00 6.83  ? 82  VAL A CG1 1 
ATOM   636  C CG2 . VAL A 1 82  ? -5.315  -2.575  0.611   1.00 3.99  ? 82  VAL A CG2 1 
ATOM   637  N N   . ASP A 1 83  ? -7.047  0.325   -2.766  1.00 5.47  ? 83  ASP A N   1 
ATOM   638  C CA  . ASP A 1 83  ? -8.056  0.802   -3.704  1.00 6.06  ? 83  ASP A CA  1 
ATOM   639  C C   . ASP A 1 83  ? -8.483  -0.298  -4.663  1.00 6.44  ? 83  ASP A C   1 
ATOM   640  O O   . ASP A 1 83  ? -9.614  -0.310  -5.133  1.00 6.08  ? 83  ASP A O   1 
ATOM   641  C CB  . ASP A 1 83  ? -7.530  1.988   -4.497  1.00 3.90  ? 83  ASP A CB  1 
ATOM   642  C CG  . ASP A 1 83  ? -7.929  3.310   -3.879  1.00 8.99  ? 83  ASP A CG  1 
ATOM   643  O OD1 . ASP A 1 83  ? -8.724  3.291   -2.909  1.00 9.59  ? 83  ASP A OD1 1 
ATOM   644  O OD2 . ASP A 1 83  ? -7.450  4.355   -4.360  1.00 7.45  ? 83  ASP A OD2 1 
ATOM   645  N N   . SER A 1 84  ? -7.567  -1.207  -4.974  1.00 7.81  ? 84  SER A N   1 
ATOM   646  C CA  . SER A 1 84  ? -7.887  -2.319  -5.858  1.00 7.33  ? 84  SER A CA  1 
ATOM   647  C C   . SER A 1 84  ? -7.050  -3.542  -5.523  1.00 6.62  ? 84  SER A C   1 
ATOM   648  O O   . SER A 1 84  ? -6.046  -3.449  -4.824  1.00 6.08  ? 84  SER A O   1 
ATOM   649  C CB  . SER A 1 84  ? -7.673  -1.936  -7.317  1.00 7.24  ? 84  SER A CB  1 
ATOM   650  O OG  . SER A 1 84  ? -8.250  -2.915  -8.166  1.00 8.53  ? 84  SER A OG  1 
ATOM   651  N N   . TRP A 1 85  ? -7.473  -4.695  -6.021  1.00 8.32  ? 85  TRP A N   1 
ATOM   652  C CA  . TRP A 1 85  ? -6.768  -5.934  -5.749  1.00 8.54  ? 85  TRP A CA  1 
ATOM   653  C C   . TRP A 1 85  ? -6.950  -6.917  -6.886  1.00 9.21  ? 85  TRP A C   1 
ATOM   654  O O   . TRP A 1 85  ? -7.654  -6.625  -7.854  1.00 9.55  ? 85  TRP A O   1 
ATOM   655  C CB  . TRP A 1 85  ? -7.277  -6.547  -4.440  1.00 8.00  ? 85  TRP A CB  1 
ATOM   656  C CG  . TRP A 1 85  ? -8.775  -6.706  -4.390  1.00 9.04  ? 85  TRP A CG  1 
ATOM   657  C CD1 . TRP A 1 85  ? -9.499  -7.794  -4.798  1.00 10.26 ? 85  TRP A CD1 1 
ATOM   658  C CD2 . TRP A 1 85  ? -9.739  -5.736  -3.935  1.00 9.40  ? 85  TRP A CD2 1 
ATOM   659  N NE1 . TRP A 1 85  ? -10.842 -7.561  -4.630  1.00 11.23 ? 85  TRP A NE1 1 
ATOM   660  C CE2 . TRP A 1 85  ? -11.018 -6.306  -4.103  1.00 10.20 ? 85  TRP A CE2 1 
ATOM   661  C CE3 . TRP A 1 85  ? -9.638  -4.442  -3.406  1.00 8.78  ? 85  TRP A CE3 1 
ATOM   662  C CZ2 . TRP A 1 85  ? -12.194 -5.626  -3.760  1.00 8.40  ? 85  TRP A CZ2 1 
ATOM   663  C CZ3 . TRP A 1 85  ? -10.810 -3.768  -3.065  1.00 8.48  ? 85  TRP A CZ3 1 
ATOM   664  C CH2 . TRP A 1 85  ? -12.067 -4.363  -3.244  1.00 9.68  ? 85  TRP A CH2 1 
ATOM   665  N N   . GLY A 1 86  ? -6.312  -8.076  -6.765  1.00 10.17 ? 86  GLY A N   1 
ATOM   666  C CA  . GLY A 1 86  ? -6.426  -9.092  -7.790  1.00 9.84  ? 86  GLY A CA  1 
ATOM   667  C C   . GLY A 1 86  ? -7.524  -10.087 -7.478  1.00 10.82 ? 86  GLY A C   1 
ATOM   668  O O   . GLY A 1 86  ? -8.704  -9.738  -7.465  1.00 10.92 ? 86  GLY A O   1 
ATOM   669  N N   . THR A 1 87  ? -7.139  -11.327 -7.202  1.00 11.25 ? 87  THR A N   1 
ATOM   670  C CA  . THR A 1 87  ? -8.117  -12.377 -6.920  1.00 13.17 ? 87  THR A CA  1 
ATOM   671  C C   . THR A 1 87  ? -8.478  -12.441 -5.439  1.00 13.96 ? 87  THR A C   1 
ATOM   672  O O   . THR A 1 87  ? -9.480  -13.056 -5.082  1.00 15.97 ? 87  THR A O   1 
ATOM   673  C CB  . THR A 1 87  ? -7.589  -13.769 -7.336  1.00 10.67 ? 87  THR A CB  1 
ATOM   674  O OG1 . THR A 1 87  ? -6.302  -13.981 -6.746  1.00 11.48 ? 87  THR A OG1 1 
ATOM   675  C CG2 . THR A 1 87  ? -7.478  -13.878 -8.857  1.00 11.84 ? 87  THR A CG2 1 
ATOM   676  N N   . TYR A 1 88  ? -7.689  -11.809 -4.576  1.00 11.27 ? 88  TYR A N   1 
ATOM   677  C CA  . TYR A 1 88  ? -7.964  -11.880 -3.146  1.00 11.30 ? 88  TYR A CA  1 
ATOM   678  C C   . TYR A 1 88  ? -8.153  -10.503 -2.524  1.00 10.97 ? 88  TYR A C   1 
ATOM   679  O O   . TYR A 1 88  ? -7.270  -9.654  -2.597  1.00 11.97 ? 88  TYR A O   1 
ATOM   680  C CB  . TYR A 1 88  ? -6.814  -12.612 -2.435  1.00 11.67 ? 88  TYR A CB  1 
ATOM   681  C CG  . TYR A 1 88  ? -6.845  -12.524 -0.920  1.00 16.48 ? 88  TYR A CG  1 
ATOM   682  C CD1 . TYR A 1 88  ? -7.843  -13.170 -0.179  1.00 18.69 ? 88  TYR A CD1 1 
ATOM   683  C CD2 . TYR A 1 88  ? -5.897  -11.775 -0.225  1.00 15.68 ? 88  TYR A CD2 1 
ATOM   684  C CE1 . TYR A 1 88  ? -7.894  -13.067 1.215   1.00 19.33 ? 88  TYR A CE1 1 
ATOM   685  C CE2 . TYR A 1 88  ? -5.939  -11.666 1.165   1.00 19.84 ? 88  TYR A CE2 1 
ATOM   686  C CZ  . TYR A 1 88  ? -6.940  -12.310 1.881   1.00 22.75 ? 88  TYR A CZ  1 
ATOM   687  O OH  . TYR A 1 88  ? -6.997  -12.179 3.259   1.00 25.09 ? 88  TYR A OH  1 
ATOM   688  N N   . ARG A 1 89  ? -9.319  -10.285 -1.924  1.00 9.35  ? 89  ARG A N   1 
ATOM   689  C CA  . ARG A 1 89  ? -9.576  -9.038  -1.220  1.00 9.25  ? 89  ARG A CA  1 
ATOM   690  C C   . ARG A 1 89  ? -9.084  -9.154  0.218   1.00 10.47 ? 89  ARG A C   1 
ATOM   691  O O   . ARG A 1 89  ? -9.582  -9.976  0.988   1.00 11.05 ? 89  ARG A O   1 
ATOM   692  C CB  . ARG A 1 89  ? -11.073 -8.689  -1.232  1.00 9.19  ? 89  ARG A CB  1 
ATOM   693  C CG  . ARG A 1 89  ? -11.380 -7.322  -0.611  1.00 9.24  ? 89  ARG A CG  1 
ATOM   694  C CD  . ARG A 1 89  ? -12.867 -6.982  -0.560  1.00 9.44  ? 89  ARG A CD  1 
ATOM   695  N NE  . ARG A 1 89  ? -13.073 -5.691  0.109   1.00 9.06  ? 89  ARG A NE  1 
ATOM   696  C CZ  . ARG A 1 89  ? -13.405 -5.546  1.391   1.00 7.88  ? 89  ARG A CZ  1 
ATOM   697  N NH1 . ARG A 1 89  ? -13.565 -6.610  2.173   1.00 6.24  ? 89  ARG A NH1 1 
ATOM   698  N NH2 . ARG A 1 89  ? -13.526 -4.330  1.909   1.00 8.58  ? 89  ARG A NH2 1 
ATOM   699  N N   . PRO A 1 90  ? -8.084  -8.348  0.598   1.00 10.11 ? 90  PRO A N   1 
ATOM   700  C CA  . PRO A 1 90  ? -7.578  -8.438  1.972   1.00 11.05 ? 90  PRO A CA  1 
ATOM   701  C C   . PRO A 1 90  ? -8.587  -8.078  3.069   1.00 11.14 ? 90  PRO A C   1 
ATOM   702  O O   . PRO A 1 90  ? -9.319  -7.092  2.962   1.00 12.93 ? 90  PRO A O   1 
ATOM   703  C CB  . PRO A 1 90  ? -6.360  -7.507  1.970   1.00 10.13 ? 90  PRO A CB  1 
ATOM   704  C CG  . PRO A 1 90  ? -6.624  -6.544  0.860   1.00 8.53  ? 90  PRO A CG  1 
ATOM   705  C CD  . PRO A 1 90  ? -7.393  -7.312  -0.187  1.00 10.85 ? 90  PRO A CD  1 
ATOM   706  N N   . THR A 1 91  ? -8.627  -8.895  4.117   1.00 10.44 ? 91  THR A N   1 
ATOM   707  C CA  . THR A 1 91  ? -9.524  -8.660  5.244   1.00 11.83 ? 91  THR A CA  1 
ATOM   708  C C   . THR A 1 91  ? -8.867  -9.077  6.555   1.00 11.25 ? 91  THR A C   1 
ATOM   709  O O   . THR A 1 91  ? -7.803  -9.691  6.550   1.00 14.40 ? 91  THR A O   1 
ATOM   710  C CB  . THR A 1 91  ? -10.885 -9.422  5.097   1.00 14.39 ? 91  THR A CB  1 
ATOM   711  O OG1 . THR A 1 91  ? -10.671 -10.837 5.203   1.00 17.04 ? 91  THR A OG1 1 
ATOM   712  C CG2 . THR A 1 91  ? -11.543 -9.101  3.755   1.00 13.17 ? 91  THR A CG2 1 
ATOM   713  N N   . GLY A 1 92  ? -9.500  -8.730  7.668   1.00 10.45 ? 92  GLY A N   1 
ATOM   714  C CA  . GLY A 1 92  ? -8.971  -9.070  8.977   1.00 10.32 ? 92  GLY A CA  1 
ATOM   715  C C   . GLY A 1 92  ? -10.044 -8.786  10.004  1.00 13.56 ? 92  GLY A C   1 
ATOM   716  O O   . GLY A 1 92  ? -11.224 -9.015  9.743   1.00 15.81 ? 92  GLY A O   1 
ATOM   717  N N   . THR A 1 93  ? -9.651  -8.288  11.171  1.00 11.92 ? 93  THR A N   1 
ATOM   718  C CA  . THR A 1 93  ? -10.620 -7.963  12.214  1.00 12.70 ? 93  THR A CA  1 
ATOM   719  C C   . THR A 1 93  ? -11.352 -6.659  11.885  1.00 14.51 ? 93  THR A C   1 
ATOM   720  O O   . THR A 1 93  ? -10.760 -5.575  11.941  1.00 13.68 ? 93  THR A O   1 
ATOM   721  C CB  . THR A 1 93  ? -9.924  -7.827  13.586  1.00 12.18 ? 93  THR A CB  1 
ATOM   722  O OG1 . THR A 1 93  ? -9.136  -8.999  13.833  1.00 14.65 ? 93  THR A OG1 1 
ATOM   723  C CG2 . THR A 1 93  ? -10.945 -7.670  14.703  1.00 14.25 ? 93  THR A CG2 1 
ATOM   724  N N   . TYR A 1 94  ? -12.631 -6.774  11.528  1.00 10.89 ? 94  TYR A N   1 
ATOM   725  C CA  . TYR A 1 94  ? -13.446 -5.618  11.165  1.00 10.29 ? 94  TYR A CA  1 
ATOM   726  C C   . TYR A 1 94  ? -13.580 -4.631  12.332  1.00 11.62 ? 94  TYR A C   1 
ATOM   727  O O   . TYR A 1 94  ? -13.950 -5.006  13.446  1.00 11.52 ? 94  TYR A O   1 
ATOM   728  C CB  . TYR A 1 94  ? -14.832 -6.078  10.703  1.00 9.71  ? 94  TYR A CB  1 
ATOM   729  C CG  . TYR A 1 94  ? -15.760 -4.951  10.327  1.00 9.33  ? 94  TYR A CG  1 
ATOM   730  C CD1 . TYR A 1 94  ? -15.677 -4.339  9.079   1.00 9.30  ? 94  TYR A CD1 1 
ATOM   731  C CD2 . TYR A 1 94  ? -16.735 -4.506  11.214  1.00 10.78 ? 94  TYR A CD2 1 
ATOM   732  C CE1 . TYR A 1 94  ? -16.546 -3.318  8.723   1.00 9.46  ? 94  TYR A CE1 1 
ATOM   733  C CE2 . TYR A 1 94  ? -17.608 -3.484  10.868  1.00 10.48 ? 94  TYR A CE2 1 
ATOM   734  C CZ  . TYR A 1 94  ? -17.508 -2.895  9.621   1.00 9.54  ? 94  TYR A CZ  1 
ATOM   735  O OH  . TYR A 1 94  ? -18.381 -1.897  9.275   1.00 13.59 ? 94  TYR A OH  1 
ATOM   736  N N   . LYS A 1 95  ? -13.301 -3.360  12.056  1.00 10.35 ? 95  LYS A N   1 
ATOM   737  C CA  . LYS A 1 95  ? -13.369 -2.316  13.066  1.00 11.49 ? 95  LYS A CA  1 
ATOM   738  C C   . LYS A 1 95  ? -14.444 -1.293  12.732  1.00 11.46 ? 95  LYS A C   1 
ATOM   739  O O   . LYS A 1 95  ? -14.972 -0.631  13.623  1.00 13.43 ? 95  LYS A O   1 
ATOM   740  C CB  . LYS A 1 95  ? -12.016 -1.611  13.174  1.00 14.80 ? 95  LYS A CB  1 
ATOM   741  C CG  . LYS A 1 95  ? -10.917 -2.470  13.760  1.00 18.35 ? 95  LYS A CG  1 
ATOM   742  C CD  . LYS A 1 95  ? -10.721 -2.147  15.224  1.00 22.65 ? 95  LYS A CD  1 
ATOM   743  C CE  . LYS A 1 95  ? -9.594  -2.961  15.809  1.00 27.63 ? 95  LYS A CE  1 
ATOM   744  N NZ  . LYS A 1 95  ? -10.129 -4.076  16.619  1.00 31.13 ? 95  LYS A NZ  1 
ATOM   745  N N   . GLY A 1 96  ? -14.767 -1.158  11.451  1.00 10.10 ? 96  GLY A N   1 
ATOM   746  C CA  . GLY A 1 96  ? -15.778 -0.195  11.045  1.00 9.97  ? 96  GLY A CA  1 
ATOM   747  C C   . GLY A 1 96  ? -15.532 0.229   9.611   1.00 10.37 ? 96  GLY A C   1 
ATOM   748  O O   . GLY A 1 96  ? -14.848 -0.474  8.872   1.00 10.45 ? 96  GLY A O   1 
ATOM   749  N N   . THR A 1 97  ? -16.085 1.368   9.202   1.00 11.77 ? 97  THR A N   1 
ATOM   750  C CA  . THR A 1 97  ? -15.884 1.850   7.837   1.00 11.17 ? 97  THR A CA  1 
ATOM   751  C C   . THR A 1 97  ? -15.582 3.353   7.799   1.00 12.01 ? 97  THR A C   1 
ATOM   752  O O   . THR A 1 97  ? -15.800 4.062   8.781   1.00 11.07 ? 97  THR A O   1 
ATOM   753  C CB  . THR A 1 97  ? -17.127 1.604   6.940   1.00 11.60 ? 97  THR A CB  1 
ATOM   754  O OG1 . THR A 1 97  ? -18.193 2.458   7.376   1.00 13.96 ? 97  THR A OG1 1 
ATOM   755  C CG2 . THR A 1 97  ? -17.569 0.145   6.993   1.00 11.38 ? 97  THR A CG2 1 
ATOM   756  N N   . VAL A 1 98  ? -15.064 3.813   6.660   1.00 11.13 ? 98  VAL A N   1 
ATOM   757  C CA  . VAL A 1 98  ? -14.761 5.231   6.450   1.00 10.53 ? 98  VAL A CA  1 
ATOM   758  C C   . VAL A 1 98  ? -15.034 5.629   5.024   1.00 8.83  ? 98  VAL A C   1 
ATOM   759  O O   . VAL A 1 98  ? -14.637 4.931   4.091   1.00 10.31 ? 98  VAL A O   1 
ATOM   760  C CB  . VAL A 1 98  ? -13.280 5.558   6.800   1.00 11.11 ? 98  VAL A CB  1 
ATOM   761  C CG1 . VAL A 1 98  ? -12.320 4.666   6.007   1.00 12.71 ? 98  VAL A CG1 1 
ATOM   762  C CG2 . VAL A 1 98  ? -12.986 7.008   6.499   1.00 12.85 ? 98  VAL A CG2 1 
ATOM   763  N N   . LYS A 1 99  ? -15.771 6.690   4.813   1.00 8.67  ? 99  LYS A N   1 
ATOM   764  C CA  . LYS A 1 99  ? -16.004 7.197   3.464   1.00 10.79 ? 99  LYS A CA  1 
ATOM   765  C C   . LYS A 1 99  ? -14.981 8.233   3.094   1.00 12.77 ? 99  LYS A C   1 
ATOM   766  O O   . LYS A 1 99  ? -14.777 9.180   3.842   1.00 11.10 ? 99  LYS A O   1 
ATOM   767  C CB  . LYS A 1 99  ? -17.418 7.750   3.293   1.00 15.01 ? 99  LYS A CB  1 
ATOM   768  C CG  . LYS A 1 99  ? -18.461 6.763   2.842   1.00 25.00 ? 99  LYS A CG  1 
ATOM   769  C CD  . LYS A 1 99  ? -19.496 6.615   3.856   1.00 34.83 ? 99  LYS A CD  1 
ATOM   770  C CE  . LYS A 1 99  ? -19.729 5.145   4.250   1.00 38.96 ? 99  LYS A CE  1 
ATOM   771  N NZ  . LYS A 1 99  ? -19.633 4.965   5.718   1.00 39.61 ? 99  LYS A NZ  1 
ATOM   772  N N   . SER A 1 100 ? -14.330 8.036   1.973   1.00 10.80 ? 100 SER A N   1 
ATOM   773  C CA  . SER A 1 100 ? -13.304 8.965   1.541   1.00 11.80 ? 100 SER A CA  1 
ATOM   774  C C   . SER A 1 100 ? -13.065 8.876   0.056   1.00 11.47 ? 100 SER A C   1 
ATOM   775  O O   . SER A 1 100 ? -13.048 7.791   -0.522  1.00 9.65  ? 100 SER A O   1 
ATOM   776  C CB  . SER A 1 100 ? -12.006 8.645   2.290   1.00 11.98 ? 100 SER A CB  1 
ATOM   777  O OG  . SER A 1 100 ? -11.028 9.617   2.012   1.00 12.37 ? 100 SER A OG  1 
ATOM   778  N N   . ASP A 1 101 ? -12.941 10.045  -0.548  1.00 10.11 ? 101 ASP A N   1 
ATOM   779  C CA  . ASP A 1 101 ? -12.655 10.189  -1.963  1.00 10.39 ? 101 ASP A CA  1 
ATOM   780  C C   . ASP A 1 101 ? -13.631 9.403   -2.832  1.00 10.88 ? 101 ASP A C   1 
ATOM   781  O O   . ASP A 1 101 ? -13.219 8.739   -3.788  1.00 10.17 ? 101 ASP A O   1 
ATOM   782  C CB  . ASP A 1 101 ? -11.219 9.737   -2.230  1.00 9.21  ? 101 ASP A CB  1 
ATOM   783  C CG  . ASP A 1 101 ? -10.215 10.446  -1.336  1.00 10.60 ? 101 ASP A CG  1 
ATOM   784  O OD1 . ASP A 1 101 ? -9.918  11.631  -1.593  1.00 12.54 ? 101 ASP A OD1 1 
ATOM   785  O OD2 . ASP A 1 101 ? -9.724  9.825   -0.371  1.00 8.13  ? 101 ASP A OD2 1 
ATOM   786  N N   . GLY A 1 102 ? -14.920 9.500   -2.523  1.00 9.86  ? 102 GLY A N   1 
ATOM   787  C CA  . GLY A 1 102 ? -15.932 8.833   -3.328  1.00 12.42 ? 102 GLY A CA  1 
ATOM   788  C C   . GLY A 1 102 ? -16.189 7.363   -3.078  1.00 11.96 ? 102 GLY A C   1 
ATOM   789  O O   . GLY A 1 102 ? -17.112 6.792   -3.660  1.00 15.45 ? 102 GLY A O   1 
ATOM   790  N N   . GLY A 1 103 ? -15.388 6.736   -2.228  1.00 10.51 ? 103 GLY A N   1 
ATOM   791  C CA  . GLY A 1 103 ? -15.601 5.327   -1.966  1.00 9.88  ? 103 GLY A CA  1 
ATOM   792  C C   . GLY A 1 103 ? -15.751 5.014   -0.498  1.00 11.30 ? 103 GLY A C   1 
ATOM   793  O O   . GLY A 1 103 ? -15.479 5.846   0.367   1.00 11.07 ? 103 GLY A O   1 
ATOM   794  N N   . THR A 1 104 ? -16.218 3.806   -0.215  1.00 10.25 ? 104 THR A N   1 
ATOM   795  C CA  . THR A 1 104 ? -16.370 3.362   1.160   1.00 9.02  ? 104 THR A CA  1 
ATOM   796  C C   . THR A 1 104 ? -15.355 2.282   1.454   1.00 7.60  ? 104 THR A C   1 
ATOM   797  O O   . THR A 1 104 ? -15.201 1.341   0.670   1.00 9.48  ? 104 THR A O   1 
ATOM   798  C CB  . THR A 1 104 ? -17.789 2.827   1.430   1.00 9.99  ? 104 THR A CB  1 
ATOM   799  O OG1 . THR A 1 104 ? -18.744 3.849   1.125   1.00 12.34 ? 104 THR A OG1 1 
ATOM   800  C CG2 . THR A 1 104 ? -17.937 2.419   2.888   1.00 12.86 ? 104 THR A CG2 1 
ATOM   801  N N   . TYR A 1 105 ? -14.650 2.427   2.566   1.00 5.05  ? 105 TYR A N   1 
ATOM   802  C CA  . TYR A 1 105 ? -13.616 1.482   2.924   1.00 5.25  ? 105 TYR A CA  1 
ATOM   803  C C   . TYR A 1 105 ? -13.911 0.803   4.242   1.00 5.84  ? 105 TYR A C   1 
ATOM   804  O O   . TYR A 1 105 ? -14.413 1.416   5.176   1.00 7.32  ? 105 TYR A O   1 
ATOM   805  C CB  . TYR A 1 105 ? -12.267 2.188   3.081   1.00 5.55  ? 105 TYR A CB  1 
ATOM   806  C CG  . TYR A 1 105 ? -11.733 2.872   1.843   1.00 5.98  ? 105 TYR A CG  1 
ATOM   807  C CD1 . TYR A 1 105 ? -12.289 4.065   1.388   1.00 6.73  ? 105 TYR A CD1 1 
ATOM   808  C CD2 . TYR A 1 105 ? -10.643 2.348   1.151   1.00 6.56  ? 105 TYR A CD2 1 
ATOM   809  C CE1 . TYR A 1 105 ? -11.775 4.727   0.285   1.00 7.58  ? 105 TYR A CE1 1 
ATOM   810  C CE2 . TYR A 1 105 ? -10.114 3.006   0.040   1.00 6.76  ? 105 TYR A CE2 1 
ATOM   811  C CZ  . TYR A 1 105 ? -10.692 4.195   -0.384  1.00 8.22  ? 105 TYR A CZ  1 
ATOM   812  O OH  . TYR A 1 105 ? -10.190 4.854   -1.477  1.00 8.21  ? 105 TYR A OH  1 
ATOM   813  N N   . ASP A 1 106 ? -13.609 -0.486  4.301   1.00 8.21  ? 106 ASP A N   1 
ATOM   814  C CA  . ASP A 1 106 ? -13.733 -1.217  5.542   1.00 7.47  ? 106 ASP A CA  1 
ATOM   815  C C   . ASP A 1 106 ? -12.437 -1.078  6.313   1.00 7.22  ? 106 ASP A C   1 
ATOM   816  O O   . ASP A 1 106 ? -11.374 -1.033  5.704   1.00 10.53 ? 106 ASP A O   1 
ATOM   817  C CB  . ASP A 1 106 ? -13.981 -2.701  5.275   1.00 7.46  ? 106 ASP A CB  1 
ATOM   818  C CG  . ASP A 1 106 ? -15.349 -2.969  4.698   1.00 6.73  ? 106 ASP A CG  1 
ATOM   819  O OD1 . ASP A 1 106 ? -16.344 -2.453  5.250   1.00 7.78  ? 106 ASP A OD1 1 
ATOM   820  O OD2 . ASP A 1 106 ? -15.418 -3.702  3.692   1.00 10.62 ? 106 ASP A OD2 1 
ATOM   821  N N   . ILE A 1 107 ? -12.503 -0.986  7.629   1.00 7.14  ? 107 ILE A N   1 
ATOM   822  C CA  . ILE A 1 107 ? -11.290 -0.869  8.419   1.00 6.98  ? 107 ILE A CA  1 
ATOM   823  C C   . ILE A 1 107 ? -10.971 -2.190  9.101   1.00 7.41  ? 107 ILE A C   1 
ATOM   824  O O   . ILE A 1 107 ? -11.837 -2.774  9.753   1.00 8.99  ? 107 ILE A O   1 
ATOM   825  C CB  . ILE A 1 107 ? -11.430 0.258   9.485   1.00 5.78  ? 107 ILE A CB  1 
ATOM   826  C CG1 . ILE A 1 107 ? -11.662 1.601   8.785   1.00 8.66  ? 107 ILE A CG1 1 
ATOM   827  C CG2 . ILE A 1 107 ? -10.182 0.328   10.357  1.00 2.93  ? 107 ILE A CG2 1 
ATOM   828  C CD1 . ILE A 1 107 ? -12.286 2.663   9.684   1.00 9.87  ? 107 ILE A CD1 1 
ATOM   829  N N   . TYR A 1 108 ? -9.741  -2.669  8.931   1.00 5.84  ? 108 TYR A N   1 
ATOM   830  C CA  . TYR A 1 108 ? -9.328  -3.929  9.543   1.00 7.15  ? 108 TYR A CA  1 
ATOM   831  C C   . TYR A 1 108 ? -7.979  -3.811  10.210  1.00 7.18  ? 108 TYR A C   1 
ATOM   832  O O   . TYR A 1 108 ? -7.155  -2.961  9.874   1.00 6.35  ? 108 TYR A O   1 
ATOM   833  C CB  . TYR A 1 108 ? -9.158  -5.050  8.508   1.00 6.67  ? 108 TYR A CB  1 
ATOM   834  C CG  . TYR A 1 108 ? -10.350 -5.343  7.652   1.00 8.41  ? 108 TYR A CG  1 
ATOM   835  C CD1 . TYR A 1 108 ? -11.460 -6.004  8.177   1.00 8.86  ? 108 TYR A CD1 1 
ATOM   836  C CD2 . TYR A 1 108 ? -10.370 -4.981  6.305   1.00 6.39  ? 108 TYR A CD2 1 
ATOM   837  C CE1 . TYR A 1 108 ? -12.565 -6.294  7.383   1.00 8.04  ? 108 TYR A CE1 1 
ATOM   838  C CE2 . TYR A 1 108 ? -11.474 -5.267  5.499   1.00 10.16 ? 108 TYR A CE2 1 
ATOM   839  C CZ  . TYR A 1 108 ? -12.568 -5.924  6.049   1.00 9.60  ? 108 TYR A CZ  1 
ATOM   840  O OH  . TYR A 1 108 ? -13.674 -6.193  5.278   1.00 8.67  ? 108 TYR A OH  1 
ATOM   841  N N   . THR A 1 109 ? -7.770  -4.703  11.162  1.00 6.85  ? 109 THR A N   1 
ATOM   842  C CA  . THR A 1 109 ? -6.497  -4.841  11.821  1.00 8.42  ? 109 THR A CA  1 
ATOM   843  C C   . THR A 1 109 ? -6.072  -6.283  11.780  1.00 10.11 ? 109 THR A C   1 
ATOM   844  O O   . THR A 1 109 ? -6.902  -7.182  11.909  1.00 12.02 ? 109 THR A O   1 
ATOM   845  C CB  . THR A 1 109 ? -6.507  -4.404  13.308  1.00 12.12 ? 109 THR A CB  1 
ATOM   846  O OG1 . THR A 1 109 ? -7.381  -5.259  14.056  1.00 12.22 ? 109 THR A OG1 1 
ATOM   847  C CG2 . THR A 1 109 ? -6.945  -2.959  13.446  1.00 11.99 ? 109 THR A CG2 1 
ATOM   848  N N   . THR A 1 110 ? -4.800  -6.506  11.518  1.00 9.83  ? 110 THR A N   1 
ATOM   849  C CA  . THR A 1 110 ? -4.241  -7.839  11.514  1.00 9.15  ? 110 THR A CA  1 
ATOM   850  C C   . THR A 1 110 ? -2.887  -7.818  12.185  1.00 10.43 ? 110 THR A C   1 
ATOM   851  O O   . THR A 1 110 ? -2.371  -6.746  12.503  1.00 10.75 ? 110 THR A O   1 
ATOM   852  C CB  . THR A 1 110 ? -4.083  -8.418  10.084  1.00 10.93 ? 110 THR A CB  1 
ATOM   853  O OG1 . THR A 1 110 ? -3.282  -7.537  9.287   1.00 12.56 ? 110 THR A OG1 1 
ATOM   854  C CG2 . THR A 1 110 ? -5.453  -8.617  9.433   1.00 10.81 ? 110 THR A CG2 1 
ATOM   855  N N   . THR A 1 111 ? -2.312  -8.986  12.410  1.00 11.07 ? 111 THR A N   1 
ATOM   856  C CA  . THR A 1 111 ? -1.010  -9.063  13.031  1.00 10.67 ? 111 THR A CA  1 
ATOM   857  C C   . THR A 1 111 ? -0.109  -10.014 12.271  1.00 12.74 ? 111 THR A C   1 
ATOM   858  O O   . THR A 1 111 ? -0.549  -11.041 11.754  1.00 13.50 ? 111 THR A O   1 
ATOM   859  C CB  . THR A 1 111 ? -1.119  -9.543  14.491  1.00 10.71 ? 111 THR A CB  1 
ATOM   860  O OG1 . THR A 1 111 ? -1.995  -8.671  15.211  1.00 13.88 ? 111 THR A OG1 1 
ATOM   861  C CG2 . THR A 1 111 ? 0.254   -9.553  15.172  1.00 11.52 ? 111 THR A CG2 1 
ATOM   862  N N   . ARG A 1 112 ? 1.150   -9.628  12.153  1.00 12.99 ? 112 ARG A N   1 
ATOM   863  C CA  . ARG A 1 112 ? 2.146   -10.465 11.523  1.00 13.82 ? 112 ARG A CA  1 
ATOM   864  C C   . ARG A 1 112 ? 3.069   -11.031 12.585  1.00 11.73 ? 112 ARG A C   1 
ATOM   865  O O   . ARG A 1 112 ? 3.474   -10.319 13.507  1.00 10.73 ? 112 ARG A O   1 
ATOM   866  C CB  . ARG A 1 112 ? 2.955   -9.664  10.497  1.00 17.08 ? 112 ARG A CB  1 
ATOM   867  C CG  . ARG A 1 112 ? 2.159   -9.266  9.268   1.00 19.56 ? 112 ARG A CG  1 
ATOM   868  C CD  . ARG A 1 112 ? 2.203   -10.359 8.215   1.00 26.04 ? 112 ARG A CD  1 
ATOM   869  N NE  . ARG A 1 112 ? 3.332   -10.185 7.308   1.00 32.80 ? 112 ARG A NE  1 
ATOM   870  C CZ  . ARG A 1 112 ? 3.987   -11.184 6.721   1.00 35.14 ? 112 ARG A CZ  1 
ATOM   871  N NH1 . ARG A 1 112 ? 3.632   -12.439 6.956   1.00 34.49 ? 112 ARG A NH1 1 
ATOM   872  N NH2 . ARG A 1 112 ? 5.013   -10.926 5.914   1.00 37.55 ? 112 ARG A NH2 1 
ATOM   873  N N   . TYR A 1 113 ? 3.362   -12.318 12.484  1.00 11.95 ? 113 TYR A N   1 
ATOM   874  C CA  . TYR A 1 113 ? 4.231   -12.974 13.450  1.00 15.68 ? 113 TYR A CA  1 
ATOM   875  C C   . TYR A 1 113 ? 5.494   -13.485 12.777  1.00 17.94 ? 113 TYR A C   1 
ATOM   876  O O   . TYR A 1 113 ? 5.420   -14.196 11.770  1.00 22.78 ? 113 TYR A O   1 
ATOM   877  C CB  . TYR A 1 113 ? 3.489   -14.142 14.117  1.00 13.78 ? 113 TYR A CB  1 
ATOM   878  C CG  . TYR A 1 113 ? 2.187   -13.743 14.770  1.00 12.81 ? 113 TYR A CG  1 
ATOM   879  C CD1 . TYR A 1 113 ? 1.006   -13.680 14.029  1.00 13.58 ? 113 TYR A CD1 1 
ATOM   880  C CD2 . TYR A 1 113 ? 2.140   -13.400 16.122  1.00 13.50 ? 113 TYR A CD2 1 
ATOM   881  C CE1 . TYR A 1 113 ? -0.191  -13.276 14.623  1.00 14.65 ? 113 TYR A CE1 1 
ATOM   882  C CE2 . TYR A 1 113 ? 0.954   -12.995 16.727  1.00 13.92 ? 113 TYR A CE2 1 
ATOM   883  C CZ  . TYR A 1 113 ? -0.205  -12.935 15.973  1.00 14.49 ? 113 TYR A CZ  1 
ATOM   884  O OH  . TYR A 1 113 ? -1.376  -12.532 16.572  1.00 18.44 ? 113 TYR A OH  1 
ATOM   885  N N   . ASN A 1 114 ? 6.646   -13.117 13.330  1.00 17.11 ? 114 ASN A N   1 
ATOM   886  C CA  . ASN A 1 114 ? 7.928   -13.540 12.779  1.00 16.43 ? 114 ASN A CA  1 
ATOM   887  C C   . ASN A 1 114 ? 8.017   -13.240 11.288  1.00 16.76 ? 114 ASN A C   1 
ATOM   888  O O   . ASN A 1 114 ? 8.365   -14.114 10.493  1.00 17.15 ? 114 ASN A O   1 
ATOM   889  C CB  . ASN A 1 114 ? 8.127   -15.035 12.994  1.00 16.28 ? 114 ASN A CB  1 
ATOM   890  C CG  . ASN A 1 114 ? 9.585   -15.432 12.961  1.00 17.31 ? 114 ASN A CG  1 
ATOM   891  O OD1 . ASN A 1 114 ? 10.440  -14.733 13.505  1.00 18.72 ? 114 ASN A OD1 1 
ATOM   892  N ND2 . ASN A 1 114 ? 9.878   -16.559 12.315  1.00 17.03 ? 114 ASN A ND2 1 
ATOM   893  N N   . ALA A 1 115 ? 7.701   -12.006 10.912  1.00 15.45 ? 115 ALA A N   1 
ATOM   894  C CA  . ALA A 1 115 ? 7.743   -11.592 9.510   1.00 14.13 ? 115 ALA A CA  1 
ATOM   895  C C   . ALA A 1 115 ? 8.780   -10.497 9.294   1.00 12.94 ? 115 ALA A C   1 
ATOM   896  O O   . ALA A 1 115 ? 9.156   -9.795  10.227  1.00 12.35 ? 115 ALA A O   1 
ATOM   897  C CB  . ALA A 1 115 ? 6.368   -11.094 9.073   1.00 13.93 ? 115 ALA A CB  1 
ATOM   898  N N   . PRO A 1 116 ? 9.263   -10.341 8.057   1.00 13.07 ? 116 PRO A N   1 
ATOM   899  C CA  . PRO A 1 116 ? 10.259  -9.283  7.853   1.00 12.69 ? 116 PRO A CA  1 
ATOM   900  C C   . PRO A 1 116 ? 9.635   -7.886  7.973   1.00 11.76 ? 116 PRO A C   1 
ATOM   901  O O   . PRO A 1 116 ? 8.460   -7.680  7.662   1.00 10.44 ? 116 PRO A O   1 
ATOM   902  C CB  . PRO A 1 116 ? 10.810  -9.558  6.449   1.00 13.81 ? 116 PRO A CB  1 
ATOM   903  C CG  . PRO A 1 116 ? 9.786   -10.413 5.773   1.00 15.21 ? 116 PRO A CG  1 
ATOM   904  C CD  . PRO A 1 116 ? 8.949   -11.085 6.824   1.00 12.34 ? 116 PRO A CD  1 
ATOM   905  N N   . SER A 1 117 ? 10.427  -6.928  8.439   1.00 12.36 ? 117 SER A N   1 
ATOM   906  C CA  . SER A 1 117 ? 9.946   -5.561  8.586   1.00 12.37 ? 117 SER A CA  1 
ATOM   907  C C   . SER A 1 117 ? 10.970  -4.577  8.059   1.00 13.15 ? 117 SER A C   1 
ATOM   908  O O   . SER A 1 117 ? 12.018  -4.976  7.558   1.00 13.33 ? 117 SER A O   1 
ATOM   909  C CB  . SER A 1 117 ? 9.663   -5.247  10.058  1.00 10.03 ? 117 SER A CB  1 
ATOM   910  O OG  . SER A 1 117 ? 10.865  -5.179  10.804  1.00 13.72 ? 117 SER A OG  1 
ATOM   911  N N   . ILE A 1 118 ? 10.667  -3.291  8.176   1.00 13.96 ? 118 ILE A N   1 
ATOM   912  C CA  . ILE A 1 118 ? 11.589  -2.263  7.718   1.00 17.42 ? 118 ILE A CA  1 
ATOM   913  C C   . ILE A 1 118 ? 12.885  -2.293  8.513   1.00 20.05 ? 118 ILE A C   1 
ATOM   914  O O   . ILE A 1 118 ? 13.931  -1.891  8.013   1.00 21.89 ? 118 ILE A O   1 
ATOM   915  C CB  . ILE A 1 118 ? 10.987  -0.850  7.862   1.00 17.47 ? 118 ILE A CB  1 
ATOM   916  C CG1 . ILE A 1 118 ? 10.337  -0.693  9.240   1.00 15.54 ? 118 ILE A CG1 1 
ATOM   917  C CG2 . ILE A 1 118 ? 10.011  -0.597  6.738   1.00 18.57 ? 118 ILE A CG2 1 
ATOM   918  C CD1 . ILE A 1 118 ? 9.792   0.689   9.518   1.00 19.49 ? 118 ILE A CD1 1 
ATOM   919  N N   . ASP A 1 119 ? 12.813  -2.781  9.749   1.00 21.77 ? 119 ASP A N   1 
ATOM   920  C CA  . ASP A 1 119 ? 13.978  -2.832  10.628  1.00 25.83 ? 119 ASP A CA  1 
ATOM   921  C C   . ASP A 1 119 ? 14.869  -4.024  10.312  1.00 27.99 ? 119 ASP A C   1 
ATOM   922  O O   . ASP A 1 119 ? 15.858  -4.264  11.010  1.00 30.67 ? 119 ASP A O   1 
ATOM   923  C CB  . ASP A 1 119 ? 13.532  -2.907  12.089  1.00 27.81 ? 119 ASP A CB  1 
ATOM   924  C CG  . ASP A 1 119 ? 13.212  -1.550  12.669  1.00 28.82 ? 119 ASP A CG  1 
ATOM   925  O OD1 . ASP A 1 119 ? 13.695  -0.540  12.115  1.00 29.50 ? 119 ASP A OD1 1 
ATOM   926  O OD2 . ASP A 1 119 ? 12.475  -1.493  13.677  1.00 30.26 ? 119 ASP A OD2 1 
ATOM   927  N N   . GLY A 1 120 ? 14.529  -4.761  9.261   1.00 27.98 ? 120 GLY A N   1 
ATOM   928  C CA  . GLY A 1 120 ? 15.317  -5.927  8.898   1.00 25.71 ? 120 GLY A CA  1 
ATOM   929  C C   . GLY A 1 120 ? 14.983  -7.119  9.777   1.00 24.30 ? 120 GLY A C   1 
ATOM   930  O O   . GLY A 1 120 ? 14.184  -7.014  10.717  1.00 24.78 ? 120 GLY A O   1 
ATOM   931  N N   . ASP A 1 121 ? 15.595  -8.260  9.475   1.00 21.64 ? 121 ASP A N   1 
ATOM   932  C CA  . ASP A 1 121 ? 15.345  -9.466  10.245  1.00 20.97 ? 121 ASP A CA  1 
ATOM   933  C C   . ASP A 1 121 ? 13.842  -9.752  10.338  1.00 21.20 ? 121 ASP A C   1 
ATOM   934  O O   . ASP A 1 121 ? 13.087  -9.389  9.434   1.00 22.66 ? 121 ASP A O   1 
ATOM   935  C CB  . ASP A 1 121 ? 15.980  -9.328  11.634  1.00 18.66 ? 121 ASP A CB  1 
ATOM   936  C CG  . ASP A 1 121 ? 17.504  -9.230  11.567  1.00 19.30 ? 121 ASP A CG  1 
ATOM   937  O OD1 . ASP A 1 121 ? 18.103  -9.914  10.707  1.00 16.93 ? 121 ASP A OD1 1 
ATOM   938  O OD2 . ASP A 1 121 ? 18.095  -8.468  12.368  1.00 17.21 ? 121 ASP A OD2 1 
ATOM   939  N N   . ARG A 1 122 ? 13.398  -10.388 11.417  1.00 20.09 ? 122 ARG A N   1 
ATOM   940  C CA  . ARG A 1 122 ? 11.979  -10.713 11.555  1.00 19.90 ? 122 ARG A CA  1 
ATOM   941  C C   . ARG A 1 122 ? 11.440  -10.331 12.919  1.00 18.22 ? 122 ARG A C   1 
ATOM   942  O O   . ARG A 1 122 ? 12.159  -10.357 13.919  1.00 15.98 ? 122 ARG A O   1 
ATOM   943  C CB  . ARG A 1 122 ? 11.759  -12.206 11.346  1.00 22.00 ? 122 ARG A CB  1 
ATOM   944  C CG  . ARG A 1 122 ? 12.275  -12.711 10.036  1.00 30.56 ? 122 ARG A CG  1 
ATOM   945  C CD  . ARG A 1 122 ? 12.170  -14.211 9.958   1.00 37.44 ? 122 ARG A CD  1 
ATOM   946  N NE  . ARG A 1 122 ? 11.655  -14.627 8.662   1.00 45.11 ? 122 ARG A NE  1 
ATOM   947  C CZ  . ARG A 1 122 ? 11.523  -15.898 8.289   1.00 48.22 ? 122 ARG A CZ  1 
ATOM   948  N NH1 . ARG A 1 122 ? 11.863  -16.865 9.130   1.00 50.49 ? 122 ARG A NH1 1 
ATOM   949  N NH2 . ARG A 1 122 ? 11.047  -16.196 7.086   1.00 50.45 ? 122 ARG A NH2 1 
ATOM   950  N N   . THR A 1 123 ? 10.155  -10.000 12.956  1.00 15.13 ? 123 THR A N   1 
ATOM   951  C CA  . THR A 1 123 ? 9.520   -9.627  14.207  1.00 15.31 ? 123 THR A CA  1 
ATOM   952  C C   . THR A 1 123 ? 7.998   -9.682  14.095  1.00 14.64 ? 123 THR A C   1 
ATOM   953  O O   . THR A 1 123 ? 7.450   -10.018 13.044  1.00 14.60 ? 123 THR A O   1 
ATOM   954  C CB  . THR A 1 123 ? 9.975   -8.203  14.650  1.00 14.65 ? 123 THR A CB  1 
ATOM   955  O OG1 . THR A 1 123 ? 9.681   -8.014  16.038  1.00 16.24 ? 123 THR A OG1 1 
ATOM   956  C CG2 . THR A 1 123 ? 9.282   -7.128  13.827  1.00 14.49 ? 123 THR A CG2 1 
ATOM   957  N N   . THR A 1 124 ? 7.328   -9.378  15.198  1.00 13.61 ? 124 THR A N   1 
ATOM   958  C CA  . THR A 1 124 ? 5.871   -9.361  15.251  1.00 14.34 ? 124 THR A CA  1 
ATOM   959  C C   . THR A 1 124 ? 5.358   -7.925  15.225  1.00 12.78 ? 124 THR A C   1 
ATOM   960  O O   . THR A 1 124 ? 5.828   -7.091  15.993  1.00 14.20 ? 124 THR A O   1 
ATOM   961  C CB  . THR A 1 124 ? 5.369   -10.061 16.541  1.00 15.02 ? 124 THR A CB  1 
ATOM   962  O OG1 . THR A 1 124 ? 5.726   -11.453 16.500  1.00 18.90 ? 124 THR A OG1 1 
ATOM   963  C CG2 . THR A 1 124 ? 3.855   -9.929  16.670  1.00 14.03 ? 124 THR A CG2 1 
ATOM   964  N N   . PHE A 1 125 ? 4.415   -7.618  14.339  1.00 11.30 ? 125 PHE A N   1 
ATOM   965  C CA  . PHE A 1 125 ? 3.900   -6.252  14.270  1.00 10.02 ? 125 PHE A CA  1 
ATOM   966  C C   . PHE A 1 125 ? 2.463   -6.214  13.782  1.00 9.51  ? 125 PHE A C   1 
ATOM   967  O O   . PHE A 1 125 ? 1.975   -7.145  13.141  1.00 9.12  ? 125 PHE A O   1 
ATOM   968  C CB  . PHE A 1 125 ? 4.775   -5.372  13.358  1.00 7.87  ? 125 PHE A CB  1 
ATOM   969  C CG  . PHE A 1 125 ? 4.954   -5.914  11.966  1.00 6.52  ? 125 PHE A CG  1 
ATOM   970  C CD1 . PHE A 1 125 ? 4.032   -5.619  10.963  1.00 5.29  ? 125 PHE A CD1 1 
ATOM   971  C CD2 . PHE A 1 125 ? 6.051   -6.723  11.660  1.00 7.64  ? 125 PHE A CD2 1 
ATOM   972  C CE1 . PHE A 1 125 ? 4.194   -6.117  9.677   1.00 7.14  ? 125 PHE A CE1 1 
ATOM   973  C CE2 . PHE A 1 125 ? 6.222   -7.227  10.374  1.00 5.35  ? 125 PHE A CE2 1 
ATOM   974  C CZ  . PHE A 1 125 ? 5.290   -6.923  9.381   1.00 4.91  ? 125 PHE A CZ  1 
ATOM   975  N N   . THR A 1 126 ? 1.803   -5.104  14.079  1.00 9.90  ? 126 THR A N   1 
ATOM   976  C CA  . THR A 1 126 ? 0.421   -4.907  13.696  1.00 11.19 ? 126 THR A CA  1 
ATOM   977  C C   . THR A 1 126 ? 0.308   -4.219  12.341  1.00 10.50 ? 126 THR A C   1 
ATOM   978  O O   . THR A 1 126 ? 1.158   -3.416  11.950  1.00 10.28 ? 126 THR A O   1 
ATOM   979  C CB  . THR A 1 126 ? -0.326  -4.043  14.729  1.00 15.00 ? 126 THR A CB  1 
ATOM   980  O OG1 . THR A 1 126 ? -0.192  -4.622  16.030  1.00 15.95 ? 126 THR A OG1 1 
ATOM   981  C CG2 . THR A 1 126 ? -1.806  -3.934  14.366  1.00 13.98 ? 126 THR A CG2 1 
ATOM   982  N N   . GLN A 1 127 ? -0.756  -4.557  11.627  1.00 8.38  ? 127 GLN A N   1 
ATOM   983  C CA  . GLN A 1 127 ? -1.045  -3.963  10.333  1.00 8.51  ? 127 GLN A CA  1 
ATOM   984  C C   . GLN A 1 127 ? -2.394  -3.263  10.363  1.00 7.83  ? 127 GLN A C   1 
ATOM   985  O O   . GLN A 1 127 ? -3.374  -3.824  10.855  1.00 10.58 ? 127 GLN A O   1 
ATOM   986  C CB  . GLN A 1 127 ? -1.078  -5.024  9.230   1.00 8.08  ? 127 GLN A CB  1 
ATOM   987  C CG  . GLN A 1 127 ? 0.160   -5.898  9.107   1.00 9.78  ? 127 GLN A CG  1 
ATOM   988  C CD  . GLN A 1 127 ? -0.042  -7.004  8.090   1.00 13.14 ? 127 GLN A CD  1 
ATOM   989  O OE1 . GLN A 1 127 ? -0.781  -7.953  8.338   1.00 12.04 ? 127 GLN A OE1 1 
ATOM   990  N NE2 . GLN A 1 127 ? 0.608   -6.884  6.939   1.00 12.52 ? 127 GLN A NE2 1 
ATOM   991  N N   . TYR A 1 128 ? -2.438  -2.027  9.870   1.00 6.48  ? 128 TYR A N   1 
ATOM   992  C CA  . TYR A 1 128 ? -3.685  -1.268  9.792   1.00 6.02  ? 128 TYR A CA  1 
ATOM   993  C C   . TYR A 1 128 ? -4.187  -1.269  8.375   1.00 6.52  ? 128 TYR A C   1 
ATOM   994  O O   . TYR A 1 128 ? -3.405  -1.030  7.453   1.00 7.47  ? 128 TYR A O   1 
ATOM   995  C CB  . TYR A 1 128 ? -3.483  0.189   10.226  1.00 7.66  ? 128 TYR A CB  1 
ATOM   996  C CG  . TYR A 1 128 ? -3.229  0.411   11.701  1.00 10.02 ? 128 TYR A CG  1 
ATOM   997  C CD1 . TYR A 1 128 ? -3.363  -0.626  12.628  1.00 9.65  ? 128 TYR A CD1 1 
ATOM   998  C CD2 . TYR A 1 128 ? -2.852  1.673   12.172  1.00 8.89  ? 128 TYR A CD2 1 
ATOM   999  C CE1 . TYR A 1 128 ? -3.126  -0.411  13.985  1.00 10.84 ? 128 TYR A CE1 1 
ATOM   1000 C CE2 . TYR A 1 128 ? -2.614  1.897   13.520  1.00 9.22  ? 128 TYR A CE2 1 
ATOM   1001 C CZ  . TYR A 1 128 ? -2.752  0.855   14.422  1.00 8.47  ? 128 TYR A CZ  1 
ATOM   1002 O OH  . TYR A 1 128 ? -2.513  1.080   15.759  1.00 10.56 ? 128 TYR A OH  1 
ATOM   1003 N N   . TRP A 1 129 ? -5.475  -1.516  8.174   1.00 5.48  ? 129 TRP A N   1 
ATOM   1004 C CA  . TRP A 1 129 ? -5.976  -1.571  6.814   1.00 5.84  ? 129 TRP A CA  1 
ATOM   1005 C C   . TRP A 1 129 ? -7.240  -0.773  6.622   1.00 5.90  ? 129 TRP A C   1 
ATOM   1006 O O   . TRP A 1 129 ? -8.095  -0.665  7.487   1.00 5.71  ? 129 TRP A O   1 
ATOM   1007 C CB  . TRP A 1 129 ? -6.349  -2.997  6.379   1.00 5.14  ? 129 TRP A CB  1 
ATOM   1008 C CG  . TRP A 1 129 ? -5.310  -4.057  6.491   1.00 5.33  ? 129 TRP A CG  1 
ATOM   1009 C CD1 . TRP A 1 129 ? -4.870  -4.663  7.636   1.00 4.40  ? 129 TRP A CD1 1 
ATOM   1010 C CD2 . TRP A 1 129 ? -4.611  -4.684  5.410   1.00 5.75  ? 129 TRP A CD2 1 
ATOM   1011 N NE1 . TRP A 1 129 ? -3.940  -5.627  7.329   1.00 7.32  ? 129 TRP A NE1 1 
ATOM   1012 C CE2 . TRP A 1 129 ? -3.765  -5.661  5.969   1.00 5.13  ? 129 TRP A CE2 1 
ATOM   1013 C CE3 . TRP A 1 129 ? -4.624  -4.509  4.017   1.00 6.34  ? 129 TRP A CE3 1 
ATOM   1014 C CZ2 . TRP A 1 129 ? -2.931  -6.470  5.186   1.00 4.30  ? 129 TRP A CZ2 1 
ATOM   1015 C CZ3 . TRP A 1 129 ? -3.796  -5.311  3.240   1.00 3.94  ? 129 TRP A CZ3 1 
ATOM   1016 C CH2 . TRP A 1 129 ? -2.960  -6.280  3.829   1.00 3.97  ? 129 TRP A CH2 1 
ATOM   1017 N N   . SER A 1 130 ? -7.297  -0.224  5.427   1.00 7.40  ? 130 SER A N   1 
ATOM   1018 C CA  . SER A 1 130 ? -8.432  0.448   4.843   1.00 8.16  ? 130 SER A CA  1 
ATOM   1019 C C   . SER A 1 130 ? -8.639  -0.162  3.483   1.00 8.28  ? 130 SER A C   1 
ATOM   1020 O O   . SER A 1 130 ? -7.809  0.033   2.600   1.00 8.54  ? 130 SER A O   1 
ATOM   1021 C CB  . SER A 1 130 ? -8.214  1.963   4.720   1.00 10.49 ? 130 SER A CB  1 
ATOM   1022 O OG  . SER A 1 130 ? -8.787  2.674   5.808   1.00 6.08  ? 130 SER A OG  1 
ATOM   1023 N N   . VAL A 1 131 ? -9.682  -0.969  3.333   1.00 5.90  ? 131 VAL A N   1 
ATOM   1024 C CA  . VAL A 1 131 ? -9.898  -1.666  2.075   1.00 3.98  ? 131 VAL A CA  1 
ATOM   1025 C C   . VAL A 1 131 ? -11.210 -1.275  1.447   1.00 5.23  ? 131 VAL A C   1 
ATOM   1026 O O   . VAL A 1 131 ? -12.262 -1.414  2.060   1.00 6.23  ? 131 VAL A O   1 
ATOM   1027 C CB  . VAL A 1 131 ? -9.867  -3.198  2.312   1.00 5.31  ? 131 VAL A CB  1 
ATOM   1028 C CG1 . VAL A 1 131 ? -9.916  -3.938  0.984   1.00 4.78  ? 131 VAL A CG1 1 
ATOM   1029 C CG2 . VAL A 1 131 ? -8.611  -3.567  3.105   1.00 5.27  ? 131 VAL A CG2 1 
ATOM   1030 N N   . ARG A 1 132 ? -11.140 -0.772  0.221   1.00 5.17  ? 132 ARG A N   1 
ATOM   1031 C CA  . ARG A 1 132 ? -12.341 -0.360  -0.483  1.00 7.21  ? 132 ARG A CA  1 
ATOM   1032 C C   . ARG A 1 132 ? -13.320 -1.529  -0.598  1.00 8.84  ? 132 ARG A C   1 
ATOM   1033 O O   . ARG A 1 132 ? -12.905 -2.667  -0.827  1.00 8.52  ? 132 ARG A O   1 
ATOM   1034 C CB  . ARG A 1 132 ? -11.988 0.175   -1.877  1.00 6.94  ? 132 ARG A CB  1 
ATOM   1035 C CG  . ARG A 1 132 ? -12.833 1.365   -2.330  1.00 5.97  ? 132 ARG A CG  1 
ATOM   1036 C CD  . ARG A 1 132 ? -12.216 2.024   -3.560  1.00 6.19  ? 132 ARG A CD  1 
ATOM   1037 N NE  . ARG A 1 132 ? -13.024 3.126   -4.080  1.00 8.41  ? 132 ARG A NE  1 
ATOM   1038 C CZ  . ARG A 1 132 ? -14.044 2.978   -4.923  1.00 12.03 ? 132 ARG A CZ  1 
ATOM   1039 N NH1 . ARG A 1 132 ? -14.392 1.768   -5.338  1.00 13.17 ? 132 ARG A NH1 1 
ATOM   1040 N NH2 . ARG A 1 132 ? -14.711 4.034   -5.359  1.00 9.24  ? 132 ARG A NH2 1 
ATOM   1041 N N   . GLN A 1 133 ? -14.608 -1.245  -0.426  1.00 10.32 ? 133 GLN A N   1 
ATOM   1042 C CA  . GLN A 1 133 ? -15.629 -2.284  -0.490  1.00 10.92 ? 133 GLN A CA  1 
ATOM   1043 C C   . GLN A 1 133 ? -15.715 -2.885  -1.885  1.00 11.89 ? 133 GLN A C   1 
ATOM   1044 O O   . GLN A 1 133 ? -15.962 -4.081  -2.035  1.00 11.44 ? 133 GLN A O   1 
ATOM   1045 C CB  . GLN A 1 133 ? -16.966 -1.718  -0.005  1.00 9.64  ? 133 GLN A CB  1 
ATOM   1046 C CG  . GLN A 1 133 ? -16.925 -1.438  1.499   1.00 7.64  ? 133 GLN A CG  1 
ATOM   1047 C CD  . GLN A 1 133 ? -18.273 -1.090  2.098   1.00 6.29  ? 133 GLN A CD  1 
ATOM   1048 O OE1 . GLN A 1 133 ? -18.443 -1.127  3.319   1.00 11.51 ? 133 GLN A OE1 1 
ATOM   1049 N NE2 . GLN A 1 133 ? -19.232 -0.748  1.253   1.00 5.28  ? 133 GLN A NE2 1 
ATOM   1050 N N   . SER A 1 134 ? -15.518 -2.047  -2.899  1.00 11.10 ? 134 SER A N   1 
ATOM   1051 C CA  . SER A 1 134 ? -15.467 -2.492  -4.290  1.00 12.12 ? 134 SER A CA  1 
ATOM   1052 C C   . SER A 1 134 ? -14.214 -1.930  -4.953  1.00 10.44 ? 134 SER A C   1 
ATOM   1053 O O   . SER A 1 134 ? -13.704 -0.904  -4.516  1.00 10.62 ? 134 SER A O   1 
ATOM   1054 C CB  . SER A 1 134 ? -16.726 -2.068  -5.067  1.00 13.55 ? 134 SER A CB  1 
ATOM   1055 O OG  . SER A 1 134 ? -17.137 -0.754  -4.754  1.00 22.01 ? 134 SER A OG  1 
ATOM   1056 N N   . LYS A 1 135 ? -13.697 -2.589  -5.979  1.00 9.42  ? 135 LYS A N   1 
ATOM   1057 C CA  . LYS A 1 135 ? -12.471 -2.109  -6.612  1.00 9.17  ? 135 LYS A CA  1 
ATOM   1058 C C   . LYS A 1 135 ? -12.659 -0.747  -7.257  1.00 10.47 ? 135 LYS A C   1 
ATOM   1059 O O   . LYS A 1 135 ? -13.640 -0.504  -7.966  1.00 10.13 ? 135 LYS A O   1 
ATOM   1060 C CB  . LYS A 1 135 ? -11.984 -3.091  -7.682  1.00 9.56  ? 135 LYS A CB  1 
ATOM   1061 C CG  . LYS A 1 135 ? -11.496 -4.417  -7.135  1.00 10.35 ? 135 LYS A CG  1 
ATOM   1062 C CD  . LYS A 1 135 ? -11.140 -5.362  -8.266  1.00 9.09  ? 135 LYS A CD  1 
ATOM   1063 C CE  . LYS A 1 135 ? -10.761 -6.742  -7.751  1.00 10.38 ? 135 LYS A CE  1 
ATOM   1064 N NZ  . LYS A 1 135 ? -10.116 -7.545  -8.831  1.00 11.46 ? 135 LYS A NZ  1 
ATOM   1065 N N   . ARG A 1 136 ? -11.708 0.147   -7.002  1.00 9.37  ? 136 ARG A N   1 
ATOM   1066 C CA  . ARG A 1 136 ? -11.741 1.460   -7.617  1.00 7.92  ? 136 ARG A CA  1 
ATOM   1067 C C   . ARG A 1 136 ? -11.295 1.360   -9.068  1.00 7.98  ? 136 ARG A C   1 
ATOM   1068 O O   . ARG A 1 136 ? -10.262 0.758   -9.355  1.00 7.98  ? 136 ARG A O   1 
ATOM   1069 C CB  . ARG A 1 136 ? -10.816 2.425   -6.869  1.00 5.89  ? 136 ARG A CB  1 
ATOM   1070 C CG  . ARG A 1 136 ? -10.994 3.887   -7.251  1.00 6.39  ? 136 ARG A CG  1 
ATOM   1071 C CD  . ARG A 1 136 ? -9.963  4.762   -6.528  1.00 8.71  ? 136 ARG A CD  1 
ATOM   1072 N NE  . ARG A 1 136 ? -10.354 6.171   -6.497  1.00 8.79  ? 136 ARG A NE  1 
ATOM   1073 C CZ  . ARG A 1 136 ? -9.921  7.055   -5.597  1.00 7.28  ? 136 ARG A CZ  1 
ATOM   1074 N NH1 . ARG A 1 136 ? -9.075  6.691   -4.638  1.00 5.40  ? 136 ARG A NH1 1 
ATOM   1075 N NH2 . ARG A 1 136 ? -10.346 8.308   -5.655  1.00 8.49  ? 136 ARG A NH2 1 
ATOM   1076 N N   . PRO A 1 137 ? -12.079 1.916   -10.004 1.00 9.64  ? 137 PRO A N   1 
ATOM   1077 C CA  . PRO A 1 137 ? -11.681 1.845   -11.417 1.00 11.48 ? 137 PRO A CA  1 
ATOM   1078 C C   . PRO A 1 137 ? -10.307 2.497   -11.609 1.00 11.61 ? 137 PRO A C   1 
ATOM   1079 O O   . PRO A 1 137 ? -9.984  3.473   -10.939 1.00 13.56 ? 137 PRO A O   1 
ATOM   1080 C CB  . PRO A 1 137 ? -12.784 2.607   -12.145 1.00 11.11 ? 137 PRO A CB  1 
ATOM   1081 C CG  . PRO A 1 137 ? -13.940 2.628   -11.184 1.00 11.90 ? 137 PRO A CG  1 
ATOM   1082 C CD  . PRO A 1 137 ? -13.349 2.638   -9.818  1.00 10.64 ? 137 PRO A CD  1 
ATOM   1083 N N   . THR A 1 138 ? -9.501  1.958   -12.514 1.00 11.27 ? 138 THR A N   1 
ATOM   1084 C CA  . THR A 1 138 ? -8.176  2.519   -12.755 1.00 11.21 ? 138 THR A CA  1 
ATOM   1085 C C   . THR A 1 138 ? -8.110  3.212   -14.113 1.00 12.07 ? 138 THR A C   1 
ATOM   1086 O O   . THR A 1 138 ? -9.053  3.131   -14.907 1.00 13.16 ? 138 THR A O   1 
ATOM   1087 C CB  . THR A 1 138 ? -7.070  1.437   -12.656 1.00 11.56 ? 138 THR A CB  1 
ATOM   1088 O OG1 . THR A 1 138 ? -7.365  0.352   -13.545 1.00 11.78 ? 138 THR A OG1 1 
ATOM   1089 C CG2 . THR A 1 138 ? -6.964  0.917   -11.218 1.00 11.97 ? 138 THR A CG2 1 
ATOM   1090 N N   . GLY A 1 139 ? -7.001  3.904   -14.370 1.00 12.11 ? 139 GLY A N   1 
ATOM   1091 C CA  . GLY A 1 139 ? -6.843  4.621   -15.621 1.00 10.20 ? 139 GLY A CA  1 
ATOM   1092 C C   . GLY A 1 139 ? -7.278  6.072   -15.484 1.00 11.55 ? 139 GLY A C   1 
ATOM   1093 O O   . GLY A 1 139 ? -7.166  6.853   -16.420 1.00 12.10 ? 139 GLY A O   1 
ATOM   1094 N N   . SER A 1 140 ? -7.783  6.433   -14.312 1.00 10.23 ? 140 SER A N   1 
ATOM   1095 C CA  . SER A 1 140 ? -8.226  7.796   -14.053 1.00 10.80 ? 140 SER A CA  1 
ATOM   1096 C C   . SER A 1 140 ? -7.387  8.437   -12.960 1.00 10.39 ? 140 SER A C   1 
ATOM   1097 O O   . SER A 1 140 ? -6.687  7.740   -12.230 1.00 11.71 ? 140 SER A O   1 
ATOM   1098 C CB  . SER A 1 140 ? -9.689  7.798   -13.610 1.00 11.31 ? 140 SER A CB  1 
ATOM   1099 O OG  . SER A 1 140 ? -10.556 7.727   -14.728 1.00 17.90 ? 140 SER A OG  1 
ATOM   1100 N N   . ASN A 1 141 ? -7.428  9.764   -12.871 1.00 9.41  ? 141 ASN A N   1 
ATOM   1101 C CA  . ASN A 1 141 ? -6.699  10.474  -11.823 1.00 9.22  ? 141 ASN A CA  1 
ATOM   1102 C C   . ASN A 1 141 ? -7.403  10.282  -10.488 1.00 9.03  ? 141 ASN A C   1 
ATOM   1103 O O   . ASN A 1 141 ? -8.466  10.854  -10.263 1.00 10.24 ? 141 ASN A O   1 
ATOM   1104 C CB  . ASN A 1 141 ? -6.624  11.971  -12.148 1.00 11.46 ? 141 ASN A CB  1 
ATOM   1105 C CG  . ASN A 1 141 ? -5.802  12.256  -13.384 1.00 11.44 ? 141 ASN A CG  1 
ATOM   1106 O OD1 . ASN A 1 141 ? -4.814  11.579  -13.653 1.00 9.84  ? 141 ASN A OD1 1 
ATOM   1107 N ND2 . ASN A 1 141 ? -6.205  13.262  -14.142 1.00 17.62 ? 141 ASN A ND2 1 
ATOM   1108 N N   . ALA A 1 142 ? -6.818  9.467   -9.619  1.00 10.12 ? 142 ALA A N   1 
ATOM   1109 C CA  . ALA A 1 142 ? -7.418  9.149   -8.327  1.00 9.28  ? 142 ALA A CA  1 
ATOM   1110 C C   . ALA A 1 142 ? -6.721  9.876   -7.190  1.00 9.41  ? 142 ALA A C   1 
ATOM   1111 O O   . ALA A 1 142 ? -5.528  10.175  -7.255  1.00 11.74 ? 142 ALA A O   1 
ATOM   1112 C CB  . ALA A 1 142 ? -7.363  7.641   -8.090  1.00 7.11  ? 142 ALA A CB  1 
ATOM   1113 N N   . THR A 1 143 ? -7.491  10.141  -6.142  1.00 8.84  ? 143 THR A N   1 
ATOM   1114 C CA  . THR A 1 143 ? -6.990  10.825  -4.962  1.00 10.06 ? 143 THR A CA  1 
ATOM   1115 C C   . THR A 1 143 ? -7.264  10.024  -3.689  1.00 10.10 ? 143 THR A C   1 
ATOM   1116 O O   . THR A 1 143 ? -8.328  9.420   -3.518  1.00 8.77  ? 143 THR A O   1 
ATOM   1117 C CB  . THR A 1 143 ? -7.656  12.208  -4.801  1.00 12.20 ? 143 THR A CB  1 
ATOM   1118 O OG1 . THR A 1 143 ? -7.433  12.977  -5.988  1.00 17.28 ? 143 THR A OG1 1 
ATOM   1119 C CG2 . THR A 1 143 ? -7.086  12.956  -3.597  1.00 14.29 ? 143 THR A CG2 1 
ATOM   1120 N N   . ILE A 1 144 ? -6.268  10.004  -2.816  1.00 8.29  ? 144 ILE A N   1 
ATOM   1121 C CA  . ILE A 1 144 ? -6.387  9.373   -1.518  1.00 7.86  ? 144 ILE A CA  1 
ATOM   1122 C C   . ILE A 1 144 ? -6.102  10.392  -0.428  1.00 6.71  ? 144 ILE A C   1 
ATOM   1123 O O   . ILE A 1 144 ? -4.958  10.793  -0.227  1.00 9.21  ? 144 ILE A O   1 
ATOM   1124 C CB  . ILE A 1 144 ? -5.411  8.173   -1.337  1.00 8.01  ? 144 ILE A CB  1 
ATOM   1125 C CG1 . ILE A 1 144 ? -5.817  7.008   -2.242  1.00 8.15  ? 144 ILE A CG1 1 
ATOM   1126 C CG2 . ILE A 1 144 ? -5.430  7.698   0.127   1.00 9.34  ? 144 ILE A CG2 1 
ATOM   1127 C CD1 . ILE A 1 144 ? -4.858  5.860   -2.202  1.00 7.78  ? 144 ILE A CD1 1 
ATOM   1128 N N   . THR A 1 145 ? -7.158  10.859  0.220   1.00 7.66  ? 145 THR A N   1 
ATOM   1129 C CA  . THR A 1 145 ? -7.023  11.809  1.314   1.00 7.04  ? 145 THR A CA  1 
ATOM   1130 C C   . THR A 1 145 ? -6.698  11.058  2.592   1.00 8.69  ? 145 THR A C   1 
ATOM   1131 O O   . THR A 1 145 ? -7.591  10.690  3.358   1.00 7.27  ? 145 THR A O   1 
ATOM   1132 C CB  . THR A 1 145 ? -8.326  12.610  1.483   1.00 6.94  ? 145 THR A CB  1 
ATOM   1133 O OG1 . THR A 1 145 ? -8.722  13.140  0.209   1.00 8.84  ? 145 THR A OG1 1 
ATOM   1134 C CG2 . THR A 1 145 ? -8.141  13.752  2.466   1.00 8.05  ? 145 THR A CG2 1 
ATOM   1135 N N   . PHE A 1 146 ? -5.406  10.834  2.812   1.00 8.49  ? 146 PHE A N   1 
ATOM   1136 C CA  . PHE A 1 146 ? -4.931  10.041  3.940   1.00 8.21  ? 146 PHE A CA  1 
ATOM   1137 C C   . PHE A 1 146 ? -5.433  10.547  5.284   1.00 9.45  ? 146 PHE A C   1 
ATOM   1138 O O   . PHE A 1 146 ? -5.632  9.745   6.201   1.00 8.51  ? 146 PHE A O   1 
ATOM   1139 C CB  . PHE A 1 146 ? -3.409  9.982   3.944   1.00 7.54  ? 146 PHE A CB  1 
ATOM   1140 C CG  . PHE A 1 146 ? -2.853  8.914   4.844   1.00 7.52  ? 146 PHE A CG  1 
ATOM   1141 C CD1 . PHE A 1 146 ? -3.433  7.645   4.884   1.00 6.84  ? 146 PHE A CD1 1 
ATOM   1142 C CD2 . PHE A 1 146 ? -1.749  9.174   5.649   1.00 7.68  ? 146 PHE A CD2 1 
ATOM   1143 C CE1 . PHE A 1 146 ? -2.919  6.655   5.717   1.00 8.80  ? 146 PHE A CE1 1 
ATOM   1144 C CE2 . PHE A 1 146 ? -1.227  8.192   6.487   1.00 11.08 ? 146 PHE A CE2 1 
ATOM   1145 C CZ  . PHE A 1 146 ? -1.810  6.929   6.521   1.00 9.16  ? 146 PHE A CZ  1 
ATOM   1146 N N   . THR A 1 147 ? -5.631  11.854  5.422   1.00 9.22  ? 147 THR A N   1 
ATOM   1147 C CA  . THR A 1 147 ? -6.094  12.419  6.681   1.00 11.46 ? 147 THR A CA  1 
ATOM   1148 C C   . THR A 1 147 ? -7.402  11.767  7.153   1.00 11.26 ? 147 THR A C   1 
ATOM   1149 O O   . THR A 1 147 ? -7.592  11.551  8.350   1.00 11.51 ? 147 THR A O   1 
ATOM   1150 C CB  . THR A 1 147 ? -6.289  13.947  6.554   1.00 12.99 ? 147 THR A CB  1 
ATOM   1151 O OG1 . THR A 1 147 ? -6.366  14.518  7.860   1.00 23.12 ? 147 THR A OG1 1 
ATOM   1152 C CG2 . THR A 1 147 ? -7.545  14.274  5.771   1.00 13.47 ? 147 THR A CG2 1 
ATOM   1153 N N   . ASN A 1 148 ? -8.290  11.458  6.207   1.00 11.81 ? 148 ASN A N   1 
ATOM   1154 C CA  . ASN A 1 148 ? -9.579  10.832  6.502   1.00 11.06 ? 148 ASN A CA  1 
ATOM   1155 C C   . ASN A 1 148 ? -9.398  9.441   7.103   1.00 9.93  ? 148 ASN A C   1 
ATOM   1156 O O   . ASN A 1 148 ? -10.119 9.054   8.020   1.00 9.51  ? 148 ASN A O   1 
ATOM   1157 C CB  . ASN A 1 148 ? -10.419 10.710  5.230   1.00 12.29 ? 148 ASN A CB  1 
ATOM   1158 C CG  . ASN A 1 148 ? -11.012 12.030  4.790   1.00 14.34 ? 148 ASN A CG  1 
ATOM   1159 O OD1 . ASN A 1 148 ? -11.314 12.221  3.612   1.00 16.07 ? 148 ASN A OD1 1 
ATOM   1160 N ND2 . ASN A 1 148 ? -11.182 12.949  5.729   1.00 15.22 ? 148 ASN A ND2 1 
ATOM   1161 N N   . HIS A 1 149 ? -8.442  8.686   6.580   1.00 8.53  ? 149 HIS A N   1 
ATOM   1162 C CA  . HIS A 1 149 ? -8.187  7.345   7.089   1.00 7.99  ? 149 HIS A CA  1 
ATOM   1163 C C   . HIS A 1 149 ? -7.538  7.397   8.464   1.00 9.18  ? 149 HIS A C   1 
ATOM   1164 O O   . HIS A 1 149 ? -7.955  6.689   9.383   1.00 7.56  ? 149 HIS A O   1 
ATOM   1165 C CB  . HIS A 1 149 ? -7.323  6.564   6.098   1.00 6.03  ? 149 HIS A CB  1 
ATOM   1166 C CG  . HIS A 1 149 ? -7.987  6.367   4.769   1.00 9.12  ? 149 HIS A CG  1 
ATOM   1167 N ND1 . HIS A 1 149 ? -8.813  5.299   4.499   1.00 6.80  ? 149 HIS A ND1 1 
ATOM   1168 C CD2 . HIS A 1 149 ? -7.992  7.136   3.657   1.00 7.28  ? 149 HIS A CD2 1 
ATOM   1169 C CE1 . HIS A 1 149 ? -9.300  5.415   3.278   1.00 7.50  ? 149 HIS A CE1 1 
ATOM   1170 N NE2 . HIS A 1 149 ? -8.815  6.524   2.743   1.00 7.84  ? 149 HIS A NE2 1 
ATOM   1171 N N   . VAL A 1 150 ? -6.536  8.255   8.618   1.00 6.97  ? 150 VAL A N   1 
ATOM   1172 C CA  . VAL A 1 150 ? -5.845  8.398   9.891   1.00 6.10  ? 150 VAL A CA  1 
ATOM   1173 C C   . VAL A 1 150 ? -6.819  8.749   11.009  1.00 6.33  ? 150 VAL A C   1 
ATOM   1174 O O   . VAL A 1 150 ? -6.752  8.196   12.110  1.00 6.34  ? 150 VAL A O   1 
ATOM   1175 C CB  . VAL A 1 150 ? -4.772  9.504   9.807   1.00 7.61  ? 150 VAL A CB  1 
ATOM   1176 C CG1 . VAL A 1 150 ? -4.171  9.765   11.194  1.00 9.23  ? 150 VAL A CG1 1 
ATOM   1177 C CG2 . VAL A 1 150 ? -3.685  9.083   8.823   1.00 4.61  ? 150 VAL A CG2 1 
ATOM   1178 N N   . ASN A 1 151 ? -7.732  9.665   10.717  1.00 7.06  ? 151 ASN A N   1 
ATOM   1179 C CA  . ASN A 1 151 ? -8.702  10.090  11.705  1.00 11.53 ? 151 ASN A CA  1 
ATOM   1180 C C   . ASN A 1 151 ? -9.691  8.973   12.024  1.00 10.61 ? 151 ASN A C   1 
ATOM   1181 O O   . ASN A 1 151 ? -10.061 8.782   13.182  1.00 8.86  ? 151 ASN A O   1 
ATOM   1182 C CB  . ASN A 1 151 ? -9.423  11.348  11.218  1.00 16.51 ? 151 ASN A CB  1 
ATOM   1183 C CG  . ASN A 1 151 ? -8.548  12.597  11.326  1.00 20.99 ? 151 ASN A CG  1 
ATOM   1184 O OD1 . ASN A 1 151 ? -7.546  12.603  12.050  1.00 25.85 ? 151 ASN A OD1 1 
ATOM   1185 N ND2 . ASN A 1 151 ? -8.918  13.656  10.607  1.00 22.87 ? 151 ASN A ND2 1 
ATOM   1186 N N   . ALA A 1 152 ? -10.096 8.232   10.995  1.00 11.94 ? 152 ALA A N   1 
ATOM   1187 C CA  . ALA A 1 152 ? -11.017 7.110   11.175  1.00 9.79  ? 152 ALA A CA  1 
ATOM   1188 C C   . ALA A 1 152 ? -10.374 6.016   12.032  1.00 8.65  ? 152 ALA A C   1 
ATOM   1189 O O   . ALA A 1 152 ? -10.996 5.477   12.951  1.00 10.05 ? 152 ALA A O   1 
ATOM   1190 C CB  . ALA A 1 152 ? -11.422 6.543   9.822   1.00 7.67  ? 152 ALA A CB  1 
ATOM   1191 N N   . TRP A 1 153 ? -9.117  5.708   11.744  1.00 7.19  ? 153 TRP A N   1 
ATOM   1192 C CA  . TRP A 1 153 ? -8.400  4.692   12.505  1.00 9.19  ? 153 TRP A CA  1 
ATOM   1193 C C   . TRP A 1 153 ? -8.270  5.096   13.974  1.00 11.41 ? 153 TRP A C   1 
ATOM   1194 O O   . TRP A 1 153 ? -8.393  4.260   14.873  1.00 10.50 ? 153 TRP A O   1 
ATOM   1195 C CB  . TRP A 1 153 ? -7.003  4.474   11.922  1.00 7.12  ? 153 TRP A CB  1 
ATOM   1196 C CG  . TRP A 1 153 ? -6.992  3.900   10.528  1.00 8.75  ? 153 TRP A CG  1 
ATOM   1197 C CD1 . TRP A 1 153 ? -8.057  3.393   9.836   1.00 8.39  ? 153 TRP A CD1 1 
ATOM   1198 C CD2 . TRP A 1 153 ? -5.861  3.814   9.648   1.00 8.59  ? 153 TRP A CD2 1 
ATOM   1199 N NE1 . TRP A 1 153 ? -7.658  3.001   8.581   1.00 8.38  ? 153 TRP A NE1 1 
ATOM   1200 C CE2 . TRP A 1 153 ? -6.319  3.246   8.436   1.00 7.69  ? 153 TRP A CE2 1 
ATOM   1201 C CE3 . TRP A 1 153 ? -4.506  4.163   9.764   1.00 7.24  ? 153 TRP A CE3 1 
ATOM   1202 C CZ2 . TRP A 1 153 ? -5.467  3.017   7.345   1.00 8.70  ? 153 TRP A CZ2 1 
ATOM   1203 C CZ3 . TRP A 1 153 ? -3.662  3.936   8.683   1.00 6.96  ? 153 TRP A CZ3 1 
ATOM   1204 C CH2 . TRP A 1 153 ? -4.145  3.367   7.489   1.00 7.76  ? 153 TRP A CH2 1 
ATOM   1205 N N   . LYS A 1 154 ? -8.027  6.382   14.215  1.00 12.16 ? 154 LYS A N   1 
ATOM   1206 C CA  . LYS A 1 154 ? -7.872  6.880   15.575  1.00 13.19 ? 154 LYS A CA  1 
ATOM   1207 C C   . LYS A 1 154 ? -9.128  6.642   16.409  1.00 12.52 ? 154 LYS A C   1 
ATOM   1208 O O   . LYS A 1 154 ? -9.038  6.241   17.568  1.00 11.99 ? 154 LYS A O   1 
ATOM   1209 C CB  . LYS A 1 154 ? -7.575  8.375   15.564  1.00 16.22 ? 154 LYS A CB  1 
ATOM   1210 C CG  . LYS A 1 154 ? -6.118  8.717   15.767  1.00 25.69 ? 154 LYS A CG  1 
ATOM   1211 C CD  . LYS A 1 154 ? -5.920  10.229  15.804  1.00 29.25 ? 154 LYS A CD  1 
ATOM   1212 C CE  . LYS A 1 154 ? -6.336  10.872  14.482  1.00 36.68 ? 154 LYS A CE  1 
ATOM   1213 N NZ  . LYS A 1 154 ? -7.014  12.193  14.667  1.00 40.79 ? 154 LYS A NZ  1 
ATOM   1214 N N   . SER A 1 155 ? -10.298 6.890   15.823  1.00 13.28 ? 155 SER A N   1 
ATOM   1215 C CA  . SER A 1 155 ? -11.546 6.726   16.563  1.00 15.00 ? 155 SER A CA  1 
ATOM   1216 C C   . SER A 1 155 ? -11.834 5.261   16.881  1.00 15.54 ? 155 SER A C   1 
ATOM   1217 O O   . SER A 1 155 ? -12.744 4.971   17.654  1.00 16.03 ? 155 SER A O   1 
ATOM   1218 C CB  . SER A 1 155 ? -12.716 7.350   15.809  1.00 15.75 ? 155 SER A CB  1 
ATOM   1219 O OG  . SER A 1 155 ? -12.888 6.766   14.538  1.00 21.66 ? 155 SER A OG  1 
ATOM   1220 N N   . HIS A 1 156 ? -11.065 4.345   16.291  1.00 15.22 ? 156 HIS A N   1 
ATOM   1221 C CA  . HIS A 1 156 ? -11.223 2.914   16.559  1.00 13.63 ? 156 HIS A CA  1 
ATOM   1222 C C   . HIS A 1 156 ? -10.026 2.372   17.324  1.00 14.04 ? 156 HIS A C   1 
ATOM   1223 O O   . HIS A 1 156 ? -9.755  1.172   17.320  1.00 15.35 ? 156 HIS A O   1 
ATOM   1224 C CB  . HIS A 1 156 ? -11.415 2.141   15.258  1.00 13.50 ? 156 HIS A CB  1 
ATOM   1225 C CG  . HIS A 1 156 ? -12.734 2.402   14.609  1.00 13.99 ? 156 HIS A CG  1 
ATOM   1226 N ND1 . HIS A 1 156 ? -12.855 3.024   13.393  1.00 16.42 ? 156 HIS A ND1 1 
ATOM   1227 C CD2 . HIS A 1 156 ? -13.996 2.199   15.058  1.00 15.23 ? 156 HIS A CD2 1 
ATOM   1228 C CE1 . HIS A 1 156 ? -14.129 3.202   13.109  1.00 16.90 ? 156 HIS A CE1 1 
ATOM   1229 N NE2 . HIS A 1 156 ? -14.848 2.709   14.104  1.00 18.33 ? 156 HIS A NE2 1 
ATOM   1230 N N   . GLY A 1 157 ? -9.317  3.280   17.984  1.00 12.23 ? 157 GLY A N   1 
ATOM   1231 C CA  . GLY A 1 157 ? -8.155  2.901   18.764  1.00 13.54 ? 157 GLY A CA  1 
ATOM   1232 C C   . GLY A 1 157 ? -6.929  2.499   17.963  1.00 12.90 ? 157 GLY A C   1 
ATOM   1233 O O   . GLY A 1 157 ? -5.999  1.906   18.509  1.00 14.00 ? 157 GLY A O   1 
ATOM   1234 N N   . MET A 1 158 ? -6.917  2.818   16.674  1.00 11.42 ? 158 MET A N   1 
ATOM   1235 C CA  . MET A 1 158 ? -5.782  2.475   15.820  1.00 11.75 ? 158 MET A CA  1 
ATOM   1236 C C   . MET A 1 158 ? -4.860  3.677   15.642  1.00 11.64 ? 158 MET A C   1 
ATOM   1237 O O   . MET A 1 158 ? -5.007  4.449   14.696  1.00 11.25 ? 158 MET A O   1 
ATOM   1238 C CB  . MET A 1 158 ? -6.286  1.986   14.455  1.00 10.51 ? 158 MET A CB  1 
ATOM   1239 C CG  . MET A 1 158 ? -6.943  0.606   14.487  1.00 9.67  ? 158 MET A CG  1 
ATOM   1240 S SD  . MET A 1 158 ? -8.124  0.398   13.150  1.00 11.29 ? 158 MET A SD  1 
ATOM   1241 C CE  . MET A 1 158 ? -7.033  0.179   11.766  1.00 8.43  ? 158 MET A CE  1 
ATOM   1242 N N   . ASN A 1 159 ? -3.907  3.825   16.561  1.00 12.68 ? 159 ASN A N   1 
ATOM   1243 C CA  . ASN A 1 159 ? -2.976  4.953   16.535  1.00 15.42 ? 159 ASN A CA  1 
ATOM   1244 C C   . ASN A 1 159 ? -1.641  4.567   15.921  1.00 13.48 ? 159 ASN A C   1 
ATOM   1245 O O   . ASN A 1 159 ? -1.059  3.530   16.244  1.00 13.46 ? 159 ASN A O   1 
ATOM   1246 C CB  . ASN A 1 159 ? -2.777  5.486   17.955  1.00 17.80 ? 159 ASN A CB  1 
ATOM   1247 C CG  . ASN A 1 159 ? -4.089  5.832   18.629  1.00 19.38 ? 159 ASN A CG  1 
ATOM   1248 O OD1 . ASN A 1 159 ? -4.485  5.186   19.596  1.00 25.99 ? 159 ASN A OD1 1 
ATOM   1249 N ND2 . ASN A 1 159 ? -4.773  6.848   18.117  1.00 20.82 ? 159 ASN A ND2 1 
ATOM   1250 N N   . LEU A 1 160 ? -1.162  5.421   15.028  1.00 12.66 ? 160 LEU A N   1 
ATOM   1251 C CA  . LEU A 1 160 ? 0.101   5.191   14.343  1.00 14.45 ? 160 LEU A CA  1 
ATOM   1252 C C   . LEU A 1 160 ? 1.294   5.609   15.210  1.00 14.83 ? 160 LEU A C   1 
ATOM   1253 O O   . LEU A 1 160 ? 1.129   6.310   16.211  1.00 15.07 ? 160 LEU A O   1 
ATOM   1254 C CB  . LEU A 1 160 ? 0.091   5.952   13.013  1.00 12.88 ? 160 LEU A CB  1 
ATOM   1255 C CG  . LEU A 1 160 ? -0.923  5.390   12.008  1.00 11.39 ? 160 LEU A CG  1 
ATOM   1256 C CD1 . LEU A 1 160 ? -1.267  6.440   10.979  1.00 13.66 ? 160 LEU A CD1 1 
ATOM   1257 C CD2 . LEU A 1 160 ? -0.349  4.161   11.345  1.00 11.54 ? 160 LEU A CD2 1 
ATOM   1258 N N   . GLY A 1 161 ? 2.485   5.166   14.825  1.00 14.15 ? 161 GLY A N   1 
ATOM   1259 C CA  . GLY A 1 161 ? 3.682   5.494   15.578  1.00 17.42 ? 161 GLY A CA  1 
ATOM   1260 C C   . GLY A 1 161 ? 4.066   6.964   15.481  1.00 19.20 ? 161 GLY A C   1 
ATOM   1261 O O   . GLY A 1 161 ? 3.512   7.708   14.666  1.00 18.26 ? 161 GLY A O   1 
ATOM   1262 N N   . SER A 1 162 ? 5.029   7.382   16.304  1.00 20.44 ? 162 SER A N   1 
ATOM   1263 C CA  . SER A 1 162 ? 5.480   8.774   16.320  1.00 21.70 ? 162 SER A CA  1 
ATOM   1264 C C   . SER A 1 162 ? 6.638   9.007   15.346  1.00 20.21 ? 162 SER A C   1 
ATOM   1265 O O   . SER A 1 162 ? 6.923   10.146  14.983  1.00 23.27 ? 162 SER A O   1 
ATOM   1266 C CB  . SER A 1 162 ? 5.890   9.182   17.739  1.00 20.68 ? 162 SER A CB  1 
ATOM   1267 O OG  . SER A 1 162 ? 6.832   8.274   18.276  1.00 23.04 ? 162 SER A OG  1 
ATOM   1268 N N   . ASN A 1 163 ? 7.308   7.932   14.937  1.00 18.72 ? 163 ASN A N   1 
ATOM   1269 C CA  . ASN A 1 163 ? 8.413   8.011   13.983  1.00 17.12 ? 163 ASN A CA  1 
ATOM   1270 C C   . ASN A 1 163 ? 7.948   7.538   12.605  1.00 16.39 ? 163 ASN A C   1 
ATOM   1271 O O   . ASN A 1 163 ? 7.766   6.347   12.385  1.00 16.32 ? 163 ASN A O   1 
ATOM   1272 C CB  . ASN A 1 163 ? 9.589   7.158   14.484  1.00 20.74 ? 163 ASN A CB  1 
ATOM   1273 C CG  . ASN A 1 163 ? 10.844  7.307   13.626  1.00 26.62 ? 163 ASN A CG  1 
ATOM   1274 O OD1 . ASN A 1 163 ? 10.857  8.032   12.634  1.00 31.44 ? 163 ASN A OD1 1 
ATOM   1275 N ND2 . ASN A 1 163 ? 11.910  6.608   14.015  1.00 28.35 ? 163 ASN A ND2 1 
ATOM   1276 N N   . TRP A 1 164 ? 7.764   8.471   11.678  1.00 12.91 ? 164 TRP A N   1 
ATOM   1277 C CA  . TRP A 1 164 ? 7.255   8.131   10.357  1.00 11.64 ? 164 TRP A CA  1 
ATOM   1278 C C   . TRP A 1 164 ? 8.352   7.712   9.384   1.00 12.43 ? 164 TRP A C   1 
ATOM   1279 O O   . TRP A 1 164 ? 9.366   8.393   9.214   1.00 12.05 ? 164 TRP A O   1 
ATOM   1280 C CB  . TRP A 1 164 ? 6.491   9.314   9.779   1.00 12.12 ? 164 TRP A CB  1 
ATOM   1281 C CG  . TRP A 1 164 ? 5.169   9.518   10.429  1.00 12.66 ? 164 TRP A CG  1 
ATOM   1282 C CD1 . TRP A 1 164 ? 4.942   10.030  11.673  1.00 12.52 ? 164 TRP A CD1 1 
ATOM   1283 C CD2 . TRP A 1 164 ? 3.884   9.204   9.877   1.00 12.32 ? 164 TRP A CD2 1 
ATOM   1284 N NE1 . TRP A 1 164 ? 3.594   10.054  11.931  1.00 15.04 ? 164 TRP A NE1 1 
ATOM   1285 C CE2 . TRP A 1 164 ? 2.920   9.551   10.849  1.00 14.32 ? 164 TRP A CE2 1 
ATOM   1286 C CE3 . TRP A 1 164 ? 3.452   8.662   8.661   1.00 10.52 ? 164 TRP A CE3 1 
ATOM   1287 C CZ2 . TRP A 1 164 ? 1.545   9.373   10.638  1.00 13.15 ? 164 TRP A CZ2 1 
ATOM   1288 C CZ3 . TRP A 1 164 ? 2.093   8.486   8.451   1.00 10.51 ? 164 TRP A CZ3 1 
ATOM   1289 C CH2 . TRP A 1 164 ? 1.156   8.840   9.434   1.00 11.48 ? 164 TRP A CH2 1 
ATOM   1290 N N   . ALA A 1 165 ? 8.112   6.582   8.725   1.00 11.47 ? 165 ALA A N   1 
ATOM   1291 C CA  . ALA A 1 165 ? 9.018   6.064   7.709   1.00 9.28  ? 165 ALA A CA  1 
ATOM   1292 C C   . ALA A 1 165 ? 8.486   6.398   6.316   1.00 8.57  ? 165 ALA A C   1 
ATOM   1293 O O   . ALA A 1 165 ? 7.673   7.313   6.179   1.00 9.48  ? 165 ALA A O   1 
ATOM   1294 C CB  . ALA A 1 165 ? 9.194   4.559   7.869   1.00 9.37  ? 165 ALA A CB  1 
ATOM   1295 N N   . TYR A 1 166 ? 8.899   5.668   5.283   1.00 7.13  ? 166 TYR A N   1 
ATOM   1296 C CA  . TYR A 1 166 ? 8.437   6.007   3.939   1.00 7.51  ? 166 TYR A CA  1 
ATOM   1297 C C   . TYR A 1 166 ? 6.932   5.806   3.777   1.00 8.13  ? 166 TYR A C   1 
ATOM   1298 O O   . TYR A 1 166 ? 6.269   5.138   4.572   1.00 8.23  ? 166 TYR A O   1 
ATOM   1299 C CB  . TYR A 1 166 ? 9.205   5.219   2.867   1.00 8.67  ? 166 TYR A CB  1 
ATOM   1300 C CG  . TYR A 1 166 ? 9.051   3.717   2.935   1.00 10.99 ? 166 TYR A CG  1 
ATOM   1301 C CD1 . TYR A 1 166 ? 7.951   3.081   2.350   1.00 11.95 ? 166 TYR A CD1 1 
ATOM   1302 C CD2 . TYR A 1 166 ? 10.016  2.926   3.563   1.00 10.69 ? 166 TYR A CD2 1 
ATOM   1303 C CE1 . TYR A 1 166 ? 7.816   1.683   2.387   1.00 11.01 ? 166 TYR A CE1 1 
ATOM   1304 C CE2 . TYR A 1 166 ? 9.895   1.531   3.606   1.00 11.89 ? 166 TYR A CE2 1 
ATOM   1305 C CZ  . TYR A 1 166 ? 8.791   0.924   3.015   1.00 9.86  ? 166 TYR A CZ  1 
ATOM   1306 O OH  . TYR A 1 166 ? 8.678   -0.443  3.048   1.00 10.19 ? 166 TYR A OH  1 
ATOM   1307 N N   . GLN A 1 167 ? 6.417   6.418   2.724   1.00 7.30  ? 167 GLN A N   1 
ATOM   1308 C CA  . GLN A 1 167 ? 5.008   6.396   2.366   1.00 7.22  ? 167 GLN A CA  1 
ATOM   1309 C C   . GLN A 1 167 ? 4.873   6.417   0.848   1.00 8.91  ? 167 GLN A C   1 
ATOM   1310 O O   . GLN A 1 167 ? 5.220   7.409   0.207   1.00 9.64  ? 167 GLN A O   1 
ATOM   1311 C CB  . GLN A 1 167 ? 4.338   7.615   3.010   1.00 6.80  ? 167 GLN A CB  1 
ATOM   1312 C CG  . GLN A 1 167 ? 2.849   7.798   2.768   1.00 8.94  ? 167 GLN A CG  1 
ATOM   1313 C CD  . GLN A 1 167 ? 2.323   9.070   3.442   1.00 12.60 ? 167 GLN A CD  1 
ATOM   1314 O OE1 . GLN A 1 167 ? 2.763   10.173  3.131   1.00 9.98  ? 167 GLN A OE1 1 
ATOM   1315 N NE2 . GLN A 1 167 ? 1.388   8.914   4.367   1.00 10.94 ? 167 GLN A NE2 1 
ATOM   1316 N N   . VAL A 1 168 ? 4.383   5.328   0.257   1.00 7.34  ? 168 VAL A N   1 
ATOM   1317 C CA  . VAL A 1 168 ? 4.317   5.264   -1.200  1.00 7.28  ? 168 VAL A CA  1 
ATOM   1318 C C   . VAL A 1 168 ? 3.021   4.629   -1.716  1.00 8.16  ? 168 VAL A C   1 
ATOM   1319 O O   . VAL A 1 168 ? 2.312   3.922   -1.001  1.00 8.70  ? 168 VAL A O   1 
ATOM   1320 C CB  . VAL A 1 168 ? 5.483   4.395   -1.762  1.00 8.22  ? 168 VAL A CB  1 
ATOM   1321 C CG1 . VAL A 1 168 ? 6.840   4.908   -1.268  1.00 7.67  ? 168 VAL A CG1 1 
ATOM   1322 C CG2 . VAL A 1 168 ? 5.283   2.932   -1.329  1.00 7.12  ? 168 VAL A CG2 1 
ATOM   1323 N N   . MET A 1 169 ? 2.716   4.936   -2.971  1.00 6.59  ? 169 MET A N   1 
ATOM   1324 C CA  . MET A 1 169 ? 1.619   4.300   -3.682  1.00 8.25  ? 169 MET A CA  1 
ATOM   1325 C C   . MET A 1 169 ? 2.193   3.077   -4.354  1.00 8.76  ? 169 MET A C   1 
ATOM   1326 O O   . MET A 1 169 ? 2.907   3.196   -5.350  1.00 7.44  ? 169 MET A O   1 
ATOM   1327 C CB  . MET A 1 169 ? 1.044   5.236   -4.736  1.00 6.36  ? 169 MET A CB  1 
ATOM   1328 C CG  . MET A 1 169 ? -0.272  4.757   -5.298  1.00 6.79  ? 169 MET A CG  1 
ATOM   1329 S SD  . MET A 1 169 ? -1.498  4.610   -3.988  1.00 10.75 ? 169 MET A SD  1 
ATOM   1330 C CE  . MET A 1 169 ? -2.671  3.464   -4.752  1.00 10.94 ? 169 MET A CE  1 
ATOM   1331 N N   . ALA A 1 170 ? 1.917   1.900   -3.815  1.00 9.50  ? 170 ALA A N   1 
ATOM   1332 C CA  . ALA A 1 170 ? 2.622   0.746   -4.331  1.00 8.84  ? 170 ALA A CA  1 
ATOM   1333 C C   . ALA A 1 170 ? 1.737   -0.333  -4.924  1.00 7.28  ? 170 ALA A C   1 
ATOM   1334 O O   . ALA A 1 170 ? 0.506   -0.305  -4.948  1.00 6.49  ? 170 ALA A O   1 
ATOM   1335 C CB  . ALA A 1 170 ? 3.459   0.144   -3.210  1.00 11.12 ? 170 ALA A CB  1 
ATOM   1336 N N   . THR A 1 171 ? 2.491   -1.286  -5.438  1.00 8.82  ? 171 THR A N   1 
ATOM   1337 C CA  . THR A 1 171 ? 2.028   -2.529  -5.998  1.00 8.10  ? 171 THR A CA  1 
ATOM   1338 C C   . THR A 1 171 ? 2.648   -3.671  -5.199  1.00 9.32  ? 171 THR A C   1 
ATOM   1339 O O   . THR A 1 171 ? 3.873   -3.813  -5.167  1.00 9.54  ? 171 THR A O   1 
ATOM   1340 C CB  . THR A 1 171 ? 2.483   -2.708  -7.470  1.00 9.02  ? 171 THR A CB  1 
ATOM   1341 O OG1 . THR A 1 171 ? 1.856   -1.725  -8.297  1.00 9.70  ? 171 THR A OG1 1 
ATOM   1342 C CG2 . THR A 1 171 ? 2.117   -4.113  -7.983  1.00 9.76  ? 171 THR A CG2 1 
ATOM   1343 N N   . GLU A 1 172 ? 1.827   -4.420  -4.476  1.00 9.15  ? 172 GLU A N   1 
ATOM   1344 C CA  . GLU A 1 172 ? 2.341   -5.562  -3.740  1.00 8.39  ? 172 GLU A CA  1 
ATOM   1345 C C   . GLU A 1 172 ? 1.786   -6.848  -4.327  1.00 8.07  ? 172 GLU A C   1 
ATOM   1346 O O   . GLU A 1 172 ? 0.602   -6.920  -4.639  1.00 7.43  ? 172 GLU A O   1 
ATOM   1347 C CB  . GLU A 1 172 ? 1.983   -5.493  -2.252  1.00 8.99  ? 172 GLU A CB  1 
ATOM   1348 C CG  . GLU A 1 172 ? 2.369   -6.772  -1.510  1.00 10.68 ? 172 GLU A CG  1 
ATOM   1349 C CD  . GLU A 1 172 ? 2.271   -6.658  -0.001  1.00 13.76 ? 172 GLU A CD  1 
ATOM   1350 O OE1 . GLU A 1 172 ? 1.564   -5.757  0.487   1.00 12.41 ? 172 GLU A OE1 1 
ATOM   1351 O OE2 . GLU A 1 172 ? 2.903   -7.479  0.699   1.00 13.50 ? 172 GLU A OE2 1 
ATOM   1352 N N   . GLY A 1 173 ? 2.643   -7.848  -4.503  1.00 9.94  ? 173 GLY A N   1 
ATOM   1353 C CA  . GLY A 1 173 ? 2.189   -9.109  -5.048  1.00 8.85  ? 173 GLY A CA  1 
ATOM   1354 C C   . GLY A 1 173 ? 2.632   -10.241 -4.150  1.00 10.60 ? 173 GLY A C   1 
ATOM   1355 O O   . GLY A 1 173 ? 3.670   -10.154 -3.490  1.00 12.23 ? 173 GLY A O   1 
ATOM   1356 N N   . TYR A 1 174 ? 1.838   -11.301 -4.104  1.00 11.49 ? 174 TYR A N   1 
ATOM   1357 C CA  . TYR A 1 174 ? 2.179   -12.457 -3.296  1.00 12.89 ? 174 TYR A CA  1 
ATOM   1358 C C   . TYR A 1 174 ? 1.871   -13.747 -4.041  1.00 12.61 ? 174 TYR A C   1 
ATOM   1359 O O   . TYR A 1 174 ? 0.716   -14.026 -4.363  1.00 12.61 ? 174 TYR A O   1 
ATOM   1360 C CB  . TYR A 1 174 ? 1.427   -12.434 -1.968  1.00 15.38 ? 174 TYR A CB  1 
ATOM   1361 C CG  . TYR A 1 174 ? 1.882   -13.543 -1.056  1.00 19.26 ? 174 TYR A CG  1 
ATOM   1362 C CD1 . TYR A 1 174 ? 3.224   -13.664 -0.701  1.00 21.30 ? 174 TYR A CD1 1 
ATOM   1363 C CD2 . TYR A 1 174 ? 0.988   -14.509 -0.600  1.00 22.34 ? 174 TYR A CD2 1 
ATOM   1364 C CE1 . TYR A 1 174 ? 3.674   -14.728 0.083   1.00 26.92 ? 174 TYR A CE1 1 
ATOM   1365 C CE2 . TYR A 1 174 ? 1.424   -15.580 0.187   1.00 25.26 ? 174 TYR A CE2 1 
ATOM   1366 C CZ  . TYR A 1 174 ? 2.769   -15.684 0.523   1.00 27.51 ? 174 TYR A CZ  1 
ATOM   1367 O OH  . TYR A 1 174 ? 3.208   -16.746 1.285   1.00 31.18 ? 174 TYR A OH  1 
ATOM   1368 N N   . GLN A 1 175 ? 2.918   -14.516 -4.321  1.00 12.51 ? 175 GLN A N   1 
ATOM   1369 C CA  . GLN A 1 175 ? 2.803   -15.774 -5.052  1.00 15.35 ? 175 GLN A CA  1 
ATOM   1370 C C   . GLN A 1 175 ? 1.849   -15.641 -6.238  1.00 14.84 ? 175 GLN A C   1 
ATOM   1371 O O   . GLN A 1 175 ? 0.868   -16.377 -6.356  1.00 14.35 ? 175 GLN A O   1 
ATOM   1372 C CB  . GLN A 1 175 ? 2.359   -16.891 -4.098  1.00 18.64 ? 175 GLN A CB  1 
ATOM   1373 C CG  . GLN A 1 175 ? 3.151   -16.895 -2.792  1.00 24.69 ? 175 GLN A CG  1 
ATOM   1374 C CD  . GLN A 1 175 ? 3.536   -18.284 -2.313  1.00 31.14 ? 175 GLN A CD  1 
ATOM   1375 O OE1 . GLN A 1 175 ? 4.689   -18.535 -1.948  1.00 35.31 ? 175 GLN A OE1 1 
ATOM   1376 N NE2 . GLN A 1 175 ? 2.568   -19.189 -2.300  1.00 30.59 ? 175 GLN A NE2 1 
ATOM   1377 N N   . SER A 1 176 ? 2.157   -14.695 -7.123  1.00 11.97 ? 176 SER A N   1 
ATOM   1378 C CA  . SER A 1 176 ? 1.344   -14.440 -8.306  1.00 9.93  ? 176 SER A CA  1 
ATOM   1379 C C   . SER A 1 176 ? 2.177   -13.843 -9.436  1.00 8.96  ? 176 SER A C   1 
ATOM   1380 O O   . SER A 1 176 ? 3.409   -13.787 -9.376  1.00 9.08  ? 176 SER A O   1 
ATOM   1381 C CB  . SER A 1 176 ? 0.207   -13.474 -7.960  1.00 11.12 ? 176 SER A CB  1 
ATOM   1382 O OG  . SER A 1 176 ? 0.712   -12.234 -7.486  1.00 10.68 ? 176 SER A OG  1 
ATOM   1383 N N   . SER A 1 177 ? 1.468   -13.415 -10.470 1.00 9.92  ? 177 SER A N   1 
ATOM   1384 C CA  . SER A 1 177 ? 2.052   -12.778 -11.638 1.00 10.23 ? 177 SER A CA  1 
ATOM   1385 C C   . SER A 1 177 ? 1.200   -11.604 -12.064 1.00 10.14 ? 177 SER A C   1 
ATOM   1386 O O   . SER A 1 177 ? 0.067   -11.472 -11.622 1.00 11.23 ? 177 SER A O   1 
ATOM   1387 C CB  . SER A 1 177 ? 2.156   -13.765 -12.801 1.00 9.87  ? 177 SER A CB  1 
ATOM   1388 O OG  . SER A 1 177 ? 2.808   -14.953 -12.384 1.00 14.64 ? 177 SER A OG  1 
ATOM   1389 N N   . GLY A 1 178 ? 1.734   -10.738 -12.913 1.00 9.97  ? 178 GLY A N   1 
ATOM   1390 C CA  . GLY A 1 178 ? 0.932   -9.614  -13.351 1.00 10.37 ? 178 GLY A CA  1 
ATOM   1391 C C   . GLY A 1 178 ? 1.741   -8.427  -13.817 1.00 8.17  ? 178 GLY A C   1 
ATOM   1392 O O   . GLY A 1 178 ? 2.963   -8.492  -13.922 1.00 7.93  ? 178 GLY A O   1 
ATOM   1393 N N   . SER A 1 179 ? 1.033   -7.343  -14.100 1.00 9.68  ? 179 SER A N   1 
ATOM   1394 C CA  . SER A 1 179 ? 1.646   -6.110  -14.567 1.00 11.62 ? 179 SER A CA  1 
ATOM   1395 C C   . SER A 1 179 ? 0.931   -4.895  -14.005 1.00 10.15 ? 179 SER A C   1 
ATOM   1396 O O   . SER A 1 179 ? -0.274  -4.908  -13.759 1.00 11.02 ? 179 SER A O   1 
ATOM   1397 C CB  . SER A 1 179 ? 1.592   -6.025  -16.098 1.00 11.91 ? 179 SER A CB  1 
ATOM   1398 O OG  . SER A 1 179 ? 2.677   -6.712  -16.686 1.00 20.42 ? 179 SER A OG  1 
ATOM   1399 N N   . SER A 1 180 ? 1.698   -3.841  -13.796 1.00 10.28 ? 180 SER A N   1 
ATOM   1400 C CA  . SER A 1 180 ? 1.142   -2.595  -13.331 1.00 8.54  ? 180 SER A CA  1 
ATOM   1401 C C   . SER A 1 180 ? 2.006   -1.436  -13.772 1.00 8.97  ? 180 SER A C   1 
ATOM   1402 O O   . SER A 1 180 ? 3.218   -1.562  -13.951 1.00 10.30 ? 180 SER A O   1 
ATOM   1403 C CB  . SER A 1 180 ? 0.993   -2.581  -11.808 1.00 9.36  ? 180 SER A CB  1 
ATOM   1404 O OG  . SER A 1 180 ? 2.206   -2.229  -11.178 1.00 13.41 ? 180 SER A OG  1 
ATOM   1405 N N   . ASN A 1 181 ? 1.348   -0.319  -14.001 1.00 9.90  ? 181 ASN A N   1 
ATOM   1406 C CA  . ASN A 1 181 ? 1.984   0.919   -14.390 1.00 7.98  ? 181 ASN A CA  1 
ATOM   1407 C C   . ASN A 1 181 ? 1.299   2.051   -13.673 1.00 6.96  ? 181 ASN A C   1 
ATOM   1408 O O   . ASN A 1 181 ? 0.129   2.329   -13.928 1.00 7.98  ? 181 ASN A O   1 
ATOM   1409 C CB  . ASN A 1 181 ? 1.909   1.097   -15.910 1.00 8.17  ? 181 ASN A CB  1 
ATOM   1410 C CG  . ASN A 1 181 ? 2.822   2.205   -16.414 1.00 9.79  ? 181 ASN A CG  1 
ATOM   1411 O OD1 . ASN A 1 181 ? 2.724   3.345   -15.971 1.00 10.80 ? 181 ASN A OD1 1 
ATOM   1412 N ND2 . ASN A 1 181 ? 3.709   1.874   -17.338 1.00 10.27 ? 181 ASN A ND2 1 
ATOM   1413 N N   . VAL A 1 182 ? 2.011   2.675   -12.748 1.00 7.58  ? 182 VAL A N   1 
ATOM   1414 C CA  . VAL A 1 182 ? 1.411   3.714   -11.935 1.00 8.00  ? 182 VAL A CA  1 
ATOM   1415 C C   . VAL A 1 182 ? 2.247   4.990   -11.900 1.00 7.97  ? 182 VAL A C   1 
ATOM   1416 O O   . VAL A 1 182 ? 3.476   4.957   -11.886 1.00 7.21  ? 182 VAL A O   1 
ATOM   1417 C CB  . VAL A 1 182 ? 1.239   3.206   -10.478 1.00 9.04  ? 182 VAL A CB  1 
ATOM   1418 C CG1 . VAL A 1 182 ? 0.410   4.189   -9.662  1.00 10.09 ? 182 VAL A CG1 1 
ATOM   1419 C CG2 . VAL A 1 182 ? 0.585   1.823   -10.480 1.00 8.24  ? 182 VAL A CG2 1 
ATOM   1420 N N   . THR A 1 183 ? 1.530   6.109   -11.876 1.00 7.67  ? 183 THR A N   1 
ATOM   1421 C CA  . THR A 1 183 ? 2.116   7.437   -11.766 1.00 9.73  ? 183 THR A CA  1 
ATOM   1422 C C   . THR A 1 183 ? 1.626   8.102   -10.488 1.00 7.66  ? 183 THR A C   1 
ATOM   1423 O O   . THR A 1 183 ? 0.420   8.226   -10.275 1.00 8.99  ? 183 THR A O   1 
ATOM   1424 C CB  . THR A 1 183 ? 1.749   8.309   -12.985 1.00 9.22  ? 183 THR A CB  1 
ATOM   1425 O OG1 . THR A 1 183 ? 2.256   7.688   -14.172 1.00 9.14  ? 183 THR A OG1 1 
ATOM   1426 C CG2 . THR A 1 183 ? 2.348   9.701   -12.854 1.00 8.13  ? 183 THR A CG2 1 
ATOM   1427 N N   . VAL A 1 184 ? 2.562   8.503   -9.639  1.00 8.44  ? 184 VAL A N   1 
ATOM   1428 C CA  . VAL A 1 184 ? 2.244   9.102   -8.349  1.00 7.22  ? 184 VAL A CA  1 
ATOM   1429 C C   . VAL A 1 184 ? 2.688   10.556  -8.278  1.00 8.99  ? 184 VAL A C   1 
ATOM   1430 O O   . VAL A 1 184 ? 3.747   10.920  -8.793  1.00 8.93  ? 184 VAL A O   1 
ATOM   1431 C CB  . VAL A 1 184 ? 2.959   8.341   -7.210  1.00 5.11  ? 184 VAL A CB  1 
ATOM   1432 C CG1 . VAL A 1 184 ? 2.419   8.783   -5.865  1.00 4.15  ? 184 VAL A CG1 1 
ATOM   1433 C CG2 . VAL A 1 184 ? 2.788   6.844   -7.404  1.00 8.50  ? 184 VAL A CG2 1 
ATOM   1434 N N   . TRP A 1 185 ? 1.872   11.379  -7.630  1.00 8.81  ? 185 TRP A N   1 
ATOM   1435 C CA  . TRP A 1 185 ? 2.201   12.788  -7.444  1.00 10.00 ? 185 TRP A CA  1 
ATOM   1436 C C   . TRP A 1 185 ? 1.436   13.380  -6.270  1.00 12.10 ? 185 TRP A C   1 
ATOM   1437 O O   . TRP A 1 185 ? 0.652   12.638  -5.638  1.00 13.17 ? 185 TRP A O   1 
ATOM   1438 C CB  . TRP A 1 185 ? 1.937   13.591  -8.729  1.00 8.89  ? 185 TRP A CB  1 
ATOM   1439 C CG  . TRP A 1 185 ? 0.490   13.798  -9.108  1.00 8.74  ? 185 TRP A CG  1 
ATOM   1440 C CD1 . TRP A 1 185 ? -0.271  14.897  -8.843  1.00 9.84  ? 185 TRP A CD1 1 
ATOM   1441 C CD2 . TRP A 1 185 ? -0.335  12.925  -9.903  1.00 12.08 ? 185 TRP A CD2 1 
ATOM   1442 N NE1 . TRP A 1 185 ? -1.510  14.773  -9.426  1.00 10.08 ? 185 TRP A NE1 1 
ATOM   1443 C CE2 . TRP A 1 185 ? -1.579  13.573  -10.082 1.00 11.01 ? 185 TRP A CE2 1 
ATOM   1444 C CE3 . TRP A 1 185 ? -0.142  11.662  -10.482 1.00 10.99 ? 185 TRP A CE3 1 
ATOM   1445 C CZ2 . TRP A 1 185 ? -2.632  13.000  -10.820 1.00 11.10 ? 185 TRP A CZ2 1 
ATOM   1446 C CZ3 . TRP A 1 185 ? -1.188  11.094  -11.215 1.00 11.34 ? 185 TRP A CZ3 1 
ATOM   1447 C CH2 . TRP A 1 185 ? -2.419  11.766  -11.376 1.00 11.63 ? 185 TRP A CH2 1 
ATOM   1448 O OXT . TRP A 1 185 ? 1.644   14.572  -5.977  1.00 12.94 ? 185 TRP A OXT 1 
HETATM 1449 C C1  . DFX B 2 .   ? 4.044   -5.948  4.492   1.00 19.49 ? 1   DFX B C1  1 
HETATM 1450 C C2  . DFX B 2 .   ? 4.588   -7.197  5.227   1.00 20.40 ? 1   DFX B C2  1 
HETATM 1451 C C3  . DFX B 2 .   ? 6.114   -7.099  5.395   1.00 22.36 ? 1   DFX B C3  1 
HETATM 1452 C C4  . DFX B 2 .   ? 6.820   -6.694  4.082   1.00 22.86 ? 1   DFX B C4  1 
HETATM 1453 C C5  . DFX B 2 .   ? 5.847   -6.614  2.876   1.00 21.54 ? 1   DFX B C5  1 
HETATM 1454 O O3  . DFX B 2 .   ? 6.634   -8.347  5.847   1.00 20.37 ? 1   DFX B O3  1 
HETATM 1455 O O4  . DFX B 2 .   ? 7.445   -5.434  4.269   1.00 24.09 ? 1   DFX B O4  1 
HETATM 1456 O O5  . DFX B 2 .   ? 4.649   -5.843  3.184   1.00 19.59 ? 1   DFX B O5  1 
HETATM 1457 F F2  . DFX B 2 .   ? 3.953   -7.354  6.492   1.00 18.47 ? 1   DFX B F2  1 
HETATM 1458 C C1  . XYP B 2 .   ? 8.812   -5.316  3.872   1.00 23.77 ? 2   XYP B C1  1 
HETATM 1459 C C2  . XYP B 2 .   ? 9.119   -3.844  3.540   1.00 24.79 ? 2   XYP B C2  1 
HETATM 1460 C C3  . XYP B 2 .   ? 10.603  -3.698  3.199   1.00 26.39 ? 2   XYP B C3  1 
HETATM 1461 C C4  . XYP B 2 .   ? 11.436  -4.206  4.383   1.00 26.69 ? 2   XYP B C4  1 
HETATM 1462 C C5  . XYP B 2 .   ? 11.059  -5.672  4.670   1.00 26.66 ? 2   XYP B C5  1 
HETATM 1463 O O2  . XYP B 2 .   ? 8.325   -3.426  2.436   1.00 25.15 ? 2   XYP B O2  1 
HETATM 1464 O O3  . XYP B 2 .   ? 10.907  -2.327  2.945   1.00 22.22 ? 2   XYP B O3  1 
HETATM 1465 O O4  . XYP B 2 .   ? 12.821  -4.113  4.075   1.00 27.62 ? 2   XYP B O4  1 
HETATM 1466 O O5  . XYP B 2 .   ? 9.639   -5.765  4.966   1.00 24.89 ? 2   XYP B O5  1 
HETATM 1467 O O   . HOH C 3 .   ? -17.304 -5.432  2.630   1.00 9.81  ? 503 HOH A O   1 
HETATM 1468 O O   . HOH C 3 .   ? -9.251  7.124   0.043   1.00 10.31 ? 504 HOH A O   1 
HETATM 1469 O O   . HOH C 3 .   ? -15.780 -7.149  6.763   1.00 10.72 ? 505 HOH A O   1 
HETATM 1470 O O   . HOH C 3 .   ? -9.660  -1.757  -10.333 1.00 13.67 ? 506 HOH A O   1 
HETATM 1471 O O   . HOH C 3 .   ? -6.095  5.156   -11.625 1.00 9.80  ? 507 HOH A O   1 
HETATM 1472 O O   . HOH C 3 .   ? -7.637  3.886   -9.371  1.00 9.01  ? 508 HOH A O   1 
HETATM 1473 O O   . HOH C 3 .   ? -6.602  16.596  3.888   1.00 16.46 ? 509 HOH A O   1 
HETATM 1474 O O   . HOH C 3 .   ? -4.485  6.708   13.224  1.00 11.12 ? 510 HOH A O   1 
HETATM 1475 O O   . HOH C 3 .   ? -16.474 -6.049  0.069   1.00 11.93 ? 511 HOH A O   1 
HETATM 1476 O O   . HOH C 3 .   ? -20.921 -0.690  4.870   1.00 15.08 ? 512 HOH A O   1 
HETATM 1477 O O   . HOH C 3 .   ? -5.222  -9.855  -4.359  1.00 12.65 ? 513 HOH A O   1 
HETATM 1478 O O   . HOH C 3 .   ? 4.764   6.388   6.687   1.00 11.77 ? 514 HOH A O   1 
HETATM 1479 O O   . HOH C 3 .   ? 2.773   15.819  -1.267  1.00 24.41 ? 515 HOH A O   1 
HETATM 1480 O O   . HOH C 3 .   ? -5.085  14.030  3.540   1.00 14.44 ? 516 HOH A O   1 
HETATM 1481 O O   . HOH C 3 .   ? -0.150  16.511  0.070   1.00 16.72 ? 517 HOH A O   1 
HETATM 1482 O O   . HOH C 3 .   ? -12.194 5.738   -3.247  1.00 8.54  ? 518 HOH A O   1 
HETATM 1483 O O   . HOH C 3 .   ? -2.663  7.930   14.569  1.00 16.63 ? 519 HOH A O   1 
HETATM 1484 O O   . HOH C 3 .   ? -2.148  -15.622 -6.509  1.00 21.88 ? 520 HOH A O   1 
HETATM 1485 O O   . HOH C 3 .   ? -19.676 0.294   -1.032  1.00 24.96 ? 521 HOH A O   1 
HETATM 1486 O O   . HOH C 3 .   ? -3.735  -13.080 -18.603 1.00 13.95 ? 522 HOH A O   1 
HETATM 1487 O O   . HOH C 3 .   ? 3.233   -3.452  16.245  1.00 22.52 ? 523 HOH A O   1 
HETATM 1488 O O   . HOH C 3 .   ? -10.499 11.309  -6.399  1.00 20.10 ? 524 HOH A O   1 
HETATM 1489 O O   . HOH C 3 .   ? 0.750   -8.014  3.888   1.00 26.34 ? 525 HOH A O   1 
HETATM 1490 O O   . HOH C 3 .   ? -11.635 -12.070 -2.017  1.00 29.13 ? 526 HOH A O   1 
HETATM 1491 O O   . HOH C 3 .   ? -18.208 2.558   11.727  1.00 20.68 ? 527 HOH A O   1 
HETATM 1492 O O   . HOH C 3 .   ? -8.708  15.932  -0.648  1.00 17.54 ? 528 HOH A O   1 
HETATM 1493 O O   . HOH C 3 .   ? -5.251  -2.084  -16.625 1.00 25.73 ? 529 HOH A O   1 
HETATM 1494 O O   . HOH C 3 .   ? -1.872  -9.712  2.902   1.00 25.61 ? 530 HOH A O   1 
HETATM 1495 O O   . HOH C 3 .   ? 8.979   -11.826 -4.611  1.00 17.31 ? 531 HOH A O   1 
HETATM 1496 O O   . HOH C 3 .   ? -14.518 -9.669  1.379   1.00 21.50 ? 532 HOH A O   1 
HETATM 1497 O O   . HOH C 3 .   ? -13.507 12.782  0.579   1.00 31.02 ? 533 HOH A O   1 
HETATM 1498 O O   . HOH C 3 .   ? -5.950  0.868   -15.895 1.00 22.71 ? 534 HOH A O   1 
HETATM 1499 O O   . HOH C 3 .   ? 14.988  -6.272  -2.093  1.00 28.77 ? 535 HOH A O   1 
HETATM 1500 O O   . HOH C 3 .   ? 0.737   14.713  -3.258  1.00 19.95 ? 536 HOH A O   1 
HETATM 1501 O O   . HOH C 3 .   ? 4.793   -18.494 -15.809 1.00 27.27 ? 537 HOH A O   1 
HETATM 1502 O O   . HOH C 3 .   ? -12.444 10.274  8.811   1.00 23.76 ? 538 HOH A O   1 
HETATM 1503 O O   . HOH C 3 .   ? -15.220 -5.105  -6.801  1.00 18.58 ? 539 HOH A O   1 
HETATM 1504 O O   . HOH C 3 .   ? -8.359  -6.348  -10.733 1.00 27.27 ? 540 HOH A O   1 
HETATM 1505 O O   . HOH C 3 .   ? 14.832  6.329   -2.976  1.00 28.83 ? 541 HOH A O   1 
HETATM 1506 O O   . HOH C 3 .   ? 2.330   -14.099 10.189  1.00 33.26 ? 542 HOH A O   1 
HETATM 1507 O O   . HOH C 3 .   ? 5.283   4.196   -18.274 1.00 23.19 ? 543 HOH A O   1 
HETATM 1508 O O   . HOH C 3 .   ? 3.828   -0.660  -18.635 1.00 30.87 ? 544 HOH A O   1 
HETATM 1509 O O   . HOH C 3 .   ? -14.046 10.565  6.447   1.00 28.91 ? 545 HOH A O   1 
HETATM 1510 O O   . HOH C 3 .   ? -14.385 -9.398  11.810  1.00 25.50 ? 546 HOH A O   1 
HETATM 1511 O O   . HOH C 3 .   ? 12.546  -11.481 -6.763  1.00 20.86 ? 547 HOH A O   1 
HETATM 1512 O O   . HOH C 3 .   ? -16.870 1.671   -2.484  1.00 23.64 ? 548 HOH A O   1 
HETATM 1513 O O   . HOH C 3 .   ? -13.842 6.913   -5.966  1.00 24.15 ? 549 HOH A O   1 
HETATM 1514 O O   . HOH C 3 .   ? 2.215   8.952   -16.614 1.00 31.45 ? 550 HOH A O   1 
HETATM 1515 O O   . HOH C 3 .   ? -21.783 -0.735  2.294   1.00 26.53 ? 551 HOH A O   1 
HETATM 1516 O O   . HOH C 3 .   ? 7.216   -1.652  18.062  1.00 35.94 ? 552 HOH A O   1 
HETATM 1517 O O   . HOH C 3 .   ? 16.544  -0.587  -7.794  1.00 39.04 ? 553 HOH A O   1 
HETATM 1518 O O   . HOH C 3 .   ? 8.474   -12.238 16.589  1.00 23.85 ? 554 HOH A O   1 
HETATM 1519 O O   . HOH C 3 .   ? 3.833   -2.901  -16.772 1.00 28.64 ? 555 HOH A O   1 
HETATM 1520 O O   . HOH C 3 .   ? 9.601   13.203  2.064   1.00 22.99 ? 556 HOH A O   1 
HETATM 1521 O O   . HOH C 3 .   ? -4.056  -11.251 12.576  1.00 28.90 ? 557 HOH A O   1 
HETATM 1522 O O   . HOH C 3 .   ? -2.665  11.728  -15.293 1.00 26.58 ? 558 HOH A O   1 
HETATM 1523 O O   . HOH C 3 .   ? 8.669   11.424  12.131  1.00 24.54 ? 559 HOH A O   1 
HETATM 1524 O O   . HOH C 3 .   ? -16.267 -6.135  -3.886  1.00 27.34 ? 560 HOH A O   1 
HETATM 1525 O O   . HOH C 3 .   ? -6.732  17.295  9.099   1.00 43.49 ? 561 HOH A O   1 
HETATM 1526 O O   . HOH C 3 .   ? 12.375  6.439   4.943   1.00 38.91 ? 562 HOH A O   1 
HETATM 1527 O O   . HOH C 3 .   ? -5.344  -8.786  5.178   1.00 29.55 ? 563 HOH A O   1 
HETATM 1528 O O   . HOH C 3 .   ? -2.775  -1.124  17.452  1.00 67.59 ? 564 HOH A O   1 
HETATM 1529 O O   . HOH C 3 .   ? 13.714  -10.511 -10.158 1.00 32.33 ? 565 HOH A O   1 
HETATM 1530 O O   . HOH C 3 .   ? 9.383   0.646   16.683  1.00 40.44 ? 566 HOH A O   1 
HETATM 1531 O O   . HOH C 3 .   ? 8.777   -17.147 -13.209 1.00 33.40 ? 567 HOH A O   1 
HETATM 1532 O O   . HOH C 3 .   ? -11.686 -11.712 1.089   1.00 31.84 ? 568 HOH A O   1 
HETATM 1533 O O   . HOH C 3 .   ? 2.847   -16.797 -14.445 1.00 34.19 ? 569 HOH A O   1 
HETATM 1534 O O   . HOH C 3 .   ? -10.988 -0.634  -13.952 1.00 34.94 ? 570 HOH A O   1 
HETATM 1535 O O   . HOH C 3 .   ? -16.849 8.269   7.133   1.00 29.15 ? 571 HOH A O   1 
HETATM 1536 O O   . HOH C 3 .   ? 2.848   5.506   -18.717 1.00 45.95 ? 572 HOH A O   1 
HETATM 1537 O O   . HOH C 3 .   ? 2.699   -18.378 -8.549  1.00 38.73 ? 573 HOH A O   1 
HETATM 1538 O O   . HOH C 3 .   ? 14.635  -3.092  -0.508  1.00 55.20 ? 574 HOH A O   1 
HETATM 1539 O O   . HOH C 3 .   ? 8.393   12.966  -9.034  1.00 26.14 ? 575 HOH A O   1 
HETATM 1540 O O   . HOH C 3 .   ? 5.431   13.438  9.462   1.00 35.82 ? 576 HOH A O   1 
HETATM 1541 O O   . HOH C 3 .   ? 10.108  -10.430 17.557  1.00 39.72 ? 577 HOH A O   1 
HETATM 1542 O O   . HOH C 3 .   ? 11.658  5.314   16.872  1.00 54.39 ? 578 HOH A O   1 
HETATM 1543 O O   . HOH C 3 .   ? 6.958   14.388  5.328   1.00 44.86 ? 579 HOH A O   1 
HETATM 1544 O O   . HOH C 3 .   ? 14.196  -15.809 12.426  1.00 59.77 ? 580 HOH A O   1 
HETATM 1545 O O   . HOH C 3 .   ? 14.891  -2.519  -13.685 1.00 55.38 ? 581 HOH A O   1 
HETATM 1546 O O   . HOH C 3 .   ? 13.253  -6.168  -7.966  1.00 53.75 ? 582 HOH A O   1 
HETATM 1547 O O   . HOH C 3 .   ? 11.435  -3.592  -18.757 1.00 56.57 ? 583 HOH A O   1 
HETATM 1548 O O   . HOH C 3 .   ? -11.264 12.932  -4.023  1.00 50.53 ? 584 HOH A O   1 
HETATM 1549 O O   . HOH C 3 .   ? -2.503  -6.192  16.877  1.00 67.29 ? 585 HOH A O   1 
HETATM 1550 O O   . HOH C 3 .   ? -4.228  17.130  -7.610  1.00 36.11 ? 586 HOH A O   1 
HETATM 1551 O O   . HOH C 3 .   ? -17.949 -0.010  13.963  1.00 45.45 ? 587 HOH A O   1 
HETATM 1552 O O   . HOH C 3 .   ? -18.432 2.664   -6.487  1.00 39.37 ? 588 HOH A O   1 
HETATM 1553 O O   . HOH C 3 .   ? 10.604  8.488   -6.452  1.00 33.62 ? 589 HOH A O   1 
HETATM 1554 O O   . HOH C 3 .   ? 13.989  -5.310  -11.017 1.00 47.59 ? 590 HOH A O   1 
HETATM 1555 O O   . HOH C 3 .   ? -8.896  13.082  -8.748  1.00 29.86 ? 591 HOH A O   1 
HETATM 1556 O O   . HOH C 3 .   ? 5.154   -17.474 12.066  1.00 40.44 ? 592 HOH A O   1 
HETATM 1557 O O   . HOH C 3 .   ? 18.646  -5.800  10.014  1.00 35.46 ? 593 HOH A O   1 
HETATM 1558 O O   . HOH C 3 .   ? -20.764 2.177   5.829   1.00 45.74 ? 594 HOH A O   1 
HETATM 1559 O O   . HOH C 3 .   ? -1.788  -10.249 7.144   1.00 24.29 ? 595 HOH A O   1 
HETATM 1560 O O   . HOH C 3 .   ? -16.175 -0.871  -8.913  1.00 44.20 ? 596 HOH A O   1 
HETATM 1561 O O   . HOH C 3 .   ? 9.547   6.441   -17.634 1.00 42.98 ? 597 HOH A O   1 
HETATM 1562 O O   . HOH C 3 .   ? 7.641   -5.006  17.121  1.00 69.27 ? 598 HOH A O   1 
HETATM 1563 O O   . HOH C 3 .   ? 16.831  -6.427  13.785  1.00 34.58 ? 599 HOH A O   1 
HETATM 1564 O O   . HOH C 3 .   ? 6.806   -17.187 -0.603  1.00 36.41 ? 600 HOH A O   1 
HETATM 1565 O O   . HOH C 3 .   ? -19.024 4.972   -1.801  1.00 52.61 ? 601 HOH A O   1 
HETATM 1566 O O   . HOH C 3 .   ? 4.843   -13.079 18.529  1.00 32.31 ? 602 HOH A O   1 
HETATM 1567 O O   . HOH C 3 .   ? -8.319  -6.303  18.342  1.00 34.57 ? 603 HOH A O   1 
HETATM 1568 O O   . HOH C 3 .   ? 0.596   5.194   -15.466 1.00 29.63 ? 604 HOH A O   1 
HETATM 1569 O O   . HOH C 3 .   ? -7.333  6.663   19.921  1.00 38.64 ? 605 HOH A O   1 
HETATM 1570 O O   . HOH C 3 .   ? -4.312  13.676  10.364  1.00 34.85 ? 606 HOH A O   1 
HETATM 1571 O O   . HOH C 3 .   ? 6.625   7.704   21.041  1.00 69.34 ? 607 HOH A O   1 
HETATM 1572 O O   . HOH C 3 .   ? 12.021  8.900   7.261   1.00 47.77 ? 608 HOH A O   1 
HETATM 1573 O O   . HOH C 3 .   ? 15.624  1.419   13.196  1.00 42.16 ? 609 HOH A O   1 
HETATM 1574 O O   . HOH C 3 .   ? -6.634  -7.961  14.982  1.00 43.45 ? 610 HOH A O   1 
HETATM 1575 O O   . HOH C 3 .   ? -0.367  -9.090  -16.272 1.00 61.51 ? 611 HOH A O   1 
HETATM 1576 O O   . HOH C 3 .   ? 0.695   -14.109 -15.668 1.00 37.77 ? 612 HOH A O   1 
HETATM 1577 O O   . HOH C 3 .   ? -8.273  -1.113  18.365  1.00 48.53 ? 613 HOH A O   1 
HETATM 1578 O O   . HOH C 3 .   ? 3.838   -5.463  -19.657 1.00 59.61 ? 614 HOH A O   1 
HETATM 1579 O O   . HOH C 3 .   ? -6.664  -12.182 7.572   1.00 51.48 ? 615 HOH A O   1 
HETATM 1580 O O   . HOH C 3 .   ? 6.887   19.333  -6.374  1.00 60.07 ? 616 HOH A O   1 
HETATM 1581 O O   . HOH C 3 .   ? 15.565  -10.160 -0.021  1.00 51.63 ? 617 HOH A O   1 
HETATM 1582 O O   . HOH C 3 .   ? -13.022 -5.367  17.176  1.00 49.47 ? 618 HOH A O   1 
HETATM 1583 O O   . HOH C 3 .   ? 11.953  13.525  4.243   1.00 65.84 ? 619 HOH A O   1 
HETATM 1584 O O   . HOH C 3 .   ? -13.756 0.922   17.864  1.00 46.27 ? 620 HOH A O   1 
HETATM 1585 O O   . HOH C 3 .   ? 10.969  10.386  10.727  1.00 50.78 ? 621 HOH A O   1 
HETATM 1586 O O   . HOH C 3 .   ? 8.093   2.916   -16.157 1.00 37.02 ? 622 HOH A O   1 
HETATM 1587 O O   . HOH C 3 .   ? 14.731  1.022   -13.563 1.00 33.49 ? 623 HOH A O   1 
HETATM 1588 O O   . HOH C 3 .   ? -10.939 5.182   -15.713 1.00 41.58 ? 624 HOH A O   1 
HETATM 1589 O O   . HOH C 3 .   ? -0.800  -9.334  -2.177  1.00 29.56 ? 625 HOH A O   1 
HETATM 1590 O O   . HOH C 3 .   ? 0.001   -16.573 -13.807 1.00 41.58 ? 626 HOH A O   1 
HETATM 1591 O O   . HOH C 3 .   ? -16.704 1.018   -7.392  1.00 58.50 ? 627 HOH A O   1 
HETATM 1592 O O   . HOH C 3 .   ? 12.709  -16.063 14.435  1.00 47.47 ? 628 HOH A O   1 
HETATM 1593 O O   . HOH C 3 .   ? -8.760  -2.050  -12.948 1.00 33.01 ? 629 HOH A O   1 
HETATM 1594 O O   . HOH C 3 .   ? 13.198  -17.421 -6.968  1.00 48.99 ? 630 HOH A O   1 
HETATM 1595 O O   . HOH C 3 .   ? -5.865  -15.769 -4.383  1.00 37.74 ? 631 HOH A O   1 
# 
